data_1RYK
#
_entry.id   1RYK
#
_entity_poly.entity_id   1
_entity_poly.type   'polypeptide(L)'
_entity_poly.pdbx_seq_one_letter_code
;MNKDEAGGNWKQFKGKVKEQWGKLTDDDMTIIEGKRDQLVGKIQERYGYQKDQAEKEVVDWETRNEYRW
;
_entity_poly.pdbx_strand_id   A
#
# COMPACT_ATOMS: atom_id res chain seq x y z
N MET A 1 17.60 8.42 2.95
CA MET A 1 17.18 8.73 1.57
C MET A 1 15.85 9.46 1.59
N ASN A 2 15.73 10.50 0.79
CA ASN A 2 14.48 11.24 0.69
C ASN A 2 13.42 10.41 0.00
N LYS A 3 12.16 10.77 0.21
CA LYS A 3 11.07 10.04 -0.39
C LYS A 3 11.12 10.18 -1.90
N ASP A 4 11.16 9.05 -2.59
CA ASP A 4 11.27 9.02 -4.04
C ASP A 4 9.99 9.53 -4.69
N GLU A 5 10.07 9.85 -5.98
CA GLU A 5 8.98 10.46 -6.70
C GLU A 5 7.86 9.45 -6.95
N ALA A 6 6.62 9.94 -6.93
CA ALA A 6 5.47 9.09 -7.17
C ALA A 6 5.07 9.12 -8.64
N GLY A 7 6.07 9.13 -9.52
CA GLY A 7 5.82 9.17 -10.94
C GLY A 7 6.51 8.05 -11.68
N GLY A 8 5.75 7.26 -12.42
CA GLY A 8 6.32 6.16 -13.16
C GLY A 8 6.39 4.90 -12.33
N ASN A 9 7.26 4.90 -11.33
CA ASN A 9 7.41 3.77 -10.42
C ASN A 9 6.14 3.57 -9.60
N TRP A 10 5.37 4.65 -9.49
CA TRP A 10 4.11 4.60 -8.78
C TRP A 10 3.12 3.70 -9.52
N LYS A 11 3.16 3.74 -10.85
CA LYS A 11 2.26 2.92 -11.66
C LYS A 11 2.53 1.43 -11.38
N GLN A 12 3.77 1.14 -11.00
CA GLN A 12 4.17 -0.21 -10.63
C GLN A 12 3.48 -0.65 -9.33
N PHE A 13 3.58 0.18 -8.29
CA PHE A 13 3.01 -0.18 -6.99
C PHE A 13 1.52 -0.04 -6.95
N LYS A 14 1.02 0.89 -7.71
CA LYS A 14 -0.42 1.01 -7.87
C LYS A 14 -0.95 -0.34 -8.37
N GLY A 15 -0.27 -0.90 -9.35
CA GLY A 15 -0.64 -2.20 -9.85
C GLY A 15 -0.28 -3.32 -8.89
N LYS A 16 0.89 -3.20 -8.27
CA LYS A 16 1.39 -4.22 -7.35
C LYS A 16 0.41 -4.43 -6.19
N VAL A 17 0.06 -3.35 -5.51
CA VAL A 17 -0.90 -3.41 -4.42
C VAL A 17 -2.27 -3.91 -4.90
N LYS A 18 -2.68 -3.47 -6.08
CA LYS A 18 -3.97 -3.89 -6.64
C LYS A 18 -3.95 -5.36 -7.06
N GLU A 19 -2.78 -5.97 -7.12
CA GLU A 19 -2.68 -7.41 -7.34
C GLU A 19 -2.75 -8.16 -6.02
N GLN A 20 -1.96 -7.70 -5.06
CA GLN A 20 -1.88 -8.33 -3.75
C GLN A 20 -3.17 -8.12 -2.96
N TRP A 21 -3.65 -6.89 -2.88
CA TRP A 21 -4.94 -6.61 -2.25
C TRP A 21 -6.03 -6.58 -3.32
N GLY A 22 -6.09 -5.49 -4.07
CA GLY A 22 -7.03 -5.44 -5.19
C GLY A 22 -8.32 -4.70 -4.86
N LYS A 23 -8.70 -4.70 -3.59
CA LYS A 23 -9.91 -4.00 -3.16
C LYS A 23 -9.71 -2.49 -3.26
N LEU A 24 -8.46 -2.08 -3.12
CA LEU A 24 -8.10 -0.66 -3.17
C LEU A 24 -8.18 -0.12 -4.58
N THR A 25 -8.74 1.07 -4.71
CA THR A 25 -8.90 1.70 -6.00
C THR A 25 -7.79 2.71 -6.23
N ASP A 26 -7.74 3.28 -7.43
CA ASP A 26 -6.68 4.20 -7.81
C ASP A 26 -6.64 5.42 -6.89
N ASP A 27 -7.80 5.81 -6.35
CA ASP A 27 -7.85 6.90 -5.39
C ASP A 27 -7.23 6.49 -4.07
N ASP A 28 -7.52 5.27 -3.63
CA ASP A 28 -6.93 4.76 -2.40
C ASP A 28 -5.43 4.72 -2.55
N MET A 29 -5.02 4.24 -3.71
CA MET A 29 -3.63 4.09 -4.03
C MET A 29 -2.87 5.39 -3.85
N THR A 30 -3.36 6.47 -4.48
CA THR A 30 -2.63 7.73 -4.48
C THR A 30 -2.49 8.31 -3.07
N ILE A 31 -3.41 7.96 -2.18
CA ILE A 31 -3.31 8.42 -0.79
C ILE A 31 -2.22 7.64 -0.07
N ILE A 32 -2.00 6.40 -0.50
CA ILE A 32 -0.99 5.55 0.09
C ILE A 32 0.38 5.93 -0.47
N GLU A 33 0.59 5.64 -1.76
CA GLU A 33 1.80 6.00 -2.50
C GLU A 33 3.06 5.28 -1.96
N GLY A 34 3.37 5.51 -0.71
CA GLY A 34 4.52 4.90 -0.10
C GLY A 34 4.45 4.95 1.40
N LYS A 35 3.29 5.29 1.93
CA LYS A 35 3.10 5.33 3.36
C LYS A 35 2.64 3.98 3.89
N ARG A 36 3.41 3.43 4.80
CA ARG A 36 3.05 2.18 5.47
C ARG A 36 1.76 2.36 6.25
N ASP A 37 1.65 3.49 6.95
CA ASP A 37 0.48 3.79 7.77
C ASP A 37 -0.78 3.90 6.92
N GLN A 38 -0.66 4.59 5.78
CA GLN A 38 -1.81 4.80 4.89
C GLN A 38 -2.37 3.50 4.35
N LEU A 39 -1.49 2.56 3.97
CA LEU A 39 -1.96 1.26 3.50
C LEU A 39 -2.69 0.53 4.61
N VAL A 40 -2.17 0.63 5.84
CA VAL A 40 -2.84 0.05 7.00
C VAL A 40 -4.26 0.60 7.11
N GLY A 41 -4.38 1.91 7.00
CA GLY A 41 -5.68 2.54 7.04
C GLY A 41 -6.57 2.10 5.90
N LYS A 42 -6.01 2.06 4.70
CA LYS A 42 -6.77 1.67 3.50
C LYS A 42 -7.28 0.25 3.57
N ILE A 43 -6.46 -0.66 4.07
CA ILE A 43 -6.90 -2.04 4.28
C ILE A 43 -8.10 -2.07 5.23
N GLN A 44 -8.03 -1.25 6.27
CA GLN A 44 -9.09 -1.18 7.27
C GLN A 44 -10.32 -0.44 6.72
N GLU A 45 -10.15 0.28 5.62
CA GLU A 45 -11.25 1.02 5.01
C GLU A 45 -11.95 0.20 3.94
N ARG A 46 -11.17 -0.27 2.99
CA ARG A 46 -11.71 -0.96 1.82
C ARG A 46 -12.24 -2.33 2.18
N TYR A 47 -11.49 -3.08 2.95
CA TYR A 47 -11.95 -4.38 3.41
C TYR A 47 -12.72 -4.22 4.70
N GLY A 48 -12.15 -3.44 5.60
CA GLY A 48 -12.72 -3.29 6.92
C GLY A 48 -12.03 -4.19 7.92
N TYR A 49 -10.75 -4.45 7.69
CA TYR A 49 -9.96 -5.29 8.58
C TYR A 49 -9.60 -4.57 9.86
N GLN A 50 -9.04 -5.32 10.79
CA GLN A 50 -8.55 -4.76 12.04
C GLN A 50 -7.09 -4.34 11.86
N LYS A 51 -6.58 -3.53 12.78
CA LYS A 51 -5.20 -3.08 12.71
C LYS A 51 -4.24 -4.26 12.69
N ASP A 52 -4.55 -5.27 13.49
CA ASP A 52 -3.74 -6.49 13.57
C ASP A 52 -3.58 -7.13 12.20
N GLN A 53 -4.70 -7.36 11.55
CA GLN A 53 -4.72 -8.03 10.26
C GLN A 53 -4.14 -7.13 9.18
N ALA A 54 -4.43 -5.83 9.26
CA ALA A 54 -4.00 -4.88 8.25
C ALA A 54 -2.48 -4.78 8.21
N GLU A 55 -1.84 -4.62 9.36
CA GLU A 55 -0.39 -4.48 9.39
C GLU A 55 0.28 -5.81 9.10
N LYS A 56 -0.41 -6.90 9.40
CA LYS A 56 0.09 -8.23 9.08
C LYS A 56 0.31 -8.36 7.58
N GLU A 57 -0.67 -7.91 6.81
CA GLU A 57 -0.59 -7.93 5.36
C GLU A 57 0.38 -6.86 4.86
N VAL A 58 0.39 -5.71 5.52
CA VAL A 58 1.28 -4.62 5.14
C VAL A 58 2.74 -5.04 5.26
N VAL A 59 3.13 -5.57 6.42
CA VAL A 59 4.51 -5.98 6.65
C VAL A 59 4.95 -7.03 5.66
N ASP A 60 4.08 -8.00 5.41
CA ASP A 60 4.35 -9.07 4.45
C ASP A 60 4.63 -8.49 3.06
N TRP A 61 3.69 -7.72 2.54
CA TRP A 61 3.83 -7.11 1.22
C TRP A 61 5.01 -6.14 1.18
N GLU A 62 5.21 -5.45 2.29
CA GLU A 62 6.32 -4.51 2.42
C GLU A 62 7.65 -5.19 2.11
N THR A 63 7.95 -6.23 2.86
CA THR A 63 9.22 -6.92 2.72
C THR A 63 9.39 -7.54 1.32
N ARG A 64 8.28 -7.83 0.66
CA ARG A 64 8.34 -8.33 -0.72
C ARG A 64 8.88 -7.27 -1.67
N ASN A 65 8.47 -6.02 -1.46
CA ASN A 65 8.84 -4.93 -2.36
C ASN A 65 9.94 -4.07 -1.75
N GLU A 66 9.60 -3.37 -0.67
CA GLU A 66 10.53 -2.56 0.13
C GLU A 66 10.85 -1.23 -0.52
N TYR A 67 10.31 -1.00 -1.69
CA TYR A 67 10.47 0.28 -2.35
C TYR A 67 9.43 1.24 -1.79
N ARG A 68 9.64 1.64 -0.55
CA ARG A 68 8.69 2.45 0.19
C ARG A 68 9.22 3.86 0.37
N TRP A 69 10.54 4.00 0.30
CA TRP A 69 11.18 5.29 0.51
C TRP A 69 11.85 5.76 -0.77
N MET A 1 13.40 10.55 8.10
CA MET A 1 14.04 10.24 6.80
C MET A 1 13.16 10.73 5.66
N ASN A 2 13.77 11.36 4.66
CA ASN A 2 13.03 11.78 3.47
C ASN A 2 12.46 10.55 2.78
N LYS A 3 11.21 10.64 2.39
CA LYS A 3 10.50 9.53 1.78
C LYS A 3 10.89 9.41 0.30
N ASP A 4 11.24 8.20 -0.12
CA ASP A 4 11.65 7.96 -1.50
C ASP A 4 10.53 8.29 -2.46
N GLU A 5 10.78 9.25 -3.33
CA GLU A 5 9.75 9.82 -4.18
C GLU A 5 9.20 8.81 -5.18
N ALA A 6 7.89 8.87 -5.41
CA ALA A 6 7.23 7.95 -6.31
C ALA A 6 7.42 8.38 -7.77
N GLY A 7 7.92 7.47 -8.58
CA GLY A 7 8.13 7.76 -9.99
C GLY A 7 7.76 6.59 -10.87
N GLY A 8 8.44 5.48 -10.66
CA GLY A 8 8.16 4.29 -11.46
C GLY A 8 7.20 3.36 -10.76
N ASN A 9 7.12 3.50 -9.44
CA ASN A 9 6.22 2.69 -8.64
C ASN A 9 4.79 3.21 -8.71
N TRP A 10 4.62 4.40 -9.27
CA TRP A 10 3.31 5.05 -9.30
C TRP A 10 2.30 4.20 -10.08
N LYS A 11 2.66 3.81 -11.30
CA LYS A 11 1.83 2.94 -12.11
C LYS A 11 2.05 1.48 -11.69
N GLN A 12 3.29 1.15 -11.42
CA GLN A 12 3.70 -0.21 -11.13
C GLN A 12 2.99 -0.77 -9.90
N PHE A 13 3.01 -0.01 -8.81
CA PHE A 13 2.50 -0.51 -7.53
C PHE A 13 1.00 -0.39 -7.43
N LYS A 14 0.42 0.42 -8.26
CA LYS A 14 -1.03 0.48 -8.29
C LYS A 14 -1.58 -0.86 -8.78
N GLY A 15 -0.92 -1.42 -9.78
CA GLY A 15 -1.27 -2.76 -10.23
C GLY A 15 -0.73 -3.82 -9.29
N LYS A 16 0.47 -3.58 -8.76
CA LYS A 16 1.13 -4.54 -7.88
C LYS A 16 0.36 -4.72 -6.58
N VAL A 17 -0.03 -3.62 -5.96
CA VAL A 17 -0.86 -3.67 -4.77
C VAL A 17 -2.21 -4.27 -5.08
N LYS A 18 -2.70 -4.09 -6.30
CA LYS A 18 -3.94 -4.76 -6.71
C LYS A 18 -3.77 -6.28 -6.81
N GLU A 19 -2.52 -6.74 -6.98
CA GLU A 19 -2.26 -8.18 -6.98
C GLU A 19 -2.33 -8.73 -5.55
N GLN A 20 -1.76 -7.99 -4.62
CA GLN A 20 -1.73 -8.40 -3.22
C GLN A 20 -3.08 -8.14 -2.53
N TRP A 21 -3.59 -6.92 -2.65
CA TRP A 21 -4.92 -6.60 -2.13
C TRP A 21 -5.92 -6.56 -3.28
N GLY A 22 -5.90 -5.49 -4.06
CA GLY A 22 -6.78 -5.40 -5.21
C GLY A 22 -8.03 -4.61 -4.93
N LYS A 23 -8.49 -4.69 -3.69
CA LYS A 23 -9.68 -3.97 -3.26
C LYS A 23 -9.43 -2.48 -3.22
N LEU A 24 -8.15 -2.11 -3.27
CA LEU A 24 -7.75 -0.72 -3.24
C LEU A 24 -7.95 -0.08 -4.62
N THR A 25 -7.73 1.21 -4.70
CA THR A 25 -8.13 1.99 -5.86
C THR A 25 -7.09 3.06 -6.21
N ASP A 26 -7.43 3.92 -7.16
CA ASP A 26 -6.52 4.99 -7.56
C ASP A 26 -6.53 6.08 -6.49
N ASP A 27 -7.71 6.27 -5.90
CA ASP A 27 -7.90 7.21 -4.80
C ASP A 27 -6.97 6.92 -3.65
N ASP A 28 -7.01 5.70 -3.16
CA ASP A 28 -6.27 5.35 -1.95
C ASP A 28 -4.79 5.38 -2.23
N MET A 29 -4.41 4.85 -3.36
CA MET A 29 -3.04 4.58 -3.60
C MET A 29 -2.28 5.83 -4.00
N THR A 30 -3.00 6.89 -4.35
CA THR A 30 -2.37 8.18 -4.54
C THR A 30 -2.08 8.81 -3.18
N ILE A 31 -2.85 8.41 -2.17
CA ILE A 31 -2.60 8.86 -0.80
C ILE A 31 -1.54 7.98 -0.14
N ILE A 32 -1.65 6.67 -0.36
CA ILE A 32 -0.75 5.71 0.24
C ILE A 32 0.61 5.82 -0.41
N GLU A 33 0.73 5.39 -1.68
CA GLU A 33 1.95 5.58 -2.48
C GLU A 33 3.14 4.76 -1.93
N GLY A 34 3.47 5.02 -0.68
CA GLY A 34 4.55 4.33 -0.01
C GLY A 34 4.59 4.73 1.44
N LYS A 35 3.44 4.61 2.09
CA LYS A 35 3.32 4.97 3.50
C LYS A 35 2.73 3.81 4.28
N ARG A 36 3.41 3.44 5.35
CA ARG A 36 3.03 2.29 6.16
C ARG A 36 1.67 2.50 6.83
N ASP A 37 1.52 3.63 7.52
CA ASP A 37 0.30 3.93 8.26
C ASP A 37 -0.91 4.07 7.34
N GLN A 38 -0.70 4.71 6.20
CA GLN A 38 -1.79 4.96 5.26
C GLN A 38 -2.39 3.67 4.72
N LEU A 39 -1.54 2.73 4.30
CA LEU A 39 -2.03 1.46 3.77
C LEU A 39 -2.80 0.69 4.83
N VAL A 40 -2.29 0.68 6.07
CA VAL A 40 -3.01 0.05 7.18
C VAL A 40 -4.43 0.57 7.25
N GLY A 41 -4.58 1.88 7.13
CA GLY A 41 -5.89 2.49 7.12
C GLY A 41 -6.76 1.99 5.97
N LYS A 42 -6.18 1.96 4.77
CA LYS A 42 -6.92 1.58 3.57
C LYS A 42 -7.35 0.13 3.58
N ILE A 43 -6.48 -0.74 4.05
CA ILE A 43 -6.84 -2.14 4.25
C ILE A 43 -8.09 -2.26 5.12
N GLN A 44 -8.12 -1.49 6.21
CA GLN A 44 -9.26 -1.48 7.13
C GLN A 44 -10.47 -0.80 6.50
N GLU A 45 -10.22 0.04 5.51
CA GLU A 45 -11.28 0.82 4.87
C GLU A 45 -11.95 0.03 3.76
N ARG A 46 -11.14 -0.44 2.83
CA ARG A 46 -11.62 -1.05 1.62
C ARG A 46 -12.22 -2.42 1.85
N TYR A 47 -11.58 -3.22 2.70
CA TYR A 47 -12.14 -4.52 3.06
C TYR A 47 -12.97 -4.40 4.31
N GLY A 48 -12.43 -3.67 5.26
CA GLY A 48 -13.01 -3.61 6.58
C GLY A 48 -12.33 -4.58 7.52
N TYR A 49 -11.01 -4.72 7.35
CA TYR A 49 -10.22 -5.59 8.22
C TYR A 49 -9.91 -4.92 9.53
N GLN A 50 -9.25 -5.64 10.42
CA GLN A 50 -8.79 -5.10 11.67
C GLN A 50 -7.38 -4.56 11.51
N LYS A 51 -7.02 -3.58 12.32
CA LYS A 51 -5.68 -3.00 12.31
C LYS A 51 -4.63 -4.08 12.49
N ASP A 52 -5.00 -5.10 13.27
CA ASP A 52 -4.15 -6.25 13.52
C ASP A 52 -3.75 -6.92 12.21
N GLN A 53 -4.75 -7.27 11.41
CA GLN A 53 -4.50 -7.95 10.15
C GLN A 53 -3.84 -7.00 9.16
N ALA A 54 -4.27 -5.75 9.18
CA ALA A 54 -3.78 -4.75 8.25
C ALA A 54 -2.26 -4.60 8.37
N GLU A 55 -1.77 -4.49 9.60
CA GLU A 55 -0.34 -4.34 9.83
C GLU A 55 0.41 -5.60 9.45
N LYS A 56 -0.18 -6.75 9.74
CA LYS A 56 0.43 -8.03 9.38
C LYS A 56 0.63 -8.14 7.88
N GLU A 57 -0.38 -7.75 7.12
CA GLU A 57 -0.30 -7.78 5.66
C GLU A 57 0.63 -6.70 5.14
N VAL A 58 0.66 -5.55 5.81
CA VAL A 58 1.56 -4.47 5.42
C VAL A 58 3.01 -4.91 5.51
N VAL A 59 3.39 -5.44 6.67
CA VAL A 59 4.77 -5.88 6.90
C VAL A 59 5.17 -6.95 5.88
N ASP A 60 4.24 -7.82 5.56
CA ASP A 60 4.49 -8.88 4.58
C ASP A 60 4.66 -8.28 3.18
N TRP A 61 3.72 -7.43 2.78
CA TRP A 61 3.74 -6.80 1.47
C TRP A 61 4.97 -5.91 1.30
N GLU A 62 5.29 -5.13 2.32
CA GLU A 62 6.39 -4.18 2.24
C GLU A 62 7.71 -4.89 2.04
N THR A 63 7.89 -6.03 2.70
CA THR A 63 9.14 -6.77 2.58
C THR A 63 9.29 -7.34 1.16
N ARG A 64 8.18 -7.68 0.51
CA ARG A 64 8.22 -8.17 -0.86
C ARG A 64 8.68 -7.08 -1.83
N ASN A 65 8.14 -5.88 -1.65
CA ASN A 65 8.30 -4.80 -2.63
C ASN A 65 9.38 -3.81 -2.22
N GLU A 66 9.28 -3.33 -0.98
CA GLU A 66 10.31 -2.49 -0.35
C GLU A 66 10.17 -1.02 -0.71
N TYR A 67 9.19 -0.69 -1.56
CA TYR A 67 8.84 0.71 -1.76
C TYR A 67 7.88 1.15 -0.68
N ARG A 68 8.42 1.34 0.50
CA ARG A 68 7.64 1.72 1.67
C ARG A 68 8.32 2.89 2.39
N TRP A 69 9.62 2.97 2.23
CA TRP A 69 10.36 4.11 2.71
C TRP A 69 10.56 5.08 1.55
N MET A 1 14.19 14.89 -3.72
CA MET A 1 12.82 14.99 -4.28
C MET A 1 11.88 14.05 -3.54
N ASN A 2 10.79 14.59 -3.03
CA ASN A 2 9.74 13.80 -2.41
C ASN A 2 9.04 12.98 -3.49
N LYS A 3 8.84 11.69 -3.22
CA LYS A 3 8.29 10.79 -4.22
C LYS A 3 6.83 11.13 -4.54
N ASP A 4 6.53 11.22 -5.83
CA ASP A 4 5.18 11.49 -6.31
C ASP A 4 4.64 10.27 -7.04
N GLU A 5 3.57 9.67 -6.50
CA GLU A 5 3.02 8.42 -7.03
C GLU A 5 2.48 8.57 -8.45
N ALA A 6 2.37 7.42 -9.13
CA ALA A 6 1.63 7.29 -10.38
C ALA A 6 2.40 7.79 -11.60
N GLY A 7 3.69 8.01 -11.44
CA GLY A 7 4.53 8.39 -12.57
C GLY A 7 5.92 7.82 -12.47
N GLY A 8 6.02 6.50 -12.48
CA GLY A 8 7.31 5.84 -12.32
C GLY A 8 7.19 4.55 -11.53
N ASN A 9 8.14 4.32 -10.64
CA ASN A 9 8.15 3.10 -9.83
C ASN A 9 6.96 3.07 -8.88
N TRP A 10 6.60 4.24 -8.38
CA TRP A 10 5.43 4.41 -7.53
C TRP A 10 4.16 3.97 -8.27
N LYS A 11 4.15 4.20 -9.58
CA LYS A 11 3.03 3.80 -10.43
C LYS A 11 2.95 2.27 -10.50
N GLN A 12 4.09 1.63 -10.32
CA GLN A 12 4.18 0.17 -10.37
C GLN A 12 3.59 -0.44 -9.10
N PHE A 13 3.77 0.23 -7.97
CA PHE A 13 3.21 -0.26 -6.70
C PHE A 13 1.73 0.04 -6.62
N LYS A 14 1.31 1.04 -7.35
CA LYS A 14 -0.12 1.24 -7.57
C LYS A 14 -0.71 -0.07 -8.10
N GLY A 15 0.00 -0.64 -9.08
CA GLY A 15 -0.41 -1.91 -9.64
C GLY A 15 -0.24 -3.06 -8.67
N LYS A 16 0.95 -3.20 -8.11
CA LYS A 16 1.26 -4.33 -7.21
C LYS A 16 0.29 -4.41 -6.04
N VAL A 17 0.09 -3.29 -5.35
CA VAL A 17 -0.90 -3.25 -4.26
C VAL A 17 -2.29 -3.65 -4.77
N LYS A 18 -2.66 -3.18 -5.96
CA LYS A 18 -3.97 -3.51 -6.56
C LYS A 18 -4.02 -4.96 -7.03
N GLU A 19 -2.88 -5.62 -7.12
CA GLU A 19 -2.84 -7.03 -7.48
C GLU A 19 -2.92 -7.89 -6.21
N GLN A 20 -2.25 -7.43 -5.16
CA GLN A 20 -2.17 -8.15 -3.90
C GLN A 20 -3.45 -7.95 -3.06
N TRP A 21 -4.01 -6.75 -3.09
CA TRP A 21 -5.27 -6.51 -2.39
C TRP A 21 -6.43 -6.42 -3.37
N GLY A 22 -6.39 -5.45 -4.28
CA GLY A 22 -7.42 -5.37 -5.31
C GLY A 22 -8.68 -4.65 -4.85
N LYS A 23 -8.95 -4.69 -3.55
CA LYS A 23 -10.07 -3.97 -2.97
C LYS A 23 -9.81 -2.47 -3.01
N LEU A 24 -8.54 -2.12 -3.10
CA LEU A 24 -8.14 -0.73 -3.17
C LEU A 24 -8.12 -0.24 -4.61
N THR A 25 -8.62 0.99 -4.80
CA THR A 25 -8.77 1.54 -6.12
C THR A 25 -7.84 2.71 -6.33
N ASP A 26 -7.80 3.24 -7.55
CA ASP A 26 -6.86 4.28 -7.93
C ASP A 26 -6.94 5.49 -7.01
N ASP A 27 -8.15 5.83 -6.56
CA ASP A 27 -8.33 6.90 -5.58
C ASP A 27 -7.49 6.62 -4.35
N ASP A 28 -7.63 5.42 -3.82
CA ASP A 28 -6.92 5.01 -2.62
C ASP A 28 -5.43 5.08 -2.86
N MET A 29 -5.02 4.51 -3.99
CA MET A 29 -3.62 4.42 -4.35
C MET A 29 -3.00 5.81 -4.44
N THR A 30 -3.78 6.76 -4.95
CA THR A 30 -3.34 8.14 -5.06
C THR A 30 -2.97 8.70 -3.68
N ILE A 31 -3.67 8.20 -2.66
CA ILE A 31 -3.43 8.63 -1.29
C ILE A 31 -2.35 7.76 -0.65
N ILE A 32 -2.14 6.57 -1.21
CA ILE A 32 -1.19 5.62 -0.64
C ILE A 32 0.22 5.88 -1.16
N GLU A 33 0.46 5.62 -2.46
CA GLU A 33 1.78 5.87 -3.08
C GLU A 33 2.90 5.01 -2.49
N GLY A 34 3.13 5.18 -1.20
CA GLY A 34 4.20 4.50 -0.52
C GLY A 34 4.20 4.89 0.94
N LYS A 35 3.01 5.09 1.47
CA LYS A 35 2.84 5.37 2.89
C LYS A 35 2.48 4.07 3.60
N ARG A 36 3.34 3.66 4.52
CA ARG A 36 3.12 2.44 5.28
C ARG A 36 1.81 2.54 6.06
N ASP A 37 1.54 3.72 6.60
CA ASP A 37 0.33 3.96 7.38
C ASP A 37 -0.90 4.00 6.48
N GLN A 38 -0.75 4.56 5.29
CA GLN A 38 -1.88 4.67 4.36
C GLN A 38 -2.43 3.31 3.99
N LEU A 39 -1.55 2.39 3.62
CA LEU A 39 -1.99 1.06 3.25
C LEU A 39 -2.63 0.34 4.44
N VAL A 40 -2.02 0.47 5.62
CA VAL A 40 -2.56 -0.17 6.82
C VAL A 40 -3.98 0.32 7.09
N GLY A 41 -4.20 1.62 6.89
CA GLY A 41 -5.51 2.20 7.10
C GLY A 41 -6.45 1.84 5.96
N LYS A 42 -5.92 1.88 4.74
CA LYS A 42 -6.72 1.60 3.56
C LYS A 42 -7.21 0.16 3.54
N ILE A 43 -6.39 -0.77 4.00
CA ILE A 43 -6.83 -2.16 4.18
C ILE A 43 -8.02 -2.21 5.14
N GLN A 44 -7.87 -1.54 6.29
CA GLN A 44 -8.94 -1.46 7.28
C GLN A 44 -10.19 -0.81 6.70
N GLU A 45 -9.99 0.08 5.73
CA GLU A 45 -11.09 0.83 5.13
C GLU A 45 -11.83 -0.02 4.08
N ARG A 46 -11.06 -0.60 3.17
CA ARG A 46 -11.61 -1.29 2.02
C ARG A 46 -12.23 -2.64 2.38
N TYR A 47 -11.54 -3.39 3.22
CA TYR A 47 -12.05 -4.69 3.63
C TYR A 47 -12.87 -4.57 4.89
N GLY A 48 -12.35 -3.81 5.83
CA GLY A 48 -12.97 -3.69 7.13
C GLY A 48 -12.31 -4.61 8.13
N TYR A 49 -11.00 -4.43 8.30
CA TYR A 49 -10.21 -5.30 9.16
C TYR A 49 -9.77 -4.59 10.43
N GLN A 50 -9.05 -5.33 11.26
CA GLN A 50 -8.41 -4.77 12.44
C GLN A 50 -7.01 -4.33 12.07
N LYS A 51 -6.45 -3.37 12.81
CA LYS A 51 -5.08 -2.93 12.55
C LYS A 51 -4.11 -4.10 12.71
N ASP A 52 -4.51 -5.07 13.52
CA ASP A 52 -3.73 -6.28 13.72
C ASP A 52 -3.48 -6.96 12.39
N GLN A 53 -4.57 -7.34 11.72
CA GLN A 53 -4.48 -8.05 10.47
C GLN A 53 -3.85 -7.17 9.39
N ALA A 54 -4.23 -5.89 9.42
CA ALA A 54 -3.77 -4.95 8.41
C ALA A 54 -2.24 -4.85 8.41
N GLU A 55 -1.64 -4.71 9.59
CA GLU A 55 -0.19 -4.59 9.68
C GLU A 55 0.49 -5.86 9.21
N LYS A 56 -0.10 -7.00 9.53
CA LYS A 56 0.46 -8.29 9.12
C LYS A 56 0.55 -8.39 7.59
N GLU A 57 -0.49 -7.94 6.90
CA GLU A 57 -0.51 -7.93 5.45
C GLU A 57 0.40 -6.84 4.89
N VAL A 58 0.40 -5.66 5.52
CA VAL A 58 1.24 -4.56 5.08
C VAL A 58 2.72 -4.94 5.14
N VAL A 59 3.17 -5.39 6.32
CA VAL A 59 4.57 -5.76 6.50
C VAL A 59 4.95 -6.93 5.59
N ASP A 60 4.02 -7.86 5.42
CA ASP A 60 4.23 -9.00 4.54
C ASP A 60 4.53 -8.53 3.12
N TRP A 61 3.62 -7.75 2.55
CA TRP A 61 3.76 -7.23 1.19
C TRP A 61 4.96 -6.28 1.10
N GLU A 62 5.12 -5.45 2.12
CA GLU A 62 6.23 -4.50 2.19
C GLU A 62 7.56 -5.23 2.10
N THR A 63 7.67 -6.33 2.81
CA THR A 63 8.91 -7.10 2.82
C THR A 63 9.12 -7.86 1.51
N ARG A 64 8.02 -8.12 0.78
CA ARG A 64 8.11 -8.81 -0.50
C ARG A 64 8.76 -7.94 -1.56
N ASN A 65 8.37 -6.67 -1.58
CA ASN A 65 8.86 -5.74 -2.60
C ASN A 65 10.03 -4.93 -2.06
N GLU A 66 9.82 -4.40 -0.86
CA GLU A 66 10.85 -3.67 -0.09
C GLU A 66 11.02 -2.26 -0.61
N TYR A 67 11.08 -2.13 -1.91
CA TYR A 67 11.14 -0.84 -2.54
C TYR A 67 9.78 -0.16 -2.39
N ARG A 68 9.72 0.81 -1.50
CA ARG A 68 8.46 1.48 -1.21
C ARG A 68 8.64 3.00 -1.33
N TRP A 69 9.71 3.40 -1.99
CA TRP A 69 10.03 4.82 -2.14
C TRP A 69 10.36 5.12 -3.60
N MET A 1 17.50 11.64 4.64
CA MET A 1 17.15 11.49 3.20
C MET A 1 15.65 11.66 3.00
N ASN A 2 15.28 12.62 2.17
CA ASN A 2 13.89 12.86 1.86
C ASN A 2 13.43 11.89 0.76
N LYS A 3 12.37 11.14 1.04
CA LYS A 3 11.86 10.19 0.06
C LYS A 3 10.98 10.90 -0.95
N ASP A 4 11.22 10.63 -2.22
CA ASP A 4 10.38 11.17 -3.28
C ASP A 4 9.10 10.35 -3.38
N GLU A 5 7.98 11.00 -3.15
CA GLU A 5 6.69 10.33 -3.24
C GLU A 5 6.06 10.57 -4.60
N ALA A 6 5.51 9.51 -5.18
CA ALA A 6 4.94 9.53 -6.52
C ALA A 6 6.01 9.76 -7.59
N GLY A 7 5.84 9.12 -8.74
CA GLY A 7 6.83 9.21 -9.79
C GLY A 7 7.51 7.89 -10.05
N GLY A 8 6.86 7.04 -10.81
CA GLY A 8 7.42 5.73 -11.11
C GLY A 8 6.98 4.67 -10.13
N ASN A 9 7.43 4.78 -8.88
CA ASN A 9 7.08 3.81 -7.84
C ASN A 9 5.58 3.87 -7.58
N TRP A 10 5.03 5.06 -7.63
CA TRP A 10 3.62 5.27 -7.45
C TRP A 10 2.83 4.48 -8.49
N LYS A 11 3.22 4.61 -9.75
CA LYS A 11 2.52 3.94 -10.85
C LYS A 11 2.66 2.42 -10.75
N GLN A 12 3.86 1.94 -10.44
CA GLN A 12 4.13 0.51 -10.40
C GLN A 12 3.38 -0.17 -9.26
N PHE A 13 3.47 0.41 -8.06
CA PHE A 13 2.91 -0.22 -6.88
C PHE A 13 1.43 -0.02 -6.77
N LYS A 14 0.90 0.86 -7.58
CA LYS A 14 -0.55 0.93 -7.76
C LYS A 14 -1.03 -0.42 -8.29
N GLY A 15 -0.30 -0.93 -9.27
CA GLY A 15 -0.62 -2.22 -9.83
C GLY A 15 -0.25 -3.35 -8.89
N LYS A 16 0.94 -3.26 -8.30
CA LYS A 16 1.43 -4.29 -7.40
C LYS A 16 0.49 -4.49 -6.21
N VAL A 17 0.13 -3.39 -5.55
CA VAL A 17 -0.80 -3.45 -4.42
C VAL A 17 -2.17 -3.98 -4.84
N LYS A 18 -2.62 -3.62 -6.04
CA LYS A 18 -3.93 -4.08 -6.51
C LYS A 18 -3.92 -5.58 -6.85
N GLU A 19 -2.74 -6.15 -6.98
CA GLU A 19 -2.64 -7.59 -7.19
C GLU A 19 -2.67 -8.32 -5.85
N GLN A 20 -1.96 -7.77 -4.88
CA GLN A 20 -1.87 -8.37 -3.55
C GLN A 20 -3.15 -8.12 -2.74
N TRP A 21 -3.67 -6.90 -2.78
CA TRP A 21 -4.95 -6.59 -2.16
C TRP A 21 -6.05 -6.51 -3.22
N GLY A 22 -6.07 -5.43 -3.98
CA GLY A 22 -7.01 -5.32 -5.08
C GLY A 22 -8.28 -4.58 -4.70
N LYS A 23 -8.59 -4.57 -3.41
CA LYS A 23 -9.77 -3.86 -2.93
C LYS A 23 -9.56 -2.36 -3.03
N LEU A 24 -8.30 -1.96 -3.03
CA LEU A 24 -7.95 -0.55 -3.11
C LEU A 24 -8.01 -0.08 -4.56
N THR A 25 -8.57 1.09 -4.76
CA THR A 25 -8.79 1.63 -6.07
C THR A 25 -7.85 2.80 -6.35
N ASP A 26 -8.02 3.44 -7.50
CA ASP A 26 -7.08 4.47 -7.94
C ASP A 26 -7.01 5.62 -6.93
N ASP A 27 -8.16 6.00 -6.38
CA ASP A 27 -8.22 7.02 -5.33
C ASP A 27 -7.33 6.61 -4.18
N ASP A 28 -7.50 5.39 -3.70
CA ASP A 28 -6.74 4.90 -2.56
C ASP A 28 -5.25 4.93 -2.89
N MET A 29 -4.94 4.38 -4.04
CA MET A 29 -3.57 4.20 -4.46
C MET A 29 -2.84 5.54 -4.59
N THR A 30 -3.54 6.56 -5.06
CA THR A 30 -2.95 7.88 -5.25
C THR A 30 -2.68 8.57 -3.91
N ILE A 31 -3.44 8.18 -2.88
CA ILE A 31 -3.24 8.74 -1.55
C ILE A 31 -2.04 8.07 -0.87
N ILE A 32 -1.86 6.78 -1.17
CA ILE A 32 -0.82 5.99 -0.52
C ILE A 32 0.55 6.21 -1.16
N GLU A 33 0.67 5.78 -2.45
CA GLU A 33 1.94 5.74 -3.21
C GLU A 33 2.99 4.85 -2.53
N GLY A 34 3.25 5.11 -1.25
CA GLY A 34 4.21 4.33 -0.51
C GLY A 34 4.16 4.66 0.97
N LYS A 35 3.05 5.23 1.42
CA LYS A 35 2.88 5.55 2.82
C LYS A 35 2.49 4.30 3.61
N ARG A 36 3.19 4.07 4.70
CA ARG A 36 2.94 2.92 5.57
C ARG A 36 1.54 3.01 6.18
N ASP A 37 1.31 4.09 6.92
CA ASP A 37 0.04 4.33 7.60
C ASP A 37 -1.12 4.30 6.61
N GLN A 38 -0.89 4.79 5.40
CA GLN A 38 -1.95 4.92 4.42
C GLN A 38 -2.42 3.56 3.93
N LEU A 39 -1.50 2.64 3.68
CA LEU A 39 -1.90 1.30 3.27
C LEU A 39 -2.56 0.57 4.43
N VAL A 40 -1.99 0.68 5.62
CA VAL A 40 -2.59 0.08 6.81
C VAL A 40 -4.02 0.59 6.98
N GLY A 41 -4.16 1.91 6.95
CA GLY A 41 -5.47 2.53 7.03
C GLY A 41 -6.39 2.06 5.93
N LYS A 42 -5.91 2.12 4.69
CA LYS A 42 -6.70 1.72 3.53
C LYS A 42 -7.16 0.26 3.61
N ILE A 43 -6.29 -0.63 4.06
CA ILE A 43 -6.66 -2.02 4.28
C ILE A 43 -7.83 -2.12 5.26
N GLN A 44 -7.70 -1.41 6.38
CA GLN A 44 -8.71 -1.44 7.44
C GLN A 44 -10.03 -0.90 6.94
N GLU A 45 -9.99 0.07 6.05
CA GLU A 45 -11.19 0.75 5.59
C GLU A 45 -11.84 0.03 4.41
N ARG A 46 -11.05 -0.31 3.40
CA ARG A 46 -11.59 -0.89 2.17
C ARG A 46 -12.18 -2.28 2.43
N TYR A 47 -11.45 -3.12 3.14
CA TYR A 47 -11.94 -4.45 3.47
C TYR A 47 -12.84 -4.39 4.68
N GLY A 48 -12.38 -3.67 5.67
CA GLY A 48 -13.05 -3.64 6.95
C GLY A 48 -12.30 -4.47 7.98
N TYR A 49 -10.98 -4.44 7.88
CA TYR A 49 -10.11 -5.22 8.77
C TYR A 49 -9.75 -4.43 10.02
N GLN A 50 -9.10 -5.12 10.94
CA GLN A 50 -8.50 -4.47 12.10
C GLN A 50 -7.03 -4.19 11.78
N LYS A 51 -6.41 -3.28 12.53
CA LYS A 51 -5.01 -2.92 12.31
C LYS A 51 -4.13 -4.16 12.43
N ASP A 52 -4.52 -5.06 13.31
CA ASP A 52 -3.81 -6.31 13.54
C ASP A 52 -3.68 -7.10 12.23
N GLN A 53 -4.83 -7.34 11.61
CA GLN A 53 -4.88 -8.09 10.36
C GLN A 53 -4.27 -7.29 9.22
N ALA A 54 -4.43 -5.97 9.28
CA ALA A 54 -3.92 -5.09 8.24
C ALA A 54 -2.40 -5.10 8.22
N GLU A 55 -1.77 -4.96 9.39
CA GLU A 55 -0.33 -4.92 9.48
C GLU A 55 0.29 -6.26 9.11
N LYS A 56 -0.45 -7.35 9.33
CA LYS A 56 -0.01 -8.66 8.88
C LYS A 56 0.17 -8.67 7.37
N GLU A 57 -0.84 -8.16 6.67
CA GLU A 57 -0.78 -8.05 5.22
C GLU A 57 0.31 -7.07 4.80
N VAL A 58 0.42 -5.96 5.54
CA VAL A 58 1.41 -4.94 5.24
C VAL A 58 2.83 -5.49 5.35
N VAL A 59 3.21 -5.99 6.53
CA VAL A 59 4.57 -6.42 6.78
C VAL A 59 5.03 -7.48 5.78
N ASP A 60 4.13 -8.40 5.43
CA ASP A 60 4.49 -9.44 4.48
C ASP A 60 4.79 -8.84 3.11
N TRP A 61 3.80 -8.15 2.54
CA TRP A 61 3.96 -7.51 1.24
C TRP A 61 5.13 -6.51 1.24
N GLU A 62 5.26 -5.82 2.36
CA GLU A 62 6.30 -4.82 2.53
C GLU A 62 7.68 -5.42 2.38
N THR A 63 7.91 -6.56 3.02
CA THR A 63 9.21 -7.20 2.97
C THR A 63 9.44 -7.88 1.62
N ARG A 64 8.36 -8.11 0.88
CA ARG A 64 8.45 -8.70 -0.45
C ARG A 64 9.05 -7.70 -1.43
N ASN A 65 8.61 -6.46 -1.32
CA ASN A 65 8.94 -5.41 -2.29
C ASN A 65 10.00 -4.48 -1.75
N GLU A 66 9.67 -3.81 -0.65
CA GLU A 66 10.59 -2.90 0.06
C GLU A 66 10.86 -1.61 -0.71
N TYR A 67 10.56 -1.60 -2.00
CA TYR A 67 10.69 -0.38 -2.78
C TYR A 67 9.52 0.54 -2.45
N ARG A 68 9.56 1.06 -1.24
CA ARG A 68 8.50 1.90 -0.72
C ARG A 68 9.08 2.95 0.23
N TRP A 69 10.29 2.66 0.71
CA TRP A 69 10.99 3.52 1.69
C TRP A 69 10.27 3.50 3.03
N MET A 1 14.48 8.55 5.73
CA MET A 1 14.58 8.20 4.30
C MET A 1 13.38 8.76 3.54
N ASN A 2 13.65 9.60 2.56
CA ASN A 2 12.59 10.18 1.75
C ASN A 2 12.26 9.27 0.58
N LYS A 3 10.99 9.29 0.19
CA LYS A 3 10.50 8.48 -0.92
C LYS A 3 11.05 9.00 -2.24
N ASP A 4 11.22 8.11 -3.22
CA ASP A 4 11.59 8.54 -4.55
C ASP A 4 10.34 9.03 -5.28
N GLU A 5 10.54 9.70 -6.40
CA GLU A 5 9.45 10.38 -7.11
C GLU A 5 8.28 9.43 -7.38
N ALA A 6 7.06 9.98 -7.29
CA ALA A 6 5.85 9.19 -7.49
C ALA A 6 5.63 8.88 -8.97
N GLY A 7 6.61 9.25 -9.79
CA GLY A 7 6.55 8.92 -11.19
C GLY A 7 7.09 7.53 -11.47
N GLY A 8 7.02 6.68 -10.46
CA GLY A 8 7.47 5.31 -10.60
C GLY A 8 6.80 4.39 -9.60
N ASN A 9 7.03 4.65 -8.32
CA ASN A 9 6.48 3.82 -7.25
C ASN A 9 4.95 3.90 -7.19
N TRP A 10 4.41 5.09 -7.44
CA TRP A 10 2.97 5.29 -7.45
C TRP A 10 2.30 4.48 -8.56
N LYS A 11 3.00 4.34 -9.67
CA LYS A 11 2.48 3.59 -10.81
C LYS A 11 2.70 2.09 -10.60
N GLN A 12 3.90 1.74 -10.16
CA GLN A 12 4.28 0.35 -9.96
C GLN A 12 3.43 -0.32 -8.88
N PHE A 13 3.32 0.32 -7.73
CA PHE A 13 2.64 -0.28 -6.59
C PHE A 13 1.16 -0.09 -6.67
N LYS A 14 0.73 0.74 -7.60
CA LYS A 14 -0.68 0.78 -7.92
C LYS A 14 -1.11 -0.62 -8.35
N GLY A 15 -0.32 -1.21 -9.24
CA GLY A 15 -0.59 -2.56 -9.68
C GLY A 15 -0.24 -3.60 -8.63
N LYS A 16 0.97 -3.48 -8.06
CA LYS A 16 1.45 -4.45 -7.07
C LYS A 16 0.57 -4.52 -5.84
N VAL A 17 0.13 -3.38 -5.33
CA VAL A 17 -0.75 -3.36 -4.18
C VAL A 17 -2.13 -3.88 -4.56
N LYS A 18 -2.54 -3.66 -5.81
CA LYS A 18 -3.82 -4.22 -6.28
C LYS A 18 -3.73 -5.73 -6.46
N GLU A 19 -2.53 -6.25 -6.60
CA GLU A 19 -2.33 -7.69 -6.71
C GLU A 19 -2.56 -8.35 -5.35
N GLN A 20 -1.95 -7.77 -4.31
CA GLN A 20 -2.07 -8.29 -2.96
C GLN A 20 -3.43 -7.89 -2.37
N TRP A 21 -3.81 -6.65 -2.59
CA TRP A 21 -5.09 -6.11 -2.14
C TRP A 21 -5.92 -5.64 -3.33
N GLY A 22 -6.68 -6.56 -3.91
CA GLY A 22 -7.45 -6.25 -5.10
C GLY A 22 -8.76 -5.51 -4.83
N LYS A 23 -8.78 -4.72 -3.77
CA LYS A 23 -9.97 -3.93 -3.43
C LYS A 23 -9.67 -2.44 -3.49
N LEU A 24 -8.39 -2.09 -3.38
CA LEU A 24 -8.00 -0.68 -3.35
C LEU A 24 -8.19 -0.04 -4.72
N THR A 25 -8.71 1.17 -4.72
CA THR A 25 -9.01 1.88 -5.96
C THR A 25 -7.86 2.79 -6.38
N ASP A 26 -7.98 3.34 -7.58
CA ASP A 26 -6.99 4.28 -8.12
C ASP A 26 -6.82 5.48 -7.19
N ASP A 27 -7.94 5.94 -6.64
CA ASP A 27 -7.91 7.04 -5.68
C ASP A 27 -7.10 6.66 -4.46
N ASP A 28 -7.37 5.46 -3.93
CA ASP A 28 -6.71 5.01 -2.70
C ASP A 28 -5.21 5.00 -2.89
N MET A 29 -4.80 4.39 -3.98
CA MET A 29 -3.38 4.26 -4.30
C MET A 29 -2.70 5.61 -4.35
N THR A 30 -3.37 6.60 -4.93
CA THR A 30 -2.82 7.93 -5.08
C THR A 30 -2.71 8.62 -3.71
N ILE A 31 -3.55 8.22 -2.78
CA ILE A 31 -3.49 8.75 -1.42
C ILE A 31 -2.39 8.05 -0.62
N ILE A 32 -2.06 6.84 -1.02
CA ILE A 32 -1.06 6.05 -0.31
C ILE A 32 0.33 6.40 -0.79
N GLU A 33 0.57 6.19 -2.09
CA GLU A 33 1.87 6.46 -2.72
C GLU A 33 2.96 5.50 -2.23
N GLY A 34 3.20 5.53 -0.94
CA GLY A 34 4.19 4.68 -0.33
C GLY A 34 4.26 4.91 1.16
N LYS A 35 3.19 5.45 1.72
CA LYS A 35 3.13 5.76 3.14
C LYS A 35 2.62 4.55 3.90
N ARG A 36 3.32 4.22 4.98
CA ARG A 36 3.06 3.00 5.74
C ARG A 36 1.67 3.04 6.37
N ASP A 37 1.37 4.14 7.05
CA ASP A 37 0.09 4.30 7.74
C ASP A 37 -1.06 4.36 6.74
N GLN A 38 -0.80 4.94 5.58
CA GLN A 38 -1.82 5.09 4.56
C GLN A 38 -2.33 3.74 4.08
N LEU A 39 -1.42 2.81 3.83
CA LEU A 39 -1.83 1.49 3.39
C LEU A 39 -2.59 0.79 4.49
N VAL A 40 -2.06 0.82 5.72
CA VAL A 40 -2.71 0.22 6.87
C VAL A 40 -4.14 0.76 7.02
N GLY A 41 -4.27 2.08 6.91
CA GLY A 41 -5.57 2.70 6.95
C GLY A 41 -6.48 2.21 5.84
N LYS A 42 -5.95 2.20 4.61
CA LYS A 42 -6.72 1.76 3.46
C LYS A 42 -7.18 0.31 3.60
N ILE A 43 -6.30 -0.57 4.08
CA ILE A 43 -6.68 -1.96 4.32
C ILE A 43 -7.88 -2.04 5.27
N GLN A 44 -7.79 -1.29 6.37
CA GLN A 44 -8.81 -1.31 7.41
C GLN A 44 -10.15 -0.77 6.92
N GLU A 45 -10.12 0.11 5.92
CA GLU A 45 -11.33 0.78 5.47
C GLU A 45 -11.88 0.15 4.19
N ARG A 46 -11.00 -0.18 3.26
CA ARG A 46 -11.43 -0.71 1.97
C ARG A 46 -12.04 -2.09 2.13
N TYR A 47 -11.35 -2.97 2.84
CA TYR A 47 -11.90 -4.29 3.15
C TYR A 47 -12.72 -4.23 4.41
N GLY A 48 -12.14 -3.57 5.40
CA GLY A 48 -12.74 -3.53 6.70
C GLY A 48 -11.99 -4.41 7.68
N TYR A 49 -10.71 -4.61 7.40
CA TYR A 49 -9.87 -5.43 8.26
C TYR A 49 -9.52 -4.70 9.54
N GLN A 50 -9.13 -5.47 10.54
CA GLN A 50 -8.61 -4.91 11.78
C GLN A 50 -7.17 -4.44 11.54
N LYS A 51 -6.66 -3.61 12.44
CA LYS A 51 -5.29 -3.12 12.31
C LYS A 51 -4.32 -4.28 12.50
N ASP A 52 -4.79 -5.30 13.21
CA ASP A 52 -4.06 -6.56 13.37
C ASP A 52 -3.74 -7.15 12.01
N GLN A 53 -4.80 -7.45 11.27
CA GLN A 53 -4.68 -8.02 9.94
C GLN A 53 -3.96 -7.07 9.00
N ALA A 54 -4.31 -5.79 9.10
CA ALA A 54 -3.76 -4.78 8.21
C ALA A 54 -2.25 -4.73 8.27
N GLU A 55 -1.69 -4.69 9.49
CA GLU A 55 -0.25 -4.60 9.63
C GLU A 55 0.42 -5.91 9.26
N LYS A 56 -0.25 -7.03 9.55
CA LYS A 56 0.27 -8.34 9.19
C LYS A 56 0.49 -8.45 7.69
N GLU A 57 -0.53 -8.08 6.92
CA GLU A 57 -0.45 -8.14 5.47
C GLU A 57 0.55 -7.11 4.94
N VAL A 58 0.66 -5.98 5.63
CA VAL A 58 1.62 -4.96 5.25
C VAL A 58 3.05 -5.47 5.38
N VAL A 59 3.37 -6.10 6.51
CA VAL A 59 4.72 -6.61 6.75
C VAL A 59 5.13 -7.65 5.69
N ASP A 60 4.20 -8.53 5.35
CA ASP A 60 4.45 -9.54 4.33
C ASP A 60 4.72 -8.89 2.98
N TRP A 61 3.79 -8.03 2.55
CA TRP A 61 3.91 -7.31 1.28
C TRP A 61 5.18 -6.46 1.27
N GLU A 62 5.51 -5.91 2.44
CA GLU A 62 6.70 -5.10 2.63
C GLU A 62 7.94 -5.79 2.07
N THR A 63 8.28 -6.92 2.68
CA THR A 63 9.50 -7.66 2.32
C THR A 63 9.44 -8.20 0.88
N ARG A 64 8.24 -8.37 0.34
CA ARG A 64 8.09 -8.87 -1.02
C ARG A 64 8.56 -7.86 -2.07
N ASN A 65 8.27 -6.59 -1.84
CA ASN A 65 8.61 -5.57 -2.83
C ASN A 65 9.84 -4.79 -2.39
N GLU A 66 9.76 -4.21 -1.20
CA GLU A 66 10.89 -3.50 -0.56
C GLU A 66 11.06 -2.11 -1.15
N TYR A 67 11.02 -2.02 -2.47
CA TYR A 67 11.08 -0.75 -3.18
C TYR A 67 9.99 0.20 -2.67
N ARG A 68 10.42 1.22 -1.94
CA ARG A 68 9.53 2.25 -1.42
C ARG A 68 10.33 3.15 -0.49
N TRP A 69 11.03 2.50 0.44
CA TRP A 69 11.92 3.17 1.38
C TRP A 69 11.16 4.22 2.20
N MET A 1 16.36 3.25 3.14
CA MET A 1 16.64 3.91 1.85
C MET A 1 15.94 5.25 1.79
N ASN A 2 16.36 6.09 0.85
CA ASN A 2 15.73 7.37 0.65
C ASN A 2 14.76 7.28 -0.53
N LYS A 3 13.51 7.62 -0.28
CA LYS A 3 12.47 7.51 -1.28
C LYS A 3 12.66 8.51 -2.40
N ASP A 4 12.67 8.02 -3.62
CA ASP A 4 12.75 8.87 -4.80
C ASP A 4 11.34 9.31 -5.21
N GLU A 5 11.26 10.32 -6.07
CA GLU A 5 9.98 10.94 -6.42
C GLU A 5 9.02 9.95 -7.07
N ALA A 6 7.75 10.02 -6.68
CA ALA A 6 6.72 9.17 -7.24
C ALA A 6 6.46 9.53 -8.69
N GLY A 7 6.71 8.59 -9.58
CA GLY A 7 6.52 8.78 -11.00
C GLY A 7 7.06 7.62 -11.80
N GLY A 8 6.17 6.82 -12.36
CA GLY A 8 6.58 5.59 -13.01
C GLY A 8 6.63 4.45 -12.02
N ASN A 9 7.41 4.64 -10.96
CA ASN A 9 7.48 3.67 -9.87
C ASN A 9 6.13 3.58 -9.16
N TRP A 10 5.43 4.71 -9.13
CA TRP A 10 4.15 4.83 -8.48
C TRP A 10 3.10 4.00 -9.21
N LYS A 11 3.06 4.12 -10.53
CA LYS A 11 2.09 3.36 -11.33
C LYS A 11 2.39 1.86 -11.28
N GLN A 12 3.68 1.53 -11.21
CA GLN A 12 4.09 0.13 -11.15
C GLN A 12 3.66 -0.47 -9.83
N PHE A 13 3.89 0.28 -8.78
CA PHE A 13 3.64 -0.21 -7.45
C PHE A 13 2.16 -0.26 -7.14
N LYS A 14 1.42 0.74 -7.59
CA LYS A 14 -0.03 0.73 -7.45
C LYS A 14 -0.62 -0.53 -8.06
N GLY A 15 -0.12 -0.92 -9.23
CA GLY A 15 -0.54 -2.17 -9.82
C GLY A 15 -0.20 -3.35 -8.94
N LYS A 16 0.95 -3.29 -8.30
CA LYS A 16 1.42 -4.36 -7.42
C LYS A 16 0.52 -4.49 -6.19
N VAL A 17 0.13 -3.34 -5.61
CA VAL A 17 -0.73 -3.34 -4.43
C VAL A 17 -2.10 -3.88 -4.78
N LYS A 18 -2.56 -3.59 -5.99
CA LYS A 18 -3.86 -4.08 -6.45
C LYS A 18 -3.81 -5.58 -6.72
N GLU A 19 -2.60 -6.10 -6.93
CA GLU A 19 -2.41 -7.54 -7.05
C GLU A 19 -2.57 -8.18 -5.68
N GLN A 20 -2.14 -7.48 -4.65
CA GLN A 20 -2.28 -7.94 -3.27
C GLN A 20 -3.74 -7.83 -2.84
N TRP A 21 -4.23 -6.60 -2.88
CA TRP A 21 -5.59 -6.28 -2.47
C TRP A 21 -6.33 -5.61 -3.61
N GLY A 22 -7.11 -6.41 -4.33
CA GLY A 22 -7.84 -5.90 -5.48
C GLY A 22 -9.04 -5.05 -5.10
N LYS A 23 -9.19 -4.78 -3.81
CA LYS A 23 -10.29 -3.99 -3.31
C LYS A 23 -9.91 -2.52 -3.26
N LEU A 24 -8.62 -2.24 -3.27
CA LEU A 24 -8.13 -0.87 -3.20
C LEU A 24 -8.32 -0.17 -4.54
N THR A 25 -8.53 1.13 -4.50
CA THR A 25 -8.80 1.91 -5.70
C THR A 25 -7.61 2.80 -6.06
N ASP A 26 -7.76 3.59 -7.11
CA ASP A 26 -6.71 4.52 -7.52
C ASP A 26 -6.62 5.68 -6.54
N ASP A 27 -7.78 6.22 -6.16
CA ASP A 27 -7.86 7.26 -5.14
C ASP A 27 -7.16 6.81 -3.86
N ASP A 28 -7.38 5.55 -3.54
CA ASP A 28 -6.84 4.92 -2.35
C ASP A 28 -5.34 5.00 -2.35
N MET A 29 -4.80 4.52 -3.43
CA MET A 29 -3.39 4.28 -3.53
C MET A 29 -2.64 5.54 -3.93
N THR A 30 -3.38 6.52 -4.43
CA THR A 30 -2.81 7.84 -4.65
C THR A 30 -2.56 8.53 -3.31
N ILE A 31 -3.45 8.28 -2.35
CA ILE A 31 -3.30 8.80 -1.01
C ILE A 31 -2.16 8.08 -0.28
N ILE A 32 -1.96 6.81 -0.65
CA ILE A 32 -0.90 6.01 -0.06
C ILE A 32 0.44 6.41 -0.67
N GLU A 33 0.59 6.17 -1.97
CA GLU A 33 1.83 6.46 -2.70
C GLU A 33 2.98 5.57 -2.25
N GLY A 34 3.30 5.64 -0.96
CA GLY A 34 4.35 4.83 -0.39
C GLY A 34 4.42 4.99 1.12
N LYS A 35 3.28 5.27 1.74
CA LYS A 35 3.23 5.40 3.19
C LYS A 35 2.79 4.08 3.81
N ARG A 36 3.54 3.61 4.78
CA ARG A 36 3.23 2.35 5.45
C ARG A 36 1.90 2.50 6.20
N ASP A 37 1.76 3.61 6.91
CA ASP A 37 0.55 3.93 7.66
C ASP A 37 -0.67 4.00 6.75
N GLN A 38 -0.47 4.55 5.56
CA GLN A 38 -1.57 4.76 4.62
C GLN A 38 -2.17 3.45 4.14
N LEU A 39 -1.33 2.50 3.75
CA LEU A 39 -1.84 1.23 3.26
C LEU A 39 -2.57 0.49 4.38
N VAL A 40 -2.02 0.54 5.59
CA VAL A 40 -2.69 -0.04 6.74
C VAL A 40 -4.12 0.48 6.84
N GLY A 41 -4.26 1.80 6.79
CA GLY A 41 -5.57 2.42 6.86
C GLY A 41 -6.47 2.02 5.71
N LYS A 42 -5.96 2.08 4.47
CA LYS A 42 -6.75 1.74 3.29
C LYS A 42 -7.26 0.31 3.35
N ILE A 43 -6.39 -0.63 3.73
CA ILE A 43 -6.79 -2.02 3.89
C ILE A 43 -7.96 -2.15 4.87
N GLN A 44 -7.88 -1.40 5.98
CA GLN A 44 -8.93 -1.43 7.00
C GLN A 44 -10.22 -0.80 6.47
N GLU A 45 -10.10 0.06 5.48
CA GLU A 45 -11.25 0.77 4.92
C GLU A 45 -11.97 -0.07 3.87
N ARG A 46 -11.19 -0.72 3.03
CA ARG A 46 -11.72 -1.39 1.84
C ARG A 46 -12.33 -2.75 2.16
N TYR A 47 -11.64 -3.55 2.95
CA TYR A 47 -12.19 -4.84 3.37
C TYR A 47 -12.89 -4.71 4.70
N GLY A 48 -12.34 -3.84 5.54
CA GLY A 48 -12.84 -3.70 6.88
C GLY A 48 -12.11 -4.62 7.84
N TYR A 49 -10.79 -4.70 7.69
CA TYR A 49 -9.96 -5.55 8.53
C TYR A 49 -9.63 -4.85 9.83
N GLN A 50 -9.21 -5.65 10.80
CA GLN A 50 -8.68 -5.12 12.04
C GLN A 50 -7.28 -4.57 11.79
N LYS A 51 -6.91 -3.52 12.52
CA LYS A 51 -5.58 -2.92 12.37
C LYS A 51 -4.51 -3.97 12.62
N ASP A 52 -4.83 -4.92 13.51
CA ASP A 52 -3.92 -6.02 13.81
C ASP A 52 -3.57 -6.79 12.55
N GLN A 53 -4.59 -7.22 11.82
CA GLN A 53 -4.41 -8.00 10.62
C GLN A 53 -3.86 -7.13 9.49
N ALA A 54 -4.27 -5.87 9.47
CA ALA A 54 -3.80 -4.93 8.45
C ALA A 54 -2.29 -4.75 8.55
N GLU A 55 -1.79 -4.56 9.77
CA GLU A 55 -0.36 -4.40 9.99
C GLU A 55 0.40 -5.65 9.57
N LYS A 56 -0.18 -6.82 9.85
CA LYS A 56 0.42 -8.08 9.47
C LYS A 56 0.56 -8.19 7.95
N GLU A 57 -0.54 -7.99 7.26
CA GLU A 57 -0.56 -8.13 5.80
C GLU A 57 0.30 -7.06 5.12
N VAL A 58 0.35 -5.87 5.71
CA VAL A 58 1.20 -4.80 5.18
C VAL A 58 2.67 -5.20 5.26
N VAL A 59 3.15 -5.51 6.47
CA VAL A 59 4.57 -5.81 6.68
C VAL A 59 5.04 -6.96 5.78
N ASP A 60 4.21 -7.97 5.66
CA ASP A 60 4.52 -9.13 4.82
C ASP A 60 4.78 -8.73 3.38
N TRP A 61 3.74 -8.21 2.73
CA TRP A 61 3.82 -7.85 1.32
C TRP A 61 4.80 -6.68 1.10
N GLU A 62 4.87 -5.80 2.07
CA GLU A 62 5.82 -4.69 2.03
C GLU A 62 7.23 -5.21 1.83
N THR A 63 7.65 -6.09 2.72
CA THR A 63 9.01 -6.61 2.72
C THR A 63 9.32 -7.36 1.42
N ARG A 64 8.28 -7.90 0.77
CA ARG A 64 8.45 -8.58 -0.51
C ARG A 64 8.98 -7.61 -1.58
N ASN A 65 8.43 -6.40 -1.59
CA ASN A 65 8.69 -5.46 -2.68
C ASN A 65 9.65 -4.35 -2.25
N GLU A 66 9.43 -3.80 -1.07
CA GLU A 66 10.40 -2.95 -0.35
C GLU A 66 10.29 -1.48 -0.74
N TYR A 67 9.40 -1.16 -1.67
CA TYR A 67 9.25 0.23 -2.09
C TYR A 67 8.31 0.98 -1.16
N ARG A 68 8.87 1.59 -0.13
CA ARG A 68 8.08 2.34 0.84
C ARG A 68 8.93 3.37 1.58
N TRP A 69 10.16 3.01 1.90
CA TRP A 69 11.05 3.88 2.66
C TRP A 69 11.57 5.01 1.78
N MET A 1 19.74 -0.12 -2.32
CA MET A 1 19.80 -1.26 -1.37
C MET A 1 18.75 -1.11 -0.29
N ASN A 2 18.57 0.12 0.21
CA ASN A 2 17.51 0.41 1.17
C ASN A 2 16.16 0.39 0.48
N LYS A 3 15.09 0.35 1.26
CA LYS A 3 13.76 0.55 0.70
C LYS A 3 13.66 1.99 0.21
N ASP A 4 13.53 2.14 -1.10
CA ASP A 4 13.61 3.45 -1.72
C ASP A 4 12.23 4.08 -1.86
N GLU A 5 12.20 5.36 -2.14
CA GLU A 5 10.96 6.11 -2.19
C GLU A 5 10.27 5.99 -3.55
N ALA A 6 8.98 6.26 -3.56
CA ALA A 6 8.19 6.22 -4.79
C ALA A 6 8.63 7.31 -5.77
N GLY A 7 9.25 6.89 -6.86
CA GLY A 7 9.67 7.83 -7.89
C GLY A 7 9.64 7.19 -9.27
N GLY A 8 8.54 7.39 -9.98
CA GLY A 8 8.38 6.82 -11.31
C GLY A 8 7.88 5.39 -11.25
N ASN A 9 7.61 4.95 -10.04
CA ASN A 9 7.21 3.57 -9.77
C ASN A 9 5.71 3.48 -9.55
N TRP A 10 5.03 4.60 -9.70
CA TRP A 10 3.63 4.68 -9.34
C TRP A 10 2.78 3.70 -10.13
N LYS A 11 2.93 3.70 -11.45
CA LYS A 11 2.20 2.78 -12.32
C LYS A 11 2.60 1.34 -12.02
N GLN A 12 3.80 1.18 -11.48
CA GLN A 12 4.37 -0.11 -11.18
C GLN A 12 3.73 -0.73 -9.95
N PHE A 13 3.65 0.04 -8.86
CA PHE A 13 3.16 -0.50 -7.59
C PHE A 13 1.67 -0.45 -7.48
N LYS A 14 1.07 0.51 -8.14
CA LYS A 14 -0.38 0.57 -8.18
C LYS A 14 -0.92 -0.75 -8.74
N GLY A 15 -0.18 -1.32 -9.68
CA GLY A 15 -0.52 -2.63 -10.19
C GLY A 15 -0.30 -3.73 -9.16
N LYS A 16 0.88 -3.75 -8.55
CA LYS A 16 1.24 -4.81 -7.61
C LYS A 16 0.35 -4.81 -6.37
N VAL A 17 0.07 -3.63 -5.83
CA VAL A 17 -0.86 -3.52 -4.70
C VAL A 17 -2.24 -4.05 -5.08
N LYS A 18 -2.66 -3.80 -6.33
CA LYS A 18 -3.94 -4.31 -6.82
C LYS A 18 -3.86 -5.81 -7.11
N GLU A 19 -2.66 -6.36 -7.14
CA GLU A 19 -2.47 -7.80 -7.28
C GLU A 19 -2.59 -8.48 -5.92
N GLN A 20 -2.06 -7.83 -4.90
CA GLN A 20 -2.12 -8.35 -3.54
C GLN A 20 -3.51 -8.11 -2.96
N TRP A 21 -3.90 -6.84 -2.89
CA TRP A 21 -5.20 -6.48 -2.36
C TRP A 21 -6.20 -6.34 -3.49
N GLY A 22 -6.13 -5.24 -4.22
CA GLY A 22 -7.01 -5.05 -5.37
C GLY A 22 -8.32 -4.40 -5.01
N LYS A 23 -8.67 -4.46 -3.73
CA LYS A 23 -9.88 -3.82 -3.23
C LYS A 23 -9.70 -2.30 -3.24
N LEU A 24 -8.45 -1.88 -3.25
CA LEU A 24 -8.10 -0.47 -3.28
C LEU A 24 -8.19 0.10 -4.69
N THR A 25 -8.57 1.36 -4.79
CA THR A 25 -8.72 2.01 -6.08
C THR A 25 -7.55 2.96 -6.34
N ASP A 26 -7.65 3.72 -7.43
CA ASP A 26 -6.59 4.66 -7.82
C ASP A 26 -6.39 5.71 -6.74
N ASP A 27 -7.49 6.25 -6.23
CA ASP A 27 -7.43 7.31 -5.22
C ASP A 27 -6.84 6.81 -3.92
N ASP A 28 -7.21 5.60 -3.50
CA ASP A 28 -6.75 5.07 -2.21
C ASP A 28 -5.25 4.99 -2.21
N MET A 29 -4.72 4.35 -3.23
CA MET A 29 -3.31 4.12 -3.29
C MET A 29 -2.54 5.43 -3.46
N THR A 30 -3.14 6.38 -4.16
CA THR A 30 -2.49 7.67 -4.38
C THR A 30 -2.28 8.39 -3.04
N ILE A 31 -3.17 8.15 -2.09
CA ILE A 31 -3.01 8.69 -0.76
C ILE A 31 -1.93 7.92 -0.01
N ILE A 32 -1.74 6.65 -0.41
CA ILE A 32 -0.75 5.78 0.22
C ILE A 32 0.63 6.03 -0.40
N GLU A 33 0.86 5.49 -1.60
CA GLU A 33 2.11 5.65 -2.36
C GLU A 33 3.28 4.95 -1.66
N GLY A 34 3.57 5.37 -0.45
CA GLY A 34 4.66 4.78 0.30
C GLY A 34 4.39 4.76 1.79
N LYS A 35 3.32 5.41 2.20
CA LYS A 35 3.01 5.55 3.61
C LYS A 35 2.57 4.22 4.22
N ARG A 36 3.39 3.69 5.12
CA ARG A 36 3.04 2.50 5.89
C ARG A 36 1.68 2.68 6.55
N ASP A 37 1.52 3.83 7.20
CA ASP A 37 0.28 4.20 7.88
C ASP A 37 -0.93 4.13 6.96
N GLN A 38 -0.80 4.73 5.78
CA GLN A 38 -1.91 4.87 4.85
C GLN A 38 -2.44 3.52 4.37
N LEU A 39 -1.55 2.56 4.10
CA LEU A 39 -1.99 1.25 3.65
C LEU A 39 -2.71 0.52 4.79
N VAL A 40 -2.22 0.71 6.02
CA VAL A 40 -2.87 0.13 7.19
C VAL A 40 -4.31 0.63 7.30
N GLY A 41 -4.47 1.94 7.16
CA GLY A 41 -5.80 2.52 7.20
C GLY A 41 -6.68 2.02 6.08
N LYS A 42 -6.13 2.02 4.86
CA LYS A 42 -6.88 1.60 3.68
C LYS A 42 -7.31 0.14 3.76
N ILE A 43 -6.40 -0.75 4.14
CA ILE A 43 -6.73 -2.17 4.28
C ILE A 43 -7.92 -2.35 5.23
N GLN A 44 -7.83 -1.72 6.38
CA GLN A 44 -8.87 -1.82 7.41
C GLN A 44 -10.23 -1.39 6.87
N GLU A 45 -10.26 -0.28 6.17
CA GLU A 45 -11.53 0.34 5.81
C GLU A 45 -12.03 -0.12 4.45
N ARG A 46 -11.14 -0.52 3.55
CA ARG A 46 -11.56 -0.94 2.22
C ARG A 46 -12.17 -2.34 2.25
N TYR A 47 -11.53 -3.24 3.00
CA TYR A 47 -12.07 -4.60 3.18
C TYR A 47 -13.03 -4.65 4.35
N GLY A 48 -12.58 -4.06 5.44
CA GLY A 48 -13.29 -4.20 6.69
C GLY A 48 -12.53 -5.11 7.64
N TYR A 49 -11.28 -4.76 7.89
CA TYR A 49 -10.39 -5.57 8.71
C TYR A 49 -10.04 -4.86 10.01
N GLN A 50 -9.42 -5.60 10.92
CA GLN A 50 -8.85 -5.02 12.12
C GLN A 50 -7.46 -4.46 11.82
N LYS A 51 -6.99 -3.59 12.69
CA LYS A 51 -5.65 -3.02 12.56
C LYS A 51 -4.61 -4.13 12.58
N ASP A 52 -4.90 -5.17 13.36
CA ASP A 52 -4.03 -6.34 13.49
C ASP A 52 -3.78 -6.97 12.13
N GLN A 53 -4.87 -7.27 11.45
CA GLN A 53 -4.84 -7.89 10.13
C GLN A 53 -4.14 -6.98 9.12
N ALA A 54 -4.44 -5.69 9.20
CA ALA A 54 -3.94 -4.72 8.24
C ALA A 54 -2.43 -4.55 8.33
N GLU A 55 -1.93 -4.38 9.55
CA GLU A 55 -0.50 -4.14 9.75
C GLU A 55 0.32 -5.33 9.29
N LYS A 56 -0.16 -6.53 9.60
CA LYS A 56 0.53 -7.76 9.23
C LYS A 56 0.67 -7.90 7.72
N GLU A 57 -0.37 -7.52 6.98
CA GLU A 57 -0.33 -7.57 5.53
C GLU A 57 0.60 -6.49 4.98
N VAL A 58 0.59 -5.33 5.61
CA VAL A 58 1.48 -4.23 5.21
C VAL A 58 2.94 -4.66 5.35
N VAL A 59 3.28 -5.23 6.49
CA VAL A 59 4.64 -5.68 6.76
C VAL A 59 5.09 -6.74 5.75
N ASP A 60 4.18 -7.68 5.47
CA ASP A 60 4.48 -8.77 4.55
C ASP A 60 4.70 -8.25 3.13
N TRP A 61 3.77 -7.42 2.65
CA TRP A 61 3.88 -6.86 1.31
C TRP A 61 5.09 -5.93 1.22
N GLU A 62 5.38 -5.24 2.32
CA GLU A 62 6.55 -4.36 2.41
C GLU A 62 7.82 -5.11 2.05
N THR A 63 8.01 -6.28 2.66
CA THR A 63 9.23 -7.04 2.46
C THR A 63 9.25 -7.70 1.08
N ARG A 64 8.08 -7.83 0.46
CA ARG A 64 8.00 -8.41 -0.87
C ARG A 64 8.55 -7.45 -1.93
N ASN A 65 8.19 -6.19 -1.82
CA ASN A 65 8.55 -5.19 -2.83
C ASN A 65 9.66 -4.28 -2.32
N GLU A 66 9.40 -3.65 -1.17
CA GLU A 66 10.36 -2.82 -0.45
C GLU A 66 10.49 -1.44 -1.08
N TYR A 67 10.57 -1.39 -2.39
CA TYR A 67 10.57 -0.12 -3.09
C TYR A 67 9.21 0.54 -2.87
N ARG A 68 9.19 1.57 -2.04
CA ARG A 68 7.94 2.14 -1.56
C ARG A 68 8.22 3.46 -0.86
N TRP A 69 8.75 3.35 0.36
CA TRP A 69 9.15 4.48 1.17
C TRP A 69 9.54 3.95 2.54
N MET A 1 16.35 1.86 2.91
CA MET A 1 16.36 2.59 1.63
C MET A 1 15.83 4.02 1.86
N ASN A 2 16.44 4.99 1.20
CA ASN A 2 16.05 6.39 1.36
C ASN A 2 14.77 6.67 0.59
N LYS A 3 13.82 7.36 1.22
CA LYS A 3 12.50 7.54 0.64
C LYS A 3 12.56 8.24 -0.73
N ASP A 4 12.08 7.53 -1.74
CA ASP A 4 12.00 8.06 -3.10
C ASP A 4 10.72 8.87 -3.29
N GLU A 5 10.69 9.64 -4.37
CA GLU A 5 9.49 10.35 -4.78
C GLU A 5 8.74 9.55 -5.83
N ALA A 6 7.43 9.39 -5.63
CA ALA A 6 6.62 8.55 -6.50
C ALA A 6 6.47 9.16 -7.88
N GLY A 7 7.25 8.65 -8.82
CA GLY A 7 7.19 9.11 -10.19
C GLY A 7 7.70 8.04 -11.14
N GLY A 8 6.81 7.49 -11.96
CA GLY A 8 7.18 6.39 -12.82
C GLY A 8 7.01 5.06 -12.11
N ASN A 9 7.64 4.93 -10.95
CA ASN A 9 7.48 3.75 -10.09
C ASN A 9 6.06 3.70 -9.56
N TRP A 10 5.36 4.84 -9.64
CA TRP A 10 3.96 4.92 -9.29
C TRP A 10 3.15 3.93 -10.11
N LYS A 11 3.38 3.93 -11.41
CA LYS A 11 2.66 3.07 -12.34
C LYS A 11 2.87 1.60 -12.01
N GLN A 12 4.10 1.25 -11.63
CA GLN A 12 4.42 -0.14 -11.38
C GLN A 12 3.94 -0.57 -10.01
N PHE A 13 4.27 0.22 -9.01
CA PHE A 13 4.07 -0.18 -7.63
C PHE A 13 2.59 -0.13 -7.25
N LYS A 14 1.88 0.85 -7.79
CA LYS A 14 0.42 0.94 -7.62
C LYS A 14 -0.22 -0.39 -7.99
N GLY A 15 0.32 -1.01 -9.03
CA GLY A 15 -0.17 -2.29 -9.49
C GLY A 15 0.03 -3.40 -8.48
N LYS A 16 1.20 -3.41 -7.81
CA LYS A 16 1.52 -4.46 -6.85
C LYS A 16 0.60 -4.41 -5.63
N VAL A 17 0.24 -3.20 -5.22
CA VAL A 17 -0.67 -3.05 -4.09
C VAL A 17 -2.06 -3.53 -4.49
N LYS A 18 -2.42 -3.25 -5.73
CA LYS A 18 -3.70 -3.65 -6.29
C LYS A 18 -3.71 -5.16 -6.56
N GLU A 19 -2.51 -5.73 -6.71
CA GLU A 19 -2.36 -7.18 -6.85
C GLU A 19 -2.66 -7.88 -5.52
N GLN A 20 -2.26 -7.23 -4.43
CA GLN A 20 -2.53 -7.76 -3.10
C GLN A 20 -3.99 -7.48 -2.73
N TRP A 21 -4.31 -6.20 -2.65
CA TRP A 21 -5.64 -5.77 -2.26
C TRP A 21 -6.41 -5.26 -3.47
N GLY A 22 -7.09 -6.18 -4.14
CA GLY A 22 -7.85 -5.85 -5.33
C GLY A 22 -8.98 -4.87 -5.09
N LYS A 23 -9.35 -4.65 -3.84
CA LYS A 23 -10.42 -3.72 -3.50
C LYS A 23 -9.97 -2.28 -3.66
N LEU A 24 -8.67 -2.05 -3.54
CA LEU A 24 -8.12 -0.71 -3.57
C LEU A 24 -8.18 -0.11 -4.97
N THR A 25 -8.85 1.02 -5.09
CA THR A 25 -9.04 1.66 -6.37
C THR A 25 -7.99 2.76 -6.56
N ASP A 26 -8.00 3.40 -7.72
CA ASP A 26 -6.96 4.37 -8.06
C ASP A 26 -6.91 5.54 -7.08
N ASP A 27 -8.09 5.94 -6.58
CA ASP A 27 -8.16 6.99 -5.56
C ASP A 27 -7.38 6.59 -4.33
N ASP A 28 -7.61 5.35 -3.88
CA ASP A 28 -6.95 4.84 -2.68
C ASP A 28 -5.45 4.85 -2.88
N MET A 29 -5.05 4.31 -4.01
CA MET A 29 -3.65 4.19 -4.36
C MET A 29 -2.96 5.55 -4.34
N THR A 30 -3.67 6.57 -4.82
CA THR A 30 -3.13 7.91 -4.90
C THR A 30 -2.93 8.53 -3.53
N ILE A 31 -3.84 8.23 -2.59
CA ILE A 31 -3.75 8.79 -1.25
C ILE A 31 -2.60 8.13 -0.48
N ILE A 32 -2.40 6.85 -0.73
CA ILE A 32 -1.34 6.09 -0.07
C ILE A 32 0.01 6.59 -0.58
N GLU A 33 0.21 6.45 -1.90
CA GLU A 33 1.40 6.91 -2.60
C GLU A 33 2.65 6.12 -2.20
N GLY A 34 2.96 6.12 -0.92
CA GLY A 34 4.11 5.40 -0.42
C GLY A 34 4.19 5.46 1.09
N LYS A 35 3.03 5.53 1.73
CA LYS A 35 2.95 5.61 3.19
C LYS A 35 2.57 4.28 3.80
N ARG A 36 3.33 3.84 4.78
CA ARG A 36 3.08 2.58 5.47
C ARG A 36 1.76 2.66 6.24
N ASP A 37 1.60 3.77 6.97
CA ASP A 37 0.38 4.01 7.73
C ASP A 37 -0.84 4.11 6.83
N GLN A 38 -0.65 4.77 5.68
CA GLN A 38 -1.75 4.98 4.73
C GLN A 38 -2.31 3.67 4.23
N LEU A 39 -1.44 2.70 3.94
CA LEU A 39 -1.93 1.40 3.49
C LEU A 39 -2.70 0.71 4.60
N VAL A 40 -2.18 0.77 5.83
CA VAL A 40 -2.90 0.24 6.98
C VAL A 40 -4.30 0.82 7.04
N GLY A 41 -4.38 2.14 6.88
CA GLY A 41 -5.66 2.80 6.81
C GLY A 41 -6.53 2.25 5.71
N LYS A 42 -6.02 2.25 4.48
CA LYS A 42 -6.77 1.78 3.33
C LYS A 42 -7.22 0.33 3.48
N ILE A 43 -6.37 -0.51 4.06
CA ILE A 43 -6.73 -1.90 4.30
C ILE A 43 -7.96 -1.98 5.21
N GLN A 44 -7.92 -1.22 6.30
CA GLN A 44 -8.99 -1.24 7.30
C GLN A 44 -10.23 -0.49 6.82
N GLU A 45 -10.06 0.38 5.84
CA GLU A 45 -11.17 1.18 5.35
C GLU A 45 -11.82 0.54 4.12
N ARG A 46 -11.00 -0.02 3.23
CA ARG A 46 -11.50 -0.58 2.00
C ARG A 46 -12.21 -1.91 2.26
N TYR A 47 -11.53 -2.82 2.95
CA TYR A 47 -12.13 -4.11 3.28
C TYR A 47 -12.77 -4.06 4.65
N GLY A 48 -12.03 -3.49 5.60
CA GLY A 48 -12.51 -3.43 6.96
C GLY A 48 -11.90 -4.52 7.82
N TYR A 49 -10.59 -4.66 7.74
CA TYR A 49 -9.88 -5.65 8.53
C TYR A 49 -9.52 -5.11 9.90
N GLN A 50 -9.15 -6.01 10.81
CA GLN A 50 -8.66 -5.60 12.11
C GLN A 50 -7.21 -5.15 12.01
N LYS A 51 -6.79 -4.30 12.94
CA LYS A 51 -5.44 -3.74 12.94
C LYS A 51 -4.41 -4.86 13.04
N ASP A 52 -4.80 -5.95 13.70
CA ASP A 52 -3.98 -7.15 13.81
C ASP A 52 -3.59 -7.67 12.44
N GLN A 53 -4.59 -7.88 11.60
CA GLN A 53 -4.40 -8.44 10.29
C GLN A 53 -3.77 -7.40 9.36
N ALA A 54 -4.13 -6.13 9.56
CA ALA A 54 -3.57 -5.06 8.76
C ALA A 54 -2.05 -5.02 8.89
N GLU A 55 -1.56 -5.10 10.13
CA GLU A 55 -0.12 -5.16 10.40
C GLU A 55 0.53 -6.31 9.64
N LYS A 56 -0.01 -7.52 9.85
CA LYS A 56 0.56 -8.72 9.27
C LYS A 56 0.57 -8.67 7.75
N GLU A 57 -0.50 -8.15 7.15
CA GLU A 57 -0.58 -8.02 5.71
C GLU A 57 0.45 -7.02 5.20
N VAL A 58 0.58 -5.90 5.89
CA VAL A 58 1.54 -4.87 5.49
C VAL A 58 2.97 -5.40 5.58
N VAL A 59 3.38 -5.85 6.76
CA VAL A 59 4.78 -6.26 6.99
C VAL A 59 5.23 -7.35 6.01
N ASP A 60 4.37 -8.33 5.77
CA ASP A 60 4.70 -9.42 4.86
C ASP A 60 4.88 -8.91 3.44
N TRP A 61 3.85 -8.25 2.92
CA TRP A 61 3.85 -7.76 1.55
C TRP A 61 4.95 -6.70 1.35
N GLU A 62 5.11 -5.85 2.36
CA GLU A 62 6.13 -4.81 2.35
C GLU A 62 7.49 -5.37 1.97
N THR A 63 7.96 -6.31 2.76
CA THR A 63 9.30 -6.86 2.60
C THR A 63 9.40 -7.74 1.35
N ARG A 64 8.25 -8.16 0.81
CA ARG A 64 8.24 -8.91 -0.43
C ARG A 64 8.57 -8.02 -1.62
N ASN A 65 8.22 -6.75 -1.53
CA ASN A 65 8.38 -5.83 -2.65
C ASN A 65 9.58 -4.93 -2.46
N GLU A 66 9.59 -4.17 -1.36
CA GLU A 66 10.75 -3.38 -0.92
C GLU A 66 10.88 -2.07 -1.68
N TYR A 67 10.46 -2.04 -2.93
CA TYR A 67 10.57 -0.83 -3.74
C TYR A 67 9.45 0.14 -3.38
N ARG A 68 9.55 0.69 -2.17
CA ARG A 68 8.57 1.64 -1.67
C ARG A 68 9.23 2.63 -0.74
N TRP A 69 10.38 2.24 -0.20
CA TRP A 69 11.12 3.08 0.72
C TRP A 69 11.89 4.14 -0.06
N MET A 1 14.55 6.43 2.93
CA MET A 1 13.94 7.48 3.78
C MET A 1 13.37 8.58 2.91
N ASN A 2 14.17 9.09 1.99
CA ASN A 2 13.67 9.99 0.98
C ASN A 2 12.95 9.16 -0.07
N LYS A 3 11.69 9.47 -0.30
CA LYS A 3 10.85 8.62 -1.12
C LYS A 3 11.23 8.73 -2.59
N ASP A 4 11.37 7.58 -3.22
CA ASP A 4 11.67 7.51 -4.64
C ASP A 4 10.51 8.14 -5.41
N GLU A 5 10.86 8.98 -6.38
CA GLU A 5 9.87 9.83 -7.05
C GLU A 5 8.69 9.03 -7.57
N ALA A 6 7.49 9.52 -7.26
CA ALA A 6 6.25 8.83 -7.63
C ALA A 6 5.93 9.00 -9.11
N GLY A 7 6.82 8.49 -9.95
CA GLY A 7 6.55 8.43 -11.37
C GLY A 7 6.38 6.99 -11.80
N GLY A 8 7.49 6.28 -11.94
CA GLY A 8 7.43 4.85 -12.19
C GLY A 8 6.99 4.12 -10.95
N ASN A 9 7.28 4.72 -9.80
CA ASN A 9 6.84 4.19 -8.50
C ASN A 9 5.32 4.23 -8.43
N TRP A 10 4.76 5.28 -8.98
CA TRP A 10 3.32 5.50 -8.99
C TRP A 10 2.63 4.43 -9.85
N LYS A 11 3.24 4.14 -10.99
CA LYS A 11 2.72 3.15 -11.93
C LYS A 11 2.88 1.75 -11.38
N GLN A 12 4.07 1.46 -10.86
CA GLN A 12 4.46 0.10 -10.49
C GLN A 12 3.64 -0.46 -9.34
N PHE A 13 3.54 0.30 -8.25
CA PHE A 13 2.92 -0.21 -7.04
C PHE A 13 1.42 -0.14 -7.09
N LYS A 14 0.91 0.75 -7.92
CA LYS A 14 -0.52 0.78 -8.17
C LYS A 14 -0.95 -0.61 -8.65
N GLY A 15 -0.15 -1.18 -9.54
CA GLY A 15 -0.40 -2.52 -10.02
C GLY A 15 -0.04 -3.59 -8.99
N LYS A 16 1.12 -3.44 -8.35
CA LYS A 16 1.60 -4.43 -7.38
C LYS A 16 0.65 -4.57 -6.19
N VAL A 17 0.22 -3.45 -5.65
CA VAL A 17 -0.74 -3.47 -4.54
C VAL A 17 -2.04 -4.10 -4.98
N LYS A 18 -2.52 -3.76 -6.19
CA LYS A 18 -3.77 -4.34 -6.69
C LYS A 18 -3.61 -5.84 -7.03
N GLU A 19 -2.37 -6.32 -7.07
CA GLU A 19 -2.12 -7.74 -7.23
C GLU A 19 -2.38 -8.48 -5.92
N GLN A 20 -1.87 -7.90 -4.84
CA GLN A 20 -2.07 -8.47 -3.51
C GLN A 20 -3.48 -8.20 -3.03
N TRP A 21 -3.83 -6.92 -2.98
CA TRP A 21 -5.12 -6.45 -2.53
C TRP A 21 -5.81 -5.67 -3.65
N GLY A 22 -6.70 -6.34 -4.35
CA GLY A 22 -7.33 -5.75 -5.52
C GLY A 22 -8.60 -4.95 -5.22
N LYS A 23 -8.85 -4.66 -3.95
CA LYS A 23 -10.03 -3.86 -3.59
C LYS A 23 -9.71 -2.38 -3.65
N LEU A 24 -8.49 -2.04 -3.25
CA LEU A 24 -8.02 -0.66 -3.25
C LEU A 24 -8.06 -0.08 -4.66
N THR A 25 -8.61 1.12 -4.76
CA THR A 25 -8.79 1.76 -6.04
C THR A 25 -7.68 2.76 -6.31
N ASP A 26 -7.78 3.46 -7.44
CA ASP A 26 -6.82 4.46 -7.82
C ASP A 26 -6.72 5.54 -6.75
N ASP A 27 -7.88 5.98 -6.28
CA ASP A 27 -7.96 7.02 -5.24
C ASP A 27 -7.15 6.64 -4.03
N ASP A 28 -7.33 5.41 -3.56
CA ASP A 28 -6.69 4.97 -2.33
C ASP A 28 -5.19 5.06 -2.45
N MET A 29 -4.65 4.44 -3.49
CA MET A 29 -3.21 4.38 -3.64
C MET A 29 -2.63 5.72 -4.04
N THR A 30 -3.47 6.62 -4.53
CA THR A 30 -3.06 7.99 -4.78
C THR A 30 -2.72 8.67 -3.45
N ILE A 31 -3.50 8.35 -2.43
CA ILE A 31 -3.27 8.88 -1.09
C ILE A 31 -2.12 8.14 -0.42
N ILE A 32 -1.96 6.87 -0.78
CA ILE A 32 -0.94 6.04 -0.16
C ILE A 32 0.43 6.37 -0.74
N GLU A 33 0.62 6.08 -2.04
CA GLU A 33 1.89 6.32 -2.73
C GLU A 33 3.01 5.43 -2.18
N GLY A 34 3.27 5.56 -0.88
CA GLY A 34 4.26 4.74 -0.24
C GLY A 34 4.29 4.97 1.26
N LYS A 35 3.13 5.33 1.82
CA LYS A 35 3.04 5.57 3.26
C LYS A 35 2.63 4.29 3.98
N ARG A 36 3.41 3.91 4.98
CA ARG A 36 3.13 2.73 5.78
C ARG A 36 1.81 2.91 6.51
N ASP A 37 1.61 4.10 7.06
CA ASP A 37 0.39 4.45 7.76
C ASP A 37 -0.83 4.37 6.84
N GLN A 38 -0.65 4.78 5.60
CA GLN A 38 -1.75 4.83 4.64
C GLN A 38 -2.27 3.44 4.29
N LEU A 39 -1.38 2.53 3.95
CA LEU A 39 -1.80 1.19 3.56
C LEU A 39 -2.45 0.47 4.73
N VAL A 40 -1.89 0.66 5.92
CA VAL A 40 -2.49 0.08 7.13
C VAL A 40 -3.94 0.53 7.27
N GLY A 41 -4.16 1.84 7.16
CA GLY A 41 -5.50 2.38 7.26
C GLY A 41 -6.39 1.92 6.12
N LYS A 42 -5.85 1.98 4.90
CA LYS A 42 -6.62 1.61 3.72
C LYS A 42 -7.09 0.17 3.76
N ILE A 43 -6.21 -0.75 4.14
CA ILE A 43 -6.60 -2.15 4.27
C ILE A 43 -7.73 -2.33 5.29
N GLN A 44 -7.64 -1.61 6.41
CA GLN A 44 -8.68 -1.68 7.45
C GLN A 44 -10.02 -1.22 6.91
N GLU A 45 -10.00 -0.12 6.17
CA GLU A 45 -11.23 0.54 5.73
C GLU A 45 -11.83 -0.15 4.51
N ARG A 46 -11.02 -0.33 3.49
CA ARG A 46 -11.49 -0.84 2.22
C ARG A 46 -11.95 -2.29 2.35
N TYR A 47 -11.15 -3.08 3.04
CA TYR A 47 -11.36 -4.52 3.11
C TYR A 47 -12.15 -4.90 4.36
N GLY A 48 -12.22 -3.98 5.31
CA GLY A 48 -12.91 -4.26 6.55
C GLY A 48 -12.05 -5.05 7.52
N TYR A 49 -10.78 -4.68 7.59
CA TYR A 49 -9.84 -5.36 8.48
C TYR A 49 -9.66 -4.57 9.76
N GLN A 50 -9.06 -5.22 10.75
CA GLN A 50 -8.67 -4.55 11.97
C GLN A 50 -7.19 -4.20 11.89
N LYS A 51 -6.75 -3.27 12.72
CA LYS A 51 -5.36 -2.82 12.71
C LYS A 51 -4.40 -4.01 12.82
N ASP A 52 -4.79 -4.98 13.63
CA ASP A 52 -4.01 -6.19 13.84
C ASP A 52 -3.71 -6.88 12.52
N GLN A 53 -4.78 -7.27 11.85
CA GLN A 53 -4.68 -8.05 10.64
C GLN A 53 -4.15 -7.18 9.49
N ALA A 54 -4.50 -5.90 9.51
CA ALA A 54 -4.07 -4.98 8.47
C ALA A 54 -2.56 -4.81 8.47
N GLU A 55 -1.97 -4.59 9.64
CA GLU A 55 -0.53 -4.42 9.75
C GLU A 55 0.19 -5.71 9.35
N LYS A 56 -0.44 -6.85 9.63
CA LYS A 56 0.10 -8.14 9.21
C LYS A 56 0.23 -8.20 7.69
N GLU A 57 -0.83 -7.78 7.00
CA GLU A 57 -0.83 -7.77 5.54
C GLU A 57 0.17 -6.76 5.01
N VAL A 58 0.34 -5.65 5.72
CA VAL A 58 1.29 -4.63 5.34
C VAL A 58 2.72 -5.14 5.44
N VAL A 59 3.05 -5.80 6.55
CA VAL A 59 4.41 -6.29 6.78
C VAL A 59 4.81 -7.34 5.73
N ASP A 60 3.88 -8.22 5.38
CA ASP A 60 4.16 -9.25 4.38
C ASP A 60 4.37 -8.61 3.01
N TRP A 61 3.41 -7.77 2.60
CA TRP A 61 3.50 -7.08 1.31
C TRP A 61 4.75 -6.20 1.27
N GLU A 62 5.04 -5.56 2.39
CA GLU A 62 6.23 -4.74 2.54
C GLU A 62 7.46 -5.52 2.08
N THR A 63 7.69 -6.65 2.72
CA THR A 63 8.87 -7.46 2.47
C THR A 63 8.89 -8.01 1.04
N ARG A 64 7.72 -8.10 0.40
CA ARG A 64 7.65 -8.54 -0.99
C ARG A 64 8.37 -7.53 -1.88
N ASN A 65 8.13 -6.26 -1.61
CA ASN A 65 8.62 -5.18 -2.45
C ASN A 65 9.81 -4.49 -1.80
N GLU A 66 9.53 -3.74 -0.73
CA GLU A 66 10.53 -3.02 0.07
C GLU A 66 11.08 -1.79 -0.66
N TYR A 67 10.64 -1.62 -1.89
CA TYR A 67 10.96 -0.42 -2.67
C TYR A 67 9.92 0.64 -2.35
N ARG A 68 10.09 1.33 -1.22
CA ARG A 68 9.04 2.23 -0.74
C ARG A 68 9.58 3.36 0.14
N TRP A 69 10.56 3.07 1.00
CA TRP A 69 11.04 4.04 1.98
C TRP A 69 11.67 5.27 1.33
N MET A 1 14.72 6.59 2.38
CA MET A 1 14.46 7.56 3.48
C MET A 1 13.90 8.85 2.91
N ASN A 2 14.33 9.21 1.71
CA ASN A 2 13.67 10.27 0.95
C ASN A 2 12.63 9.65 0.07
N LYS A 3 11.39 10.11 0.19
CA LYS A 3 10.28 9.48 -0.51
C LYS A 3 10.48 9.50 -2.01
N ASP A 4 10.61 8.32 -2.60
CA ASP A 4 10.78 8.19 -4.03
C ASP A 4 9.54 8.72 -4.74
N GLU A 5 9.73 9.37 -5.88
CA GLU A 5 8.64 10.03 -6.56
C GLU A 5 7.79 9.04 -7.33
N ALA A 6 6.53 9.38 -7.54
CA ALA A 6 5.61 8.50 -8.25
C ALA A 6 5.68 8.78 -9.75
N GLY A 7 6.73 8.31 -10.39
CA GLY A 7 6.90 8.52 -11.83
C GLY A 7 7.22 7.23 -12.54
N GLY A 8 6.20 6.61 -13.11
CA GLY A 8 6.37 5.32 -13.75
C GLY A 8 6.20 4.19 -12.76
N ASN A 9 6.94 4.27 -11.66
CA ASN A 9 6.80 3.32 -10.56
C ASN A 9 5.44 3.47 -9.90
N TRP A 10 4.81 4.61 -10.18
CA TRP A 10 3.44 4.86 -9.74
C TRP A 10 2.52 3.77 -10.27
N LYS A 11 2.63 3.49 -11.56
CA LYS A 11 1.84 2.46 -12.21
C LYS A 11 2.25 1.08 -11.70
N GLN A 12 3.52 0.94 -11.36
CA GLN A 12 4.08 -0.33 -10.96
C GLN A 12 3.52 -0.81 -9.62
N PHE A 13 3.55 0.06 -8.62
CA PHE A 13 3.15 -0.34 -7.28
C PHE A 13 1.67 -0.22 -7.07
N LYS A 14 1.05 0.64 -7.84
CA LYS A 14 -0.40 0.67 -7.87
C LYS A 14 -0.91 -0.69 -8.31
N GLY A 15 -0.20 -1.28 -9.27
CA GLY A 15 -0.49 -2.63 -9.69
C GLY A 15 -0.09 -3.67 -8.66
N LYS A 16 1.16 -3.60 -8.19
CA LYS A 16 1.68 -4.54 -7.20
C LYS A 16 0.78 -4.61 -5.96
N VAL A 17 0.49 -3.46 -5.37
CA VAL A 17 -0.41 -3.43 -4.21
C VAL A 17 -1.76 -4.06 -4.55
N LYS A 18 -2.31 -3.74 -5.72
CA LYS A 18 -3.61 -4.28 -6.11
C LYS A 18 -3.54 -5.77 -6.48
N GLU A 19 -2.34 -6.27 -6.72
CA GLU A 19 -2.16 -7.71 -6.94
C GLU A 19 -2.28 -8.44 -5.61
N GLN A 20 -1.90 -7.75 -4.54
CA GLN A 20 -2.06 -8.29 -3.20
C GLN A 20 -3.49 -8.04 -2.73
N TRP A 21 -3.88 -6.76 -2.73
CA TRP A 21 -5.22 -6.35 -2.33
C TRP A 21 -5.91 -5.61 -3.48
N GLY A 22 -6.70 -6.33 -4.25
CA GLY A 22 -7.34 -5.75 -5.42
C GLY A 22 -8.50 -4.83 -5.08
N LYS A 23 -8.87 -4.75 -3.81
CA LYS A 23 -9.96 -3.88 -3.37
C LYS A 23 -9.56 -2.40 -3.45
N LEU A 24 -8.29 -2.11 -3.19
CA LEU A 24 -7.81 -0.73 -3.20
C LEU A 24 -7.98 -0.10 -4.58
N THR A 25 -8.17 1.20 -4.60
CA THR A 25 -8.50 1.90 -5.82
C THR A 25 -7.44 2.96 -6.12
N ASP A 26 -7.67 3.73 -7.16
CA ASP A 26 -6.76 4.79 -7.55
C ASP A 26 -6.79 5.92 -6.51
N ASP A 27 -7.98 6.13 -5.93
CA ASP A 27 -8.16 7.16 -4.90
C ASP A 27 -7.46 6.75 -3.61
N ASP A 28 -7.50 5.47 -3.29
CA ASP A 28 -6.79 4.97 -2.12
C ASP A 28 -5.31 5.07 -2.35
N MET A 29 -4.91 4.54 -3.49
CA MET A 29 -3.53 4.37 -3.84
C MET A 29 -2.79 5.69 -3.90
N THR A 30 -3.42 6.72 -4.48
CA THR A 30 -2.79 8.03 -4.61
C THR A 30 -2.50 8.64 -3.24
N ILE A 31 -3.25 8.19 -2.24
CA ILE A 31 -3.09 8.66 -0.87
C ILE A 31 -1.95 7.90 -0.19
N ILE A 32 -1.76 6.64 -0.60
CA ILE A 32 -0.73 5.79 -0.01
C ILE A 32 0.63 6.00 -0.67
N GLU A 33 0.74 5.52 -1.92
CA GLU A 33 2.01 5.34 -2.65
C GLU A 33 3.10 4.60 -1.84
N GLY A 34 3.47 5.09 -0.68
CA GLY A 34 4.51 4.43 0.10
C GLY A 34 4.46 4.78 1.58
N LYS A 35 3.37 4.42 2.24
CA LYS A 35 3.29 4.56 3.68
C LYS A 35 2.77 3.28 4.31
N ARG A 36 3.53 2.75 5.25
CA ARG A 36 3.11 1.60 6.04
C ARG A 36 1.83 1.96 6.79
N ASP A 37 1.79 3.18 7.29
CA ASP A 37 0.65 3.69 8.04
C ASP A 37 -0.59 3.78 7.15
N GLN A 38 -0.40 4.30 5.95
CA GLN A 38 -1.51 4.52 5.03
C GLN A 38 -2.13 3.22 4.56
N LEU A 39 -1.30 2.23 4.26
CA LEU A 39 -1.81 0.95 3.78
C LEU A 39 -2.60 0.24 4.87
N VAL A 40 -2.11 0.31 6.11
CA VAL A 40 -2.83 -0.24 7.26
C VAL A 40 -4.24 0.35 7.32
N GLY A 41 -4.32 1.66 7.27
CA GLY A 41 -5.61 2.33 7.29
C GLY A 41 -6.48 1.93 6.12
N LYS A 42 -5.91 1.97 4.92
CA LYS A 42 -6.66 1.65 3.71
C LYS A 42 -7.21 0.24 3.72
N ILE A 43 -6.43 -0.74 4.17
CA ILE A 43 -6.92 -2.11 4.27
C ILE A 43 -8.16 -2.18 5.19
N GLN A 44 -8.12 -1.43 6.29
CA GLN A 44 -9.23 -1.38 7.24
C GLN A 44 -10.46 -0.73 6.62
N GLU A 45 -10.23 0.20 5.72
CA GLU A 45 -11.31 1.01 5.15
C GLU A 45 -11.89 0.35 3.90
N ARG A 46 -11.02 -0.27 3.12
CA ARG A 46 -11.41 -0.84 1.84
C ARG A 46 -12.13 -2.18 2.04
N TYR A 47 -11.45 -3.12 2.70
CA TYR A 47 -12.07 -4.41 3.01
C TYR A 47 -12.88 -4.33 4.28
N GLY A 48 -12.29 -3.72 5.30
CA GLY A 48 -12.95 -3.64 6.58
C GLY A 48 -12.24 -4.45 7.65
N TYR A 49 -10.95 -4.67 7.47
CA TYR A 49 -10.16 -5.44 8.41
C TYR A 49 -9.82 -4.63 9.66
N GLN A 50 -9.26 -5.32 10.64
CA GLN A 50 -8.77 -4.66 11.85
C GLN A 50 -7.33 -4.22 11.64
N LYS A 51 -6.84 -3.36 12.53
CA LYS A 51 -5.48 -2.84 12.46
C LYS A 51 -4.47 -3.98 12.48
N ASP A 52 -4.71 -4.94 13.36
CA ASP A 52 -3.84 -6.10 13.51
C ASP A 52 -3.67 -6.84 12.19
N GLN A 53 -4.81 -7.18 11.59
CA GLN A 53 -4.84 -7.92 10.34
C GLN A 53 -4.21 -7.09 9.22
N ALA A 54 -4.50 -5.79 9.24
CA ALA A 54 -3.98 -4.90 8.22
C ALA A 54 -2.45 -4.83 8.28
N GLU A 55 -1.91 -4.66 9.49
CA GLU A 55 -0.47 -4.57 9.67
C GLU A 55 0.23 -5.81 9.12
N LYS A 56 -0.40 -6.97 9.32
CA LYS A 56 0.17 -8.22 8.84
C LYS A 56 0.38 -8.16 7.33
N GLU A 57 -0.68 -7.82 6.63
CA GLU A 57 -0.65 -7.82 5.18
C GLU A 57 0.19 -6.65 4.63
N VAL A 58 0.26 -5.56 5.39
CA VAL A 58 1.07 -4.42 5.00
C VAL A 58 2.54 -4.76 5.07
N VAL A 59 3.01 -5.15 6.25
CA VAL A 59 4.43 -5.44 6.46
C VAL A 59 4.91 -6.55 5.53
N ASP A 60 4.02 -7.49 5.24
CA ASP A 60 4.32 -8.58 4.32
C ASP A 60 4.62 -8.03 2.93
N TRP A 61 3.63 -7.38 2.32
CA TRP A 61 3.79 -6.82 0.98
C TRP A 61 4.92 -5.80 0.95
N GLU A 62 4.99 -4.99 2.01
CA GLU A 62 6.01 -3.97 2.13
C GLU A 62 7.40 -4.54 1.98
N THR A 63 7.70 -5.59 2.72
CA THR A 63 9.02 -6.20 2.71
C THR A 63 9.30 -6.86 1.35
N ARG A 64 8.27 -7.31 0.68
CA ARG A 64 8.42 -7.98 -0.62
C ARG A 64 8.93 -7.00 -1.68
N ASN A 65 8.38 -5.79 -1.69
CA ASN A 65 8.65 -4.82 -2.75
C ASN A 65 9.62 -3.75 -2.29
N GLU A 66 9.53 -3.37 -1.02
CA GLU A 66 10.49 -2.49 -0.35
C GLU A 66 10.26 -1.02 -0.67
N TYR A 67 9.27 -0.74 -1.50
CA TYR A 67 8.94 0.62 -1.83
C TYR A 67 8.08 1.23 -0.73
N ARG A 68 8.68 2.11 0.05
CA ARG A 68 7.95 2.85 1.08
C ARG A 68 8.43 4.30 1.13
N TRP A 69 9.55 4.53 1.81
CA TRP A 69 10.05 5.87 2.03
C TRP A 69 11.12 6.22 1.01
N MET A 1 17.00 3.92 2.88
CA MET A 1 16.75 4.86 1.76
C MET A 1 15.37 5.47 1.86
N ASN A 2 15.19 6.62 1.23
CA ASN A 2 13.88 7.25 1.13
C ASN A 2 13.26 6.88 -0.20
N LYS A 3 11.96 7.08 -0.35
CA LYS A 3 11.32 6.86 -1.63
C LYS A 3 11.52 8.05 -2.55
N ASP A 4 11.81 7.76 -3.80
CA ASP A 4 11.99 8.79 -4.81
C ASP A 4 10.62 9.29 -5.26
N GLU A 5 10.60 10.40 -5.99
CA GLU A 5 9.35 11.00 -6.46
C GLU A 5 8.47 9.95 -7.15
N ALA A 6 7.16 10.06 -6.94
CA ALA A 6 6.22 9.05 -7.42
C ALA A 6 6.15 9.01 -8.94
N GLY A 7 6.98 8.16 -9.52
CA GLY A 7 7.00 7.95 -10.95
C GLY A 7 7.73 6.67 -11.27
N GLY A 8 7.19 5.88 -12.19
CA GLY A 8 7.73 4.56 -12.41
C GLY A 8 7.34 3.60 -11.30
N ASN A 9 7.84 3.87 -10.10
CA ASN A 9 7.47 3.11 -8.91
C ASN A 9 5.99 3.30 -8.62
N TRP A 10 5.47 4.47 -8.97
CA TRP A 10 4.06 4.79 -8.81
C TRP A 10 3.21 3.78 -9.57
N LYS A 11 3.58 3.52 -10.81
CA LYS A 11 2.86 2.56 -11.64
C LYS A 11 3.07 1.14 -11.15
N GLN A 12 4.29 0.86 -10.68
CA GLN A 12 4.64 -0.47 -10.20
C GLN A 12 3.81 -0.87 -8.98
N PHE A 13 3.75 -0.01 -7.98
CA PHE A 13 3.05 -0.36 -6.74
C PHE A 13 1.56 -0.13 -6.85
N LYS A 14 1.15 0.72 -7.77
CA LYS A 14 -0.26 0.82 -8.07
C LYS A 14 -0.75 -0.54 -8.55
N GLY A 15 0.01 -1.15 -9.44
CA GLY A 15 -0.33 -2.48 -9.92
C GLY A 15 -0.03 -3.55 -8.91
N LYS A 16 1.02 -3.37 -8.12
CA LYS A 16 1.43 -4.35 -7.12
C LYS A 16 0.41 -4.43 -5.99
N VAL A 17 0.03 -3.28 -5.45
CA VAL A 17 -1.02 -3.22 -4.44
C VAL A 17 -2.35 -3.75 -5.00
N LYS A 18 -2.61 -3.51 -6.28
CA LYS A 18 -3.83 -4.05 -6.89
C LYS A 18 -3.70 -5.55 -7.18
N GLU A 19 -2.48 -6.06 -7.10
CA GLU A 19 -2.22 -7.49 -7.23
C GLU A 19 -2.38 -8.18 -5.88
N GLN A 20 -1.75 -7.58 -4.87
CA GLN A 20 -1.74 -8.11 -3.51
C GLN A 20 -3.09 -7.86 -2.81
N TRP A 21 -3.69 -6.70 -3.06
CA TRP A 21 -5.01 -6.38 -2.53
C TRP A 21 -6.00 -6.28 -3.67
N GLY A 22 -5.94 -5.19 -4.41
CA GLY A 22 -6.82 -5.02 -5.55
C GLY A 22 -8.20 -4.55 -5.14
N LYS A 23 -8.47 -4.67 -3.85
CA LYS A 23 -9.70 -4.16 -3.28
C LYS A 23 -9.64 -2.64 -3.21
N LEU A 24 -8.44 -2.10 -3.40
CA LEU A 24 -8.20 -0.66 -3.33
C LEU A 24 -8.39 0.00 -4.67
N THR A 25 -8.77 1.28 -4.64
CA THR A 25 -9.06 2.03 -5.85
C THR A 25 -8.05 3.16 -6.03
N ASP A 26 -8.06 3.78 -7.21
CA ASP A 26 -7.02 4.72 -7.61
C ASP A 26 -6.88 5.91 -6.66
N ASP A 27 -8.00 6.41 -6.14
CA ASP A 27 -7.95 7.51 -5.17
C ASP A 27 -7.18 7.08 -3.94
N ASP A 28 -7.41 5.85 -3.50
CA ASP A 28 -6.75 5.33 -2.31
C ASP A 28 -5.26 5.29 -2.53
N MET A 29 -4.89 4.71 -3.67
CA MET A 29 -3.49 4.55 -4.05
C MET A 29 -2.76 5.88 -4.02
N THR A 30 -3.47 6.93 -4.42
CA THR A 30 -2.91 8.27 -4.48
C THR A 30 -2.63 8.82 -3.09
N ILE A 31 -3.40 8.38 -2.11
CA ILE A 31 -3.21 8.83 -0.74
C ILE A 31 -2.16 7.97 -0.05
N ILE A 32 -1.94 6.77 -0.58
CA ILE A 32 -1.01 5.84 0.03
C ILE A 32 0.40 6.08 -0.48
N GLU A 33 0.60 5.92 -1.80
CA GLU A 33 1.91 6.05 -2.44
C GLU A 33 2.88 4.96 -1.97
N GLY A 34 3.09 4.90 -0.67
CA GLY A 34 3.95 3.90 -0.08
C GLY A 34 4.04 4.08 1.42
N LYS A 35 3.08 4.81 1.98
CA LYS A 35 3.03 5.01 3.41
C LYS A 35 2.42 3.80 4.10
N ARG A 36 3.14 3.26 5.07
CA ARG A 36 2.74 2.04 5.76
C ARG A 36 1.39 2.22 6.44
N ASP A 37 1.26 3.32 7.19
CA ASP A 37 0.05 3.57 7.98
C ASP A 37 -1.14 3.85 7.07
N GLN A 38 -0.86 4.47 5.92
CA GLN A 38 -1.89 4.76 4.94
C GLN A 38 -2.50 3.48 4.40
N LEU A 39 -1.66 2.52 4.05
CA LEU A 39 -2.14 1.24 3.54
C LEU A 39 -2.89 0.51 4.64
N VAL A 40 -2.39 0.59 5.87
CA VAL A 40 -3.08 0.00 7.02
C VAL A 40 -4.51 0.51 7.10
N GLY A 41 -4.66 1.82 7.09
CA GLY A 41 -5.98 2.42 7.12
C GLY A 41 -6.83 1.97 5.94
N LYS A 42 -6.24 1.96 4.76
CA LYS A 42 -6.95 1.61 3.54
C LYS A 42 -7.41 0.15 3.55
N ILE A 43 -6.58 -0.73 4.07
CA ILE A 43 -6.97 -2.13 4.22
C ILE A 43 -8.15 -2.25 5.19
N GLN A 44 -8.14 -1.43 6.23
CA GLN A 44 -9.21 -1.42 7.22
C GLN A 44 -10.50 -0.85 6.61
N GLU A 45 -10.36 -0.12 5.51
CA GLU A 45 -11.51 0.47 4.84
C GLU A 45 -12.06 -0.48 3.78
N ARG A 46 -11.16 -0.96 2.94
CA ARG A 46 -11.53 -1.75 1.78
C ARG A 46 -12.04 -3.13 2.16
N TYR A 47 -11.23 -3.89 2.89
CA TYR A 47 -11.67 -5.19 3.34
C TYR A 47 -12.35 -5.06 4.69
N GLY A 48 -11.72 -4.29 5.57
CA GLY A 48 -12.26 -4.09 6.90
C GLY A 48 -11.58 -4.94 7.95
N TYR A 49 -10.26 -5.05 7.85
CA TYR A 49 -9.49 -5.77 8.84
C TYR A 49 -9.16 -4.86 10.01
N GLN A 50 -8.81 -5.45 11.14
CA GLN A 50 -8.32 -4.68 12.28
C GLN A 50 -6.93 -4.18 11.99
N LYS A 51 -6.55 -3.07 12.63
CA LYS A 51 -5.26 -2.42 12.36
C LYS A 51 -4.10 -3.40 12.47
N ASP A 52 -4.15 -4.25 13.49
CA ASP A 52 -3.12 -5.26 13.73
C ASP A 52 -2.94 -6.16 12.51
N GLN A 53 -4.06 -6.65 11.99
CA GLN A 53 -4.03 -7.57 10.87
C GLN A 53 -3.74 -6.82 9.58
N ALA A 54 -4.20 -5.58 9.51
CA ALA A 54 -3.92 -4.73 8.36
C ALA A 54 -2.42 -4.50 8.23
N GLU A 55 -1.78 -4.19 9.37
CA GLU A 55 -0.33 -4.04 9.41
C GLU A 55 0.37 -5.34 8.98
N LYS A 56 -0.22 -6.47 9.36
CA LYS A 56 0.30 -7.77 8.96
C LYS A 56 0.34 -7.89 7.43
N GLU A 57 -0.74 -7.45 6.80
CA GLU A 57 -0.81 -7.43 5.34
C GLU A 57 0.20 -6.46 4.76
N VAL A 58 0.31 -5.28 5.37
CA VAL A 58 1.24 -4.27 4.90
C VAL A 58 2.69 -4.75 4.98
N VAL A 59 3.07 -5.32 6.12
CA VAL A 59 4.42 -5.84 6.31
C VAL A 59 4.70 -7.01 5.35
N ASP A 60 3.67 -7.81 5.11
CA ASP A 60 3.77 -8.94 4.19
C ASP A 60 4.10 -8.44 2.79
N TRP A 61 3.28 -7.51 2.31
CA TRP A 61 3.49 -6.87 1.01
C TRP A 61 4.82 -6.12 0.99
N GLU A 62 5.12 -5.44 2.09
CA GLU A 62 6.36 -4.69 2.24
C GLU A 62 7.57 -5.57 1.99
N THR A 63 7.62 -6.71 2.67
CA THR A 63 8.77 -7.60 2.59
C THR A 63 8.89 -8.19 1.17
N ARG A 64 7.76 -8.33 0.49
CA ARG A 64 7.75 -8.87 -0.87
C ARG A 64 8.41 -7.92 -1.87
N ASN A 65 8.16 -6.62 -1.72
CA ASN A 65 8.65 -5.63 -2.67
C ASN A 65 9.92 -4.97 -2.17
N GLU A 66 9.82 -4.38 -0.98
CA GLU A 66 10.96 -3.83 -0.24
C GLU A 66 11.19 -2.36 -0.52
N TYR A 67 10.77 -1.89 -1.67
CA TYR A 67 10.87 -0.47 -1.98
C TYR A 67 9.72 0.28 -1.31
N ARG A 68 9.98 0.76 -0.10
CA ARG A 68 8.97 1.49 0.65
C ARG A 68 9.62 2.46 1.62
N TRP A 69 8.90 3.55 1.91
CA TRP A 69 9.32 4.55 2.89
C TRP A 69 8.27 5.65 2.93
N MET A 1 18.72 4.47 -2.39
CA MET A 1 18.02 5.59 -3.04
C MET A 1 17.19 6.36 -2.02
N ASN A 2 16.88 7.62 -2.31
CA ASN A 2 15.96 8.39 -1.48
C ASN A 2 14.54 8.02 -1.89
N LYS A 3 13.55 8.39 -1.07
CA LYS A 3 12.17 8.03 -1.38
C LYS A 3 11.72 8.69 -2.68
N ASP A 4 11.38 7.87 -3.66
CA ASP A 4 10.83 8.34 -4.91
C ASP A 4 9.46 8.97 -4.67
N GLU A 5 9.16 10.02 -5.40
CA GLU A 5 7.90 10.70 -5.28
C GLU A 5 6.88 10.10 -6.25
N ALA A 6 5.59 10.30 -5.96
CA ALA A 6 4.49 9.71 -6.73
C ALA A 6 4.66 9.91 -8.24
N GLY A 7 5.20 8.89 -8.88
CA GLY A 7 5.46 8.94 -10.30
C GLY A 7 6.28 7.74 -10.72
N GLY A 8 5.70 6.89 -11.56
CA GLY A 8 6.34 5.62 -11.87
C GLY A 8 5.86 4.54 -10.93
N ASN A 9 6.10 4.74 -9.65
CA ASN A 9 5.57 3.84 -8.62
C ASN A 9 4.05 3.95 -8.58
N TRP A 10 3.55 5.08 -9.08
CA TRP A 10 2.12 5.34 -9.18
C TRP A 10 1.44 4.25 -9.99
N LYS A 11 2.00 3.97 -11.16
CA LYS A 11 1.46 2.94 -12.04
C LYS A 11 1.92 1.55 -11.59
N GLN A 12 3.20 1.45 -11.29
CA GLN A 12 3.84 0.17 -11.00
C GLN A 12 3.28 -0.46 -9.73
N PHE A 13 3.23 0.29 -8.64
CA PHE A 13 2.87 -0.28 -7.35
C PHE A 13 1.39 -0.29 -7.11
N LYS A 14 0.68 0.51 -7.87
CA LYS A 14 -0.77 0.41 -7.86
C LYS A 14 -1.18 -0.97 -8.34
N GLY A 15 -0.37 -1.51 -9.26
CA GLY A 15 -0.56 -2.85 -9.74
C GLY A 15 -0.12 -3.89 -8.73
N LYS A 16 1.08 -3.72 -8.18
CA LYS A 16 1.62 -4.65 -7.19
C LYS A 16 0.73 -4.71 -5.95
N VAL A 17 0.28 -3.55 -5.48
CA VAL A 17 -0.68 -3.50 -4.38
C VAL A 17 -1.92 -4.30 -4.73
N LYS A 18 -2.45 -4.11 -5.95
CA LYS A 18 -3.63 -4.85 -6.38
C LYS A 18 -3.37 -6.35 -6.50
N GLU A 19 -2.10 -6.72 -6.70
CA GLU A 19 -1.73 -8.13 -6.75
C GLU A 19 -1.88 -8.76 -5.37
N GLN A 20 -1.71 -7.95 -4.34
CA GLN A 20 -1.94 -8.41 -2.97
C GLN A 20 -3.40 -8.14 -2.59
N TRP A 21 -3.76 -6.86 -2.55
CA TRP A 21 -5.11 -6.43 -2.22
C TRP A 21 -5.70 -5.62 -3.38
N GLY A 22 -6.46 -6.31 -4.22
CA GLY A 22 -7.01 -5.68 -5.41
C GLY A 22 -8.18 -4.77 -5.15
N LYS A 23 -8.70 -4.81 -3.93
CA LYS A 23 -9.85 -3.97 -3.56
C LYS A 23 -9.46 -2.50 -3.49
N LEU A 24 -8.17 -2.25 -3.25
CA LEU A 24 -7.66 -0.88 -3.21
C LEU A 24 -7.72 -0.24 -4.60
N THR A 25 -7.76 1.09 -4.64
CA THR A 25 -8.06 1.81 -5.87
C THR A 25 -6.99 2.86 -6.18
N ASP A 26 -7.29 3.75 -7.14
CA ASP A 26 -6.36 4.81 -7.50
C ASP A 26 -6.38 5.93 -6.46
N ASP A 27 -7.58 6.29 -5.98
CA ASP A 27 -7.71 7.29 -4.93
C ASP A 27 -7.15 6.77 -3.63
N ASP A 28 -6.95 5.47 -3.58
CA ASP A 28 -6.29 4.81 -2.47
C ASP A 28 -4.80 5.08 -2.54
N MET A 29 -4.28 4.77 -3.71
CA MET A 29 -2.86 4.70 -3.94
C MET A 29 -2.23 6.08 -4.06
N THR A 30 -3.02 7.08 -4.47
CA THR A 30 -2.53 8.45 -4.51
C THR A 30 -2.32 8.98 -3.09
N ILE A 31 -3.07 8.40 -2.15
CA ILE A 31 -2.99 8.78 -0.75
C ILE A 31 -1.83 8.05 -0.09
N ILE A 32 -1.62 6.81 -0.52
CA ILE A 32 -0.56 5.98 0.04
C ILE A 32 0.74 6.16 -0.73
N GLU A 33 0.86 5.46 -1.87
CA GLU A 33 2.08 5.35 -2.71
C GLU A 33 3.33 4.88 -1.93
N GLY A 34 3.60 5.47 -0.78
CA GLY A 34 4.70 5.04 0.04
C GLY A 34 4.43 5.30 1.51
N LYS A 35 3.17 5.19 1.90
CA LYS A 35 2.77 5.42 3.27
C LYS A 35 2.41 4.10 3.96
N ARG A 36 3.20 3.74 4.96
CA ARG A 36 3.02 2.49 5.67
C ARG A 36 1.69 2.50 6.43
N ASP A 37 1.47 3.54 7.22
CA ASP A 37 0.28 3.64 8.06
C ASP A 37 -0.97 3.83 7.21
N GLN A 38 -0.83 4.58 6.11
CA GLN A 38 -1.95 4.82 5.23
C GLN A 38 -2.44 3.53 4.57
N LEU A 39 -1.53 2.61 4.30
CA LEU A 39 -1.94 1.32 3.74
C LEU A 39 -2.73 0.53 4.77
N VAL A 40 -2.27 0.58 6.02
CA VAL A 40 -3.04 -0.01 7.11
C VAL A 40 -4.45 0.57 7.11
N GLY A 41 -4.53 1.89 7.06
CA GLY A 41 -5.80 2.57 7.00
C GLY A 41 -6.64 2.15 5.82
N LYS A 42 -6.06 2.15 4.62
CA LYS A 42 -6.78 1.80 3.40
C LYS A 42 -7.25 0.35 3.43
N ILE A 43 -6.41 -0.57 3.86
CA ILE A 43 -6.81 -1.97 4.01
C ILE A 43 -7.99 -2.10 4.98
N GLN A 44 -7.89 -1.39 6.11
CA GLN A 44 -8.97 -1.36 7.09
C GLN A 44 -10.23 -0.74 6.52
N GLU A 45 -10.05 0.08 5.49
CA GLU A 45 -11.14 0.88 4.94
C GLU A 45 -11.85 0.14 3.81
N ARG A 46 -11.06 -0.42 2.91
CA ARG A 46 -11.60 -1.06 1.71
C ARG A 46 -12.25 -2.40 2.02
N TYR A 47 -11.57 -3.23 2.81
CA TYR A 47 -12.13 -4.54 3.18
C TYR A 47 -12.85 -4.44 4.51
N GLY A 48 -12.31 -3.61 5.38
CA GLY A 48 -12.85 -3.52 6.72
C GLY A 48 -12.19 -4.51 7.65
N TYR A 49 -10.87 -4.40 7.77
CA TYR A 49 -10.09 -5.31 8.61
C TYR A 49 -9.67 -4.64 9.90
N GLN A 50 -9.16 -5.45 10.82
CA GLN A 50 -8.60 -4.93 12.06
C GLN A 50 -7.15 -4.53 11.83
N LYS A 51 -6.64 -3.63 12.67
CA LYS A 51 -5.27 -3.15 12.55
C LYS A 51 -4.29 -4.31 12.69
N ASP A 52 -4.74 -5.32 13.44
CA ASP A 52 -3.97 -6.55 13.63
C ASP A 52 -3.64 -7.16 12.28
N GLN A 53 -4.68 -7.49 11.54
CA GLN A 53 -4.52 -8.12 10.25
C GLN A 53 -3.93 -7.12 9.26
N ALA A 54 -4.38 -5.88 9.33
CA ALA A 54 -3.96 -4.84 8.41
C ALA A 54 -2.45 -4.67 8.41
N GLU A 55 -1.85 -4.58 9.60
CA GLU A 55 -0.40 -4.44 9.69
C GLU A 55 0.30 -5.67 9.15
N LYS A 56 -0.23 -6.84 9.50
CA LYS A 56 0.35 -8.10 9.03
C LYS A 56 0.34 -8.16 7.50
N GLU A 57 -0.76 -7.72 6.89
CA GLU A 57 -0.85 -7.68 5.44
C GLU A 57 0.14 -6.68 4.86
N VAL A 58 0.27 -5.54 5.52
CA VAL A 58 1.20 -4.51 5.09
C VAL A 58 2.64 -5.01 5.15
N VAL A 59 3.04 -5.56 6.28
CA VAL A 59 4.41 -6.03 6.47
C VAL A 59 4.79 -7.09 5.43
N ASP A 60 3.84 -7.98 5.13
CA ASP A 60 4.08 -9.02 4.12
C ASP A 60 4.39 -8.40 2.77
N TRP A 61 3.46 -7.57 2.28
CA TRP A 61 3.62 -6.91 0.99
C TRP A 61 4.85 -5.99 0.99
N GLU A 62 5.04 -5.30 2.11
CA GLU A 62 6.17 -4.39 2.27
C GLU A 62 7.49 -5.12 2.08
N THR A 63 7.65 -6.24 2.77
CA THR A 63 8.88 -7.00 2.70
C THR A 63 9.07 -7.62 1.32
N ARG A 64 7.97 -7.82 0.59
CA ARG A 64 8.04 -8.38 -0.76
C ARG A 64 8.67 -7.37 -1.73
N ASN A 65 8.28 -6.11 -1.60
CA ASN A 65 8.71 -5.08 -2.56
C ASN A 65 9.84 -4.23 -2.00
N GLU A 66 9.57 -3.58 -0.87
CA GLU A 66 10.56 -2.76 -0.14
C GLU A 66 10.81 -1.42 -0.82
N TYR A 67 10.62 -1.36 -2.12
CA TYR A 67 10.76 -0.12 -2.87
C TYR A 67 9.68 0.87 -2.45
N ARG A 68 10.04 1.71 -1.50
CA ARG A 68 9.11 2.65 -0.88
C ARG A 68 9.91 3.71 -0.13
N TRP A 69 10.75 3.24 0.78
CA TRP A 69 11.65 4.08 1.58
C TRP A 69 10.89 5.20 2.26
N MET A 1 18.15 6.39 4.32
CA MET A 1 18.03 7.04 3.00
C MET A 1 16.88 8.03 2.98
N ASN A 2 16.99 9.05 2.15
CA ASN A 2 15.89 9.96 1.90
C ASN A 2 14.93 9.31 0.92
N LYS A 3 13.63 9.44 1.16
CA LYS A 3 12.63 8.83 0.30
C LYS A 3 12.74 9.36 -1.12
N ASP A 4 12.69 8.46 -2.09
CA ASP A 4 12.87 8.83 -3.50
C ASP A 4 11.55 9.30 -4.10
N GLU A 5 11.64 9.91 -5.26
CA GLU A 5 10.47 10.41 -5.97
C GLU A 5 9.75 9.26 -6.68
N ALA A 6 8.47 9.08 -6.39
CA ALA A 6 7.68 8.06 -7.07
C ALA A 6 7.33 8.52 -8.48
N GLY A 7 8.05 8.01 -9.46
CA GLY A 7 7.79 8.35 -10.84
C GLY A 7 8.17 7.20 -11.75
N GLY A 8 7.35 6.94 -12.75
CA GLY A 8 7.61 5.84 -13.67
C GLY A 8 7.17 4.50 -13.09
N ASN A 9 7.36 4.37 -11.79
CA ASN A 9 6.93 3.19 -11.04
C ASN A 9 5.56 3.46 -10.42
N TRP A 10 5.00 4.63 -10.72
CA TRP A 10 3.76 5.09 -10.13
C TRP A 10 2.61 4.10 -10.39
N LYS A 11 2.40 3.75 -11.65
CA LYS A 11 1.36 2.79 -12.00
C LYS A 11 1.78 1.37 -11.61
N GLN A 12 3.09 1.18 -11.54
CA GLN A 12 3.68 -0.12 -11.29
C GLN A 12 3.30 -0.64 -9.90
N PHE A 13 3.34 0.22 -8.89
CA PHE A 13 3.02 -0.21 -7.53
C PHE A 13 1.54 -0.15 -7.26
N LYS A 14 0.88 0.76 -7.92
CA LYS A 14 -0.57 0.78 -7.86
C LYS A 14 -1.10 -0.56 -8.36
N GLY A 15 -0.49 -1.05 -9.43
CA GLY A 15 -0.81 -2.38 -9.91
C GLY A 15 -0.31 -3.46 -8.97
N LYS A 16 0.84 -3.24 -8.35
CA LYS A 16 1.46 -4.23 -7.47
C LYS A 16 0.61 -4.47 -6.22
N VAL A 17 0.17 -3.39 -5.56
CA VAL A 17 -0.68 -3.52 -4.39
C VAL A 17 -2.04 -4.08 -4.79
N LYS A 18 -2.46 -3.83 -6.03
CA LYS A 18 -3.72 -4.38 -6.52
C LYS A 18 -3.59 -5.88 -6.80
N GLU A 19 -2.37 -6.34 -7.10
CA GLU A 19 -2.12 -7.78 -7.18
C GLU A 19 -2.27 -8.38 -5.79
N GLN A 20 -1.68 -7.69 -4.82
CA GLN A 20 -1.77 -8.06 -3.41
C GLN A 20 -3.23 -8.10 -2.94
N TRP A 21 -3.89 -6.96 -3.01
CA TRP A 21 -5.26 -6.85 -2.56
C TRP A 21 -6.19 -6.53 -3.72
N GLY A 22 -6.10 -5.32 -4.24
CA GLY A 22 -6.88 -4.98 -5.42
C GLY A 22 -8.25 -4.45 -5.09
N LYS A 23 -8.66 -4.61 -3.84
CA LYS A 23 -9.92 -4.04 -3.38
C LYS A 23 -9.76 -2.53 -3.24
N LEU A 24 -8.52 -2.08 -3.27
CA LEU A 24 -8.19 -0.67 -3.18
C LEU A 24 -8.47 0.02 -4.52
N THR A 25 -8.18 1.31 -4.54
CA THR A 25 -8.54 2.18 -5.64
C THR A 25 -7.39 3.10 -6.02
N ASP A 26 -7.59 3.83 -7.10
CA ASP A 26 -6.60 4.72 -7.66
C ASP A 26 -6.17 5.81 -6.67
N ASP A 27 -7.15 6.41 -6.00
CA ASP A 27 -6.87 7.54 -5.10
C ASP A 27 -6.19 7.12 -3.82
N ASP A 28 -6.61 6.01 -3.22
CA ASP A 28 -6.04 5.60 -1.94
C ASP A 28 -4.59 5.33 -2.11
N MET A 29 -4.26 4.66 -3.18
CA MET A 29 -2.93 4.22 -3.35
C MET A 29 -2.04 5.35 -3.85
N THR A 30 -2.68 6.39 -4.38
CA THR A 30 -1.98 7.63 -4.64
C THR A 30 -1.43 8.18 -3.33
N ILE A 31 -2.15 7.92 -2.25
CA ILE A 31 -1.74 8.37 -0.93
C ILE A 31 -0.85 7.32 -0.26
N ILE A 32 -1.10 6.05 -0.58
CA ILE A 32 -0.37 4.93 0.02
C ILE A 32 1.05 4.85 -0.52
N GLU A 33 1.27 5.55 -1.65
CA GLU A 33 2.56 5.60 -2.35
C GLU A 33 3.76 5.39 -1.42
N GLY A 34 3.88 6.23 -0.42
CA GLY A 34 4.96 6.09 0.54
C GLY A 34 4.47 6.07 1.96
N LYS A 35 3.19 5.76 2.14
CA LYS A 35 2.58 5.80 3.45
C LYS A 35 2.14 4.40 3.89
N ARG A 36 2.99 3.78 4.72
CA ARG A 36 2.66 2.50 5.34
C ARG A 36 1.40 2.66 6.19
N ASP A 37 1.29 3.81 6.84
CA ASP A 37 0.11 4.16 7.62
C ASP A 37 -1.16 4.07 6.78
N GLN A 38 -1.07 4.57 5.56
CA GLN A 38 -2.22 4.63 4.67
C GLN A 38 -2.71 3.26 4.28
N LEU A 39 -1.82 2.36 3.87
CA LEU A 39 -2.25 1.02 3.48
C LEU A 39 -2.92 0.30 4.64
N VAL A 40 -2.37 0.49 5.86
CA VAL A 40 -2.98 -0.09 7.04
C VAL A 40 -4.43 0.36 7.18
N GLY A 41 -4.65 1.67 7.14
CA GLY A 41 -6.00 2.20 7.24
C GLY A 41 -6.87 1.76 6.08
N LYS A 42 -6.30 1.77 4.88
CA LYS A 42 -7.05 1.46 3.67
C LYS A 42 -7.54 0.02 3.63
N ILE A 43 -6.70 -0.91 4.07
CA ILE A 43 -7.11 -2.31 4.13
C ILE A 43 -8.25 -2.48 5.14
N GLN A 44 -8.15 -1.74 6.25
CA GLN A 44 -9.17 -1.77 7.29
C GLN A 44 -10.50 -1.20 6.77
N GLU A 45 -10.43 -0.35 5.76
CA GLU A 45 -11.61 0.30 5.20
C GLU A 45 -12.20 -0.48 4.03
N ARG A 46 -11.32 -0.92 3.13
CA ARG A 46 -11.76 -1.55 1.88
C ARG A 46 -12.28 -2.96 2.10
N TYR A 47 -11.58 -3.75 2.90
CA TYR A 47 -12.06 -5.08 3.25
C TYR A 47 -12.82 -5.03 4.56
N GLY A 48 -12.30 -4.24 5.47
CA GLY A 48 -12.89 -4.15 6.79
C GLY A 48 -12.19 -5.08 7.76
N TYR A 49 -10.87 -4.95 7.85
CA TYR A 49 -10.08 -5.73 8.80
C TYR A 49 -9.79 -4.92 10.03
N GLN A 50 -9.16 -5.54 11.02
CA GLN A 50 -8.72 -4.84 12.22
C GLN A 50 -7.29 -4.36 12.03
N LYS A 51 -6.84 -3.48 12.92
CA LYS A 51 -5.50 -2.92 12.83
C LYS A 51 -4.45 -4.02 12.84
N ASP A 52 -4.68 -5.03 13.68
CA ASP A 52 -3.75 -6.16 13.81
C ASP A 52 -3.55 -6.85 12.47
N GLN A 53 -4.67 -7.19 11.85
CA GLN A 53 -4.65 -7.91 10.59
C GLN A 53 -4.03 -7.06 9.49
N ALA A 54 -4.43 -5.80 9.43
CA ALA A 54 -3.97 -4.90 8.38
C ALA A 54 -2.46 -4.68 8.43
N GLU A 55 -1.93 -4.41 9.61
CA GLU A 55 -0.51 -4.14 9.78
C GLU A 55 0.32 -5.33 9.32
N LYS A 56 -0.13 -6.52 9.66
CA LYS A 56 0.56 -7.74 9.26
C LYS A 56 0.64 -7.84 7.73
N GLU A 57 -0.48 -7.59 7.06
CA GLU A 57 -0.53 -7.68 5.60
C GLU A 57 0.32 -6.59 4.96
N VAL A 58 0.28 -5.38 5.52
CA VAL A 58 1.04 -4.26 5.01
C VAL A 58 2.54 -4.52 5.08
N VAL A 59 3.01 -4.95 6.25
CA VAL A 59 4.42 -5.25 6.46
C VAL A 59 4.85 -6.47 5.65
N ASP A 60 3.94 -7.41 5.45
CA ASP A 60 4.22 -8.57 4.62
C ASP A 60 4.44 -8.13 3.18
N TRP A 61 3.47 -7.39 2.63
CA TRP A 61 3.60 -6.82 1.29
C TRP A 61 4.88 -5.98 1.21
N GLU A 62 5.13 -5.25 2.27
CA GLU A 62 6.27 -4.35 2.35
C GLU A 62 7.58 -5.09 2.13
N THR A 63 7.70 -6.28 2.70
CA THR A 63 8.93 -7.05 2.56
C THR A 63 8.99 -7.76 1.20
N ARG A 64 7.83 -7.93 0.57
CA ARG A 64 7.75 -8.61 -0.72
C ARG A 64 8.26 -7.70 -1.84
N ASN A 65 7.83 -6.45 -1.79
CA ASN A 65 8.09 -5.50 -2.87
C ASN A 65 9.18 -4.50 -2.48
N GLU A 66 9.11 -4.05 -1.22
CA GLU A 66 10.17 -3.26 -0.59
C GLU A 66 10.03 -1.77 -0.89
N TYR A 67 9.77 -1.44 -2.15
CA TYR A 67 9.71 -0.05 -2.56
C TYR A 67 8.44 0.63 -2.04
N ARG A 68 8.61 1.41 -1.00
CA ARG A 68 7.56 2.31 -0.53
C ARG A 68 8.16 3.69 -0.30
N TRP A 69 9.34 3.87 -0.87
CA TRP A 69 10.10 5.10 -0.69
C TRP A 69 10.43 5.72 -2.04
N MET A 1 16.05 10.51 4.98
CA MET A 1 16.30 11.27 3.74
C MET A 1 15.00 11.57 3.02
N ASN A 2 15.09 12.35 1.95
CA ASN A 2 13.92 12.68 1.15
C ASN A 2 13.48 11.46 0.34
N LYS A 3 12.20 11.17 0.37
CA LYS A 3 11.66 10.01 -0.35
C LYS A 3 11.68 10.27 -1.85
N ASP A 4 11.81 9.20 -2.63
CA ASP A 4 11.85 9.32 -4.09
C ASP A 4 10.48 9.75 -4.62
N GLU A 5 10.46 10.22 -5.86
CA GLU A 5 9.24 10.80 -6.42
C GLU A 5 8.44 9.74 -7.19
N ALA A 6 7.11 9.82 -7.05
CA ALA A 6 6.23 8.86 -7.72
C ALA A 6 5.79 9.41 -9.07
N GLY A 7 6.12 8.69 -10.13
CA GLY A 7 5.71 9.09 -11.46
C GLY A 7 5.35 7.88 -12.31
N GLY A 8 6.32 7.40 -13.08
CA GLY A 8 6.10 6.23 -13.90
C GLY A 8 6.24 4.97 -13.08
N ASN A 9 7.11 5.04 -12.09
CA ASN A 9 7.30 3.95 -11.14
C ASN A 9 6.03 3.74 -10.31
N TRP A 10 5.20 4.78 -10.27
CA TRP A 10 3.95 4.70 -9.55
C TRP A 10 2.98 3.72 -10.21
N LYS A 11 2.94 3.71 -11.53
CA LYS A 11 2.04 2.79 -12.23
C LYS A 11 2.41 1.35 -11.90
N GLN A 12 3.69 1.14 -11.65
CA GLN A 12 4.19 -0.17 -11.25
C GLN A 12 3.57 -0.59 -9.92
N PHE A 13 3.63 0.28 -8.92
CA PHE A 13 3.14 -0.05 -7.58
C PHE A 13 1.64 0.04 -7.48
N LYS A 14 1.06 0.80 -8.37
CA LYS A 14 -0.38 0.78 -8.52
C LYS A 14 -0.80 -0.67 -8.83
N GLY A 15 -0.06 -1.28 -9.75
CA GLY A 15 -0.28 -2.67 -10.05
C GLY A 15 0.07 -3.58 -8.87
N LYS A 16 1.22 -3.32 -8.24
CA LYS A 16 1.69 -4.15 -7.13
C LYS A 16 0.69 -4.20 -5.99
N VAL A 17 0.26 -3.04 -5.52
CA VAL A 17 -0.74 -2.96 -4.45
C VAL A 17 -2.02 -3.71 -4.84
N LYS A 18 -2.38 -3.66 -6.11
CA LYS A 18 -3.56 -4.38 -6.58
C LYS A 18 -3.30 -5.89 -6.70
N GLU A 19 -2.05 -6.26 -6.96
CA GLU A 19 -1.68 -7.68 -6.94
C GLU A 19 -1.70 -8.17 -5.49
N GLN A 20 -1.23 -7.31 -4.60
CA GLN A 20 -1.28 -7.55 -3.16
C GLN A 20 -2.71 -7.84 -2.69
N TRP A 21 -3.60 -6.87 -2.88
CA TRP A 21 -4.96 -6.98 -2.38
C TRP A 21 -6.00 -6.80 -3.47
N GLY A 22 -5.96 -5.68 -4.20
CA GLY A 22 -6.78 -5.54 -5.39
C GLY A 22 -8.06 -4.74 -5.19
N LYS A 23 -8.63 -4.78 -4.00
CA LYS A 23 -9.88 -4.07 -3.74
C LYS A 23 -9.66 -2.57 -3.74
N LEU A 24 -8.50 -2.17 -3.26
CA LEU A 24 -8.15 -0.77 -3.13
C LEU A 24 -8.19 -0.04 -4.46
N THR A 25 -8.66 1.20 -4.42
CA THR A 25 -8.96 1.94 -5.64
C THR A 25 -8.09 3.19 -5.74
N ASP A 26 -8.34 4.01 -6.76
CA ASP A 26 -7.47 5.15 -7.07
C ASP A 26 -7.29 6.09 -5.88
N ASP A 27 -8.35 6.29 -5.09
CA ASP A 27 -8.24 7.13 -3.88
C ASP A 27 -7.19 6.56 -2.95
N ASP A 28 -7.19 5.24 -2.80
CA ASP A 28 -6.24 4.55 -1.95
C ASP A 28 -4.84 4.84 -2.37
N MET A 29 -4.59 4.43 -3.58
CA MET A 29 -3.28 4.37 -4.11
C MET A 29 -2.66 5.77 -4.15
N THR A 30 -3.48 6.77 -4.40
CA THR A 30 -3.02 8.14 -4.42
C THR A 30 -2.58 8.62 -3.03
N ILE A 31 -3.23 8.11 -1.98
CA ILE A 31 -2.89 8.52 -0.62
C ILE A 31 -1.73 7.68 -0.07
N ILE A 32 -1.70 6.41 -0.44
CA ILE A 32 -0.73 5.47 0.10
C ILE A 32 0.64 5.67 -0.57
N GLU A 33 0.72 5.37 -1.88
CA GLU A 33 1.96 5.56 -2.67
C GLU A 33 3.10 4.65 -2.19
N GLY A 34 3.49 4.79 -0.95
CA GLY A 34 4.58 4.00 -0.41
C GLY A 34 4.79 4.26 1.06
N LYS A 35 3.69 4.33 1.80
CA LYS A 35 3.76 4.49 3.25
C LYS A 35 3.03 3.34 3.94
N ARG A 36 3.71 2.71 4.88
CA ARG A 36 3.15 1.58 5.62
C ARG A 36 1.86 1.97 6.34
N ASP A 37 1.92 3.06 7.10
CA ASP A 37 0.81 3.45 7.96
C ASP A 37 -0.44 3.77 7.13
N GLN A 38 -0.21 4.29 5.93
CA GLN A 38 -1.30 4.64 5.03
C GLN A 38 -2.02 3.40 4.52
N LEU A 39 -1.27 2.39 4.11
CA LEU A 39 -1.88 1.16 3.60
C LEU A 39 -2.65 0.46 4.69
N VAL A 40 -2.16 0.56 5.94
CA VAL A 40 -2.88 0.01 7.08
C VAL A 40 -4.26 0.64 7.16
N GLY A 41 -4.30 1.95 7.03
CA GLY A 41 -5.56 2.67 7.04
C GLY A 41 -6.52 2.17 5.98
N LYS A 42 -6.05 2.14 4.75
CA LYS A 42 -6.89 1.77 3.61
C LYS A 42 -7.32 0.32 3.62
N ILE A 43 -6.41 -0.60 3.92
CA ILE A 43 -6.76 -2.01 3.98
C ILE A 43 -7.90 -2.26 4.97
N GLN A 44 -7.88 -1.54 6.09
CA GLN A 44 -8.98 -1.60 7.06
C GLN A 44 -10.27 -1.09 6.43
N GLU A 45 -10.15 0.03 5.72
CA GLU A 45 -11.30 0.72 5.14
C GLU A 45 -12.01 -0.11 4.08
N ARG A 46 -11.22 -0.56 3.12
CA ARG A 46 -11.75 -1.16 1.90
C ARG A 46 -12.24 -2.59 2.14
N TYR A 47 -11.44 -3.35 2.88
CA TYR A 47 -11.67 -4.78 3.01
C TYR A 47 -12.46 -5.11 4.28
N GLY A 48 -12.39 -4.22 5.26
CA GLY A 48 -13.11 -4.43 6.50
C GLY A 48 -12.28 -5.18 7.53
N TYR A 49 -10.96 -5.06 7.41
CA TYR A 49 -10.05 -5.72 8.34
C TYR A 49 -9.82 -4.86 9.58
N GLN A 50 -9.29 -5.47 10.62
CA GLN A 50 -8.89 -4.74 11.80
C GLN A 50 -7.44 -4.29 11.69
N LYS A 51 -7.07 -3.31 12.50
CA LYS A 51 -5.72 -2.74 12.47
C LYS A 51 -4.67 -3.83 12.61
N ASP A 52 -4.91 -4.75 13.53
CA ASP A 52 -3.98 -5.84 13.80
C ASP A 52 -3.65 -6.61 12.55
N GLN A 53 -4.69 -7.08 11.87
CA GLN A 53 -4.54 -7.85 10.66
C GLN A 53 -3.94 -6.99 9.55
N ALA A 54 -4.44 -5.77 9.44
CA ALA A 54 -3.98 -4.84 8.42
C ALA A 54 -2.47 -4.59 8.52
N GLU A 55 -2.00 -4.34 9.74
CA GLU A 55 -0.58 -4.12 9.98
C GLU A 55 0.24 -5.30 9.45
N LYS A 56 -0.18 -6.50 9.79
CA LYS A 56 0.53 -7.71 9.39
C LYS A 56 0.52 -7.89 7.88
N GLU A 57 -0.58 -7.51 7.25
CA GLU A 57 -0.69 -7.61 5.80
C GLU A 57 0.15 -6.53 5.10
N VAL A 58 0.18 -5.34 5.70
CA VAL A 58 0.98 -4.25 5.14
C VAL A 58 2.46 -4.56 5.20
N VAL A 59 2.93 -5.05 6.35
CA VAL A 59 4.33 -5.46 6.49
C VAL A 59 4.66 -6.56 5.48
N ASP A 60 3.70 -7.45 5.23
CA ASP A 60 3.86 -8.50 4.23
C ASP A 60 4.04 -7.89 2.84
N TRP A 61 3.15 -6.97 2.49
CA TRP A 61 3.27 -6.21 1.25
C TRP A 61 4.62 -5.51 1.20
N GLU A 62 4.96 -4.89 2.31
CA GLU A 62 6.16 -4.10 2.42
C GLU A 62 7.43 -4.95 2.29
N THR A 63 7.39 -6.17 2.81
CA THR A 63 8.56 -7.04 2.76
C THR A 63 8.67 -7.76 1.40
N ARG A 64 7.58 -7.73 0.63
CA ARG A 64 7.58 -8.35 -0.70
C ARG A 64 8.04 -7.35 -1.76
N ASN A 65 7.55 -6.13 -1.66
CA ASN A 65 7.86 -5.10 -2.64
C ASN A 65 9.08 -4.29 -2.21
N GLU A 66 9.06 -3.87 -0.94
CA GLU A 66 10.22 -3.28 -0.26
C GLU A 66 10.44 -1.83 -0.63
N TYR A 67 9.61 -1.32 -1.51
CA TYR A 67 9.74 0.05 -1.96
C TYR A 67 8.91 0.98 -1.09
N ARG A 68 9.48 1.39 0.05
CA ARG A 68 8.86 2.41 0.88
C ARG A 68 9.65 3.70 0.73
N TRP A 69 10.58 3.69 -0.22
CA TRP A 69 11.48 4.81 -0.43
C TRP A 69 11.42 5.25 -1.88
N MET A 1 15.61 8.61 5.35
CA MET A 1 14.72 8.08 4.30
C MET A 1 13.67 9.11 3.91
N ASN A 2 13.79 9.65 2.72
CA ASN A 2 12.90 10.67 2.22
C ASN A 2 11.85 10.05 1.29
N LYS A 3 10.60 10.45 1.45
CA LYS A 3 9.56 10.05 0.51
C LYS A 3 9.94 10.58 -0.87
N ASP A 4 10.23 9.68 -1.78
CA ASP A 4 10.74 10.04 -3.07
C ASP A 4 9.65 10.63 -3.95
N GLU A 5 10.05 11.44 -4.92
CA GLU A 5 9.14 11.94 -5.93
C GLU A 5 8.65 10.78 -6.75
N ALA A 6 7.34 10.53 -6.67
CA ALA A 6 6.74 9.37 -7.30
C ALA A 6 6.85 9.42 -8.82
N GLY A 7 7.95 8.91 -9.33
CA GLY A 7 8.16 8.78 -10.75
C GLY A 7 8.52 7.38 -11.12
N GLY A 8 7.66 6.45 -10.71
CA GLY A 8 7.92 5.04 -10.91
C GLY A 8 7.10 4.21 -9.97
N ASN A 9 7.22 4.47 -8.67
CA ASN A 9 6.46 3.74 -7.66
C ASN A 9 4.96 4.02 -7.80
N TRP A 10 4.66 5.24 -8.22
CA TRP A 10 3.29 5.70 -8.37
C TRP A 10 2.50 4.78 -9.31
N LYS A 11 3.07 4.54 -10.48
CA LYS A 11 2.41 3.73 -11.50
C LYS A 11 2.60 2.23 -11.24
N GLN A 12 3.82 1.83 -10.90
CA GLN A 12 4.17 0.42 -10.80
C GLN A 12 3.48 -0.24 -9.60
N PHE A 13 3.43 0.46 -8.47
CA PHE A 13 2.90 -0.15 -7.25
C PHE A 13 1.41 -0.04 -7.19
N LYS A 14 0.85 0.76 -8.08
CA LYS A 14 -0.59 0.70 -8.29
C LYS A 14 -0.96 -0.71 -8.76
N GLY A 15 -0.14 -1.25 -9.64
CA GLY A 15 -0.32 -2.62 -10.07
C GLY A 15 0.01 -3.62 -8.96
N LYS A 16 1.14 -3.42 -8.31
CA LYS A 16 1.61 -4.36 -7.28
C LYS A 16 0.66 -4.42 -6.08
N VAL A 17 0.24 -3.26 -5.58
CA VAL A 17 -0.71 -3.22 -4.46
C VAL A 17 -2.06 -3.82 -4.87
N LYS A 18 -2.46 -3.64 -6.13
CA LYS A 18 -3.70 -4.24 -6.61
C LYS A 18 -3.55 -5.74 -6.79
N GLU A 19 -2.33 -6.20 -7.08
CA GLU A 19 -2.02 -7.64 -7.06
C GLU A 19 -2.15 -8.15 -5.64
N GLN A 20 -1.56 -7.40 -4.72
CA GLN A 20 -1.60 -7.68 -3.29
C GLN A 20 -3.02 -7.90 -2.79
N TRP A 21 -3.87 -6.90 -2.94
CA TRP A 21 -5.21 -6.99 -2.41
C TRP A 21 -6.27 -6.78 -3.49
N GLY A 22 -6.21 -5.67 -4.20
CA GLY A 22 -7.12 -5.48 -5.33
C GLY A 22 -8.42 -4.82 -4.93
N LYS A 23 -8.84 -5.02 -3.69
CA LYS A 23 -10.04 -4.39 -3.15
C LYS A 23 -9.81 -2.90 -2.96
N LEU A 24 -8.57 -2.49 -3.16
CA LEU A 24 -8.20 -1.09 -3.05
C LEU A 24 -8.70 -0.29 -4.25
N THR A 25 -8.39 1.00 -4.28
CA THR A 25 -9.00 1.92 -5.24
C THR A 25 -8.06 3.05 -5.60
N ASP A 26 -8.23 3.65 -6.77
CA ASP A 26 -7.33 4.71 -7.25
C ASP A 26 -7.11 5.80 -6.20
N ASP A 27 -8.16 6.11 -5.43
CA ASP A 27 -8.05 7.09 -4.34
C ASP A 27 -7.00 6.66 -3.34
N ASP A 28 -6.94 5.37 -3.04
CA ASP A 28 -6.00 4.87 -2.06
C ASP A 28 -4.59 5.02 -2.57
N MET A 29 -4.41 4.62 -3.78
CA MET A 29 -3.10 4.38 -4.30
C MET A 29 -2.34 5.69 -4.47
N THR A 30 -3.08 6.77 -4.72
CA THR A 30 -2.47 8.09 -4.80
C THR A 30 -1.98 8.54 -3.42
N ILE A 31 -2.58 7.99 -2.36
CA ILE A 31 -2.16 8.29 -0.99
C ILE A 31 -1.10 7.27 -0.51
N ILE A 32 -1.30 6.01 -0.89
CA ILE A 32 -0.53 4.89 -0.33
C ILE A 32 0.84 4.71 -1.00
N GLU A 33 1.03 5.32 -2.18
CA GLU A 33 2.25 5.13 -3.01
C GLU A 33 3.53 4.89 -2.20
N GLY A 34 3.77 5.71 -1.18
CA GLY A 34 4.90 5.48 -0.31
C GLY A 34 4.53 5.75 1.13
N LYS A 35 3.38 5.23 1.54
CA LYS A 35 2.89 5.44 2.90
C LYS A 35 2.45 4.13 3.53
N ARG A 36 3.34 3.54 4.31
CA ARG A 36 3.06 2.32 5.09
C ARG A 36 1.77 2.48 5.91
N ASP A 37 1.70 3.59 6.65
CA ASP A 37 0.55 3.87 7.52
C ASP A 37 -0.75 3.91 6.73
N GLN A 38 -0.70 4.49 5.55
CA GLN A 38 -1.91 4.70 4.76
C GLN A 38 -2.48 3.40 4.23
N LEU A 39 -1.62 2.46 3.85
CA LEU A 39 -2.11 1.15 3.39
C LEU A 39 -2.82 0.45 4.53
N VAL A 40 -2.28 0.57 5.74
CA VAL A 40 -2.94 0.01 6.92
C VAL A 40 -4.36 0.54 7.04
N GLY A 41 -4.49 1.86 6.98
CA GLY A 41 -5.80 2.48 7.06
C GLY A 41 -6.72 2.07 5.92
N LYS A 42 -6.17 1.98 4.72
CA LYS A 42 -6.94 1.68 3.52
C LYS A 42 -7.45 0.25 3.50
N ILE A 43 -6.62 -0.70 3.90
CA ILE A 43 -7.04 -2.09 3.98
C ILE A 43 -8.18 -2.23 5.00
N GLN A 44 -8.07 -1.51 6.11
CA GLN A 44 -9.14 -1.49 7.13
C GLN A 44 -10.40 -0.87 6.56
N GLU A 45 -10.22 -0.01 5.57
CA GLU A 45 -11.33 0.71 4.95
C GLU A 45 -12.02 -0.15 3.90
N ARG A 46 -11.23 -0.64 2.95
CA ARG A 46 -11.74 -1.35 1.79
C ARG A 46 -12.40 -2.67 2.19
N TYR A 47 -11.64 -3.54 2.84
CA TYR A 47 -12.20 -4.81 3.30
C TYR A 47 -12.97 -4.62 4.60
N GLY A 48 -12.36 -3.90 5.52
CA GLY A 48 -12.94 -3.75 6.84
C GLY A 48 -12.26 -4.64 7.84
N TYR A 49 -10.93 -4.65 7.82
CA TYR A 49 -10.14 -5.46 8.74
C TYR A 49 -9.79 -4.69 9.99
N GLN A 50 -9.26 -5.40 10.98
CA GLN A 50 -8.75 -4.77 12.18
C GLN A 50 -7.32 -4.33 11.94
N LYS A 51 -6.87 -3.33 12.69
CA LYS A 51 -5.52 -2.81 12.52
C LYS A 51 -4.47 -3.90 12.70
N ASP A 52 -4.79 -4.87 13.56
CA ASP A 52 -3.92 -6.01 13.80
C ASP A 52 -3.60 -6.73 12.50
N GLN A 53 -4.65 -7.14 11.82
CA GLN A 53 -4.52 -7.90 10.60
C GLN A 53 -3.95 -7.03 9.48
N ALA A 54 -4.47 -5.81 9.37
CA ALA A 54 -4.07 -4.90 8.30
C ALA A 54 -2.57 -4.66 8.30
N GLU A 55 -2.01 -4.40 9.48
CA GLU A 55 -0.59 -4.13 9.59
C GLU A 55 0.22 -5.36 9.22
N LYS A 56 -0.24 -6.53 9.65
CA LYS A 56 0.43 -7.79 9.33
C LYS A 56 0.49 -8.01 7.83
N GLU A 57 -0.60 -7.68 7.13
CA GLU A 57 -0.65 -7.80 5.68
C GLU A 57 0.28 -6.79 5.03
N VAL A 58 0.32 -5.58 5.59
CA VAL A 58 1.19 -4.53 5.08
C VAL A 58 2.66 -4.92 5.22
N VAL A 59 3.02 -5.46 6.39
CA VAL A 59 4.38 -5.90 6.67
C VAL A 59 4.81 -7.01 5.70
N ASP A 60 3.90 -7.92 5.39
CA ASP A 60 4.19 -8.99 4.45
C ASP A 60 4.46 -8.42 3.06
N TRP A 61 3.51 -7.62 2.56
CA TRP A 61 3.66 -6.96 1.27
C TRP A 61 4.93 -6.12 1.24
N GLU A 62 5.19 -5.50 2.38
CA GLU A 62 6.38 -4.68 2.56
C GLU A 62 7.64 -5.44 2.20
N THR A 63 7.84 -6.60 2.81
CA THR A 63 9.04 -7.38 2.59
C THR A 63 9.12 -7.90 1.14
N ARG A 64 7.97 -8.12 0.52
CA ARG A 64 7.95 -8.63 -0.85
C ARG A 64 8.55 -7.61 -1.82
N ASN A 65 8.17 -6.34 -1.65
CA ASN A 65 8.53 -5.31 -2.61
C ASN A 65 9.61 -4.38 -2.07
N GLU A 66 9.42 -3.89 -0.85
CA GLU A 66 10.41 -3.07 -0.12
C GLU A 66 10.38 -1.61 -0.56
N TYR A 67 10.18 -1.38 -1.84
CA TYR A 67 10.11 -0.02 -2.37
C TYR A 67 8.75 0.59 -2.04
N ARG A 68 8.71 1.32 -0.91
CA ARG A 68 7.50 1.99 -0.45
C ARG A 68 7.79 2.74 0.84
N TRP A 69 8.53 2.06 1.74
CA TRP A 69 8.83 2.56 3.07
C TRP A 69 7.61 2.43 3.99
N MET A 1 10.71 15.47 5.99
CA MET A 1 10.39 15.44 4.55
C MET A 1 9.74 14.13 4.15
N ASN A 2 8.54 14.21 3.58
CA ASN A 2 7.89 13.06 2.99
C ASN A 2 8.07 13.14 1.47
N LYS A 3 8.67 12.11 0.90
CA LYS A 3 8.89 12.06 -0.54
C LYS A 3 7.59 11.83 -1.28
N ASP A 4 7.45 12.43 -2.44
CA ASP A 4 6.27 12.21 -3.26
C ASP A 4 6.64 11.48 -4.55
N GLU A 5 6.15 10.24 -4.67
CA GLU A 5 6.29 9.50 -5.91
C GLU A 5 4.91 9.24 -6.50
N ALA A 6 4.78 9.41 -7.80
CA ALA A 6 3.51 9.19 -8.48
C ALA A 6 3.71 9.00 -9.98
N GLY A 7 4.88 8.50 -10.36
CA GLY A 7 5.17 8.33 -11.77
C GLY A 7 5.83 7.01 -12.09
N GLY A 8 7.06 6.83 -11.64
CA GLY A 8 7.84 5.66 -12.01
C GLY A 8 7.49 4.44 -11.19
N ASN A 9 7.74 4.51 -9.90
CA ASN A 9 7.53 3.37 -9.02
C ASN A 9 6.08 3.30 -8.57
N TRP A 10 5.44 4.46 -8.43
CA TRP A 10 4.06 4.51 -7.96
C TRP A 10 3.15 3.70 -8.85
N LYS A 11 3.35 3.77 -10.16
CA LYS A 11 2.53 3.01 -11.09
C LYS A 11 2.78 1.51 -10.93
N GLN A 12 4.05 1.13 -10.84
CA GLN A 12 4.43 -0.27 -10.73
C GLN A 12 3.96 -0.84 -9.39
N PHE A 13 3.97 0.04 -8.41
CA PHE A 13 3.63 -0.33 -7.06
C PHE A 13 2.12 -0.39 -6.87
N LYS A 14 1.44 0.64 -7.40
CA LYS A 14 -0.01 0.71 -7.40
C LYS A 14 -0.61 -0.60 -7.90
N GLY A 15 -0.11 -1.05 -9.04
CA GLY A 15 -0.58 -2.28 -9.62
C GLY A 15 -0.31 -3.49 -8.76
N LYS A 16 0.78 -3.46 -8.00
CA LYS A 16 1.20 -4.62 -7.23
C LYS A 16 0.38 -4.71 -5.96
N VAL A 17 -0.05 -3.56 -5.46
CA VAL A 17 -0.96 -3.51 -4.33
C VAL A 17 -2.33 -4.07 -4.74
N LYS A 18 -2.66 -3.88 -6.01
CA LYS A 18 -3.90 -4.42 -6.55
C LYS A 18 -3.79 -5.93 -6.74
N GLU A 19 -2.57 -6.42 -6.88
CA GLU A 19 -2.33 -7.86 -6.96
C GLU A 19 -2.57 -8.53 -5.62
N GLN A 20 -2.02 -7.95 -4.56
CA GLN A 20 -2.18 -8.52 -3.23
C GLN A 20 -3.57 -8.19 -2.68
N TRP A 21 -3.85 -6.90 -2.51
CA TRP A 21 -5.13 -6.46 -2.02
C TRP A 21 -6.13 -6.38 -3.18
N GLY A 22 -6.00 -5.36 -4.01
CA GLY A 22 -6.87 -5.23 -5.16
C GLY A 22 -8.16 -4.51 -4.83
N LYS A 23 -8.54 -4.51 -3.56
CA LYS A 23 -9.74 -3.83 -3.11
C LYS A 23 -9.56 -2.33 -3.19
N LEU A 24 -8.31 -1.90 -3.22
CA LEU A 24 -7.98 -0.49 -3.30
C LEU A 24 -7.96 -0.04 -4.76
N THR A 25 -8.50 1.14 -4.99
CA THR A 25 -8.57 1.71 -6.33
C THR A 25 -7.52 2.79 -6.52
N ASP A 26 -7.52 3.44 -7.69
CA ASP A 26 -6.59 4.53 -7.96
C ASP A 26 -6.71 5.64 -6.92
N ASP A 27 -7.96 5.96 -6.56
CA ASP A 27 -8.25 6.98 -5.56
C ASP A 27 -7.46 6.71 -4.28
N ASP A 28 -7.62 5.49 -3.76
CA ASP A 28 -7.02 5.10 -2.49
C ASP A 28 -5.52 5.22 -2.57
N MET A 29 -4.96 4.66 -3.62
CA MET A 29 -3.53 4.56 -3.78
C MET A 29 -2.89 5.91 -4.10
N THR A 30 -3.70 6.85 -4.57
CA THR A 30 -3.23 8.22 -4.77
C THR A 30 -3.17 8.94 -3.42
N ILE A 31 -4.02 8.50 -2.49
CA ILE A 31 -4.01 9.05 -1.14
C ILE A 31 -2.84 8.45 -0.35
N ILE A 32 -2.44 7.25 -0.75
CA ILE A 32 -1.40 6.51 -0.05
C ILE A 32 -0.03 6.94 -0.54
N GLU A 33 0.15 6.92 -1.87
CA GLU A 33 1.40 7.33 -2.52
C GLU A 33 2.54 6.35 -2.21
N GLY A 34 2.84 6.17 -0.95
CA GLY A 34 3.87 5.26 -0.54
C GLY A 34 4.02 5.26 0.95
N LYS A 35 2.95 5.68 1.62
CA LYS A 35 2.95 5.76 3.07
C LYS A 35 2.50 4.44 3.68
N ARG A 36 3.31 3.94 4.58
CA ARG A 36 3.07 2.65 5.23
C ARG A 36 1.80 2.72 6.08
N ASP A 37 1.67 3.82 6.82
CA ASP A 37 0.51 4.03 7.69
C ASP A 37 -0.78 4.14 6.88
N GLN A 38 -0.72 4.88 5.77
CA GLN A 38 -1.89 5.10 4.93
C GLN A 38 -2.45 3.80 4.38
N LEU A 39 -1.57 2.88 3.97
CA LEU A 39 -2.03 1.60 3.47
C LEU A 39 -2.75 0.83 4.56
N VAL A 40 -2.18 0.83 5.77
CA VAL A 40 -2.82 0.18 6.91
C VAL A 40 -4.23 0.71 7.09
N GLY A 41 -4.37 2.03 7.04
CA GLY A 41 -5.69 2.65 7.12
C GLY A 41 -6.60 2.17 6.01
N LYS A 42 -6.11 2.22 4.78
CA LYS A 42 -6.90 1.85 3.61
C LYS A 42 -7.32 0.38 3.64
N ILE A 43 -6.43 -0.48 4.09
CA ILE A 43 -6.77 -1.90 4.28
C ILE A 43 -7.96 -2.02 5.23
N GLN A 44 -7.89 -1.31 6.35
CA GLN A 44 -8.94 -1.33 7.35
C GLN A 44 -10.23 -0.68 6.82
N GLU A 45 -10.09 0.12 5.79
CA GLU A 45 -11.23 0.86 5.24
C GLU A 45 -11.94 0.07 4.15
N ARG A 46 -11.18 -0.32 3.14
CA ARG A 46 -11.74 -0.91 1.94
C ARG A 46 -12.25 -2.32 2.20
N TYR A 47 -11.54 -3.06 3.03
CA TYR A 47 -12.00 -4.38 3.44
C TYR A 47 -12.82 -4.28 4.71
N GLY A 48 -12.29 -3.52 5.66
CA GLY A 48 -12.86 -3.47 6.98
C GLY A 48 -12.14 -4.38 7.94
N TYR A 49 -10.82 -4.53 7.72
CA TYR A 49 -10.00 -5.42 8.54
C TYR A 49 -9.62 -4.80 9.87
N GLN A 50 -9.03 -5.61 10.73
CA GLN A 50 -8.47 -5.15 11.98
C GLN A 50 -7.08 -4.57 11.72
N LYS A 51 -6.65 -3.65 12.56
CA LYS A 51 -5.31 -3.06 12.45
C LYS A 51 -4.25 -4.16 12.56
N ASP A 52 -4.57 -5.14 13.39
CA ASP A 52 -3.72 -6.32 13.58
C ASP A 52 -3.45 -7.00 12.25
N GLN A 53 -4.51 -7.37 11.54
CA GLN A 53 -4.37 -8.09 10.28
C GLN A 53 -3.84 -7.16 9.20
N ALA A 54 -4.25 -5.90 9.25
CA ALA A 54 -3.85 -4.92 8.25
C ALA A 54 -2.33 -4.80 8.19
N GLU A 55 -1.70 -4.67 9.35
CA GLU A 55 -0.25 -4.54 9.41
C GLU A 55 0.44 -5.84 9.04
N LYS A 56 -0.16 -6.97 9.40
CA LYS A 56 0.39 -8.27 9.07
C LYS A 56 0.42 -8.48 7.56
N GLU A 57 -0.65 -8.09 6.88
CA GLU A 57 -0.69 -8.14 5.42
C GLU A 57 0.33 -7.17 4.83
N VAL A 58 0.51 -6.04 5.51
CA VAL A 58 1.51 -5.07 5.10
C VAL A 58 2.90 -5.69 5.15
N VAL A 59 3.27 -6.25 6.29
CA VAL A 59 4.64 -6.77 6.51
C VAL A 59 5.01 -7.81 5.44
N ASP A 60 4.09 -8.72 5.16
CA ASP A 60 4.34 -9.78 4.18
C ASP A 60 4.67 -9.19 2.81
N TRP A 61 3.72 -8.45 2.27
CA TRP A 61 3.86 -7.91 0.93
C TRP A 61 4.89 -6.78 0.90
N GLU A 62 5.11 -6.15 2.03
CA GLU A 62 6.11 -5.11 2.16
C GLU A 62 7.49 -5.66 1.89
N THR A 63 7.87 -6.68 2.66
CA THR A 63 9.20 -7.24 2.58
C THR A 63 9.43 -7.91 1.23
N ARG A 64 8.34 -8.25 0.54
CA ARG A 64 8.43 -8.71 -0.84
C ARG A 64 9.06 -7.65 -1.75
N ASN A 65 8.67 -6.40 -1.55
CA ASN A 65 9.10 -5.31 -2.42
C ASN A 65 10.18 -4.46 -1.75
N GLU A 66 9.83 -3.88 -0.60
CA GLU A 66 10.77 -3.14 0.27
C GLU A 66 10.88 -1.68 -0.15
N TYR A 67 10.82 -1.43 -1.45
CA TYR A 67 10.97 -0.08 -1.96
C TYR A 67 9.66 0.70 -1.82
N ARG A 68 9.44 1.24 -0.64
CA ARG A 68 8.28 2.08 -0.38
C ARG A 68 8.72 3.38 0.27
N TRP A 69 9.73 3.27 1.14
CA TRP A 69 10.29 4.40 1.88
C TRP A 69 9.31 4.86 2.95
N MET A 1 18.32 10.86 7.01
CA MET A 1 18.57 10.56 5.59
C MET A 1 17.32 10.87 4.77
N ASN A 2 17.52 11.33 3.54
CA ASN A 2 16.42 11.74 2.70
C ASN A 2 15.82 10.56 1.93
N LYS A 3 14.54 10.34 2.11
CA LYS A 3 13.82 9.39 1.28
C LYS A 3 13.19 10.11 0.10
N ASP A 4 13.38 9.58 -1.10
CA ASP A 4 12.67 10.09 -2.26
C ASP A 4 11.19 9.76 -2.08
N GLU A 5 10.31 10.56 -2.65
CA GLU A 5 8.89 10.29 -2.50
C GLU A 5 8.30 9.91 -3.85
N ALA A 6 7.92 8.64 -3.98
CA ALA A 6 7.35 8.08 -5.21
C ALA A 6 8.36 8.12 -6.36
N GLY A 7 8.66 9.31 -6.86
CA GLY A 7 9.60 9.45 -7.96
C GLY A 7 9.20 8.64 -9.16
N GLY A 8 7.91 8.52 -9.39
CA GLY A 8 7.41 7.77 -10.52
C GLY A 8 6.93 6.37 -10.12
N ASN A 9 7.23 5.94 -8.91
CA ASN A 9 6.84 4.61 -8.46
C ASN A 9 5.33 4.51 -8.28
N TRP A 10 4.68 5.67 -8.17
CA TRP A 10 3.27 5.73 -7.82
C TRP A 10 2.43 4.95 -8.83
N LYS A 11 2.64 5.20 -10.12
CA LYS A 11 1.84 4.55 -11.15
C LYS A 11 2.06 3.04 -11.13
N GLN A 12 3.27 2.64 -10.78
CA GLN A 12 3.65 1.23 -10.81
C GLN A 12 3.12 0.50 -9.57
N PHE A 13 3.27 1.11 -8.40
CA PHE A 13 2.86 0.46 -7.16
C PHE A 13 1.38 0.63 -6.91
N LYS A 14 0.76 1.46 -7.71
CA LYS A 14 -0.69 1.47 -7.76
C LYS A 14 -1.15 0.09 -8.22
N GLY A 15 -0.45 -0.45 -9.21
CA GLY A 15 -0.72 -1.79 -9.68
C GLY A 15 -0.22 -2.84 -8.71
N LYS A 16 0.97 -2.64 -8.16
CA LYS A 16 1.60 -3.62 -7.28
C LYS A 16 0.80 -3.83 -6.00
N VAL A 17 0.40 -2.74 -5.35
CA VAL A 17 -0.45 -2.85 -4.16
C VAL A 17 -1.83 -3.40 -4.54
N LYS A 18 -2.28 -3.11 -5.75
CA LYS A 18 -3.56 -3.64 -6.24
C LYS A 18 -3.46 -5.16 -6.45
N GLU A 19 -2.28 -5.62 -6.84
CA GLU A 19 -2.03 -7.06 -6.96
C GLU A 19 -2.03 -7.71 -5.57
N GLN A 20 -1.64 -6.93 -4.58
CA GLN A 20 -1.70 -7.35 -3.18
C GLN A 20 -3.15 -7.41 -2.72
N TRP A 21 -3.84 -6.28 -2.79
CA TRP A 21 -5.24 -6.18 -2.38
C TRP A 21 -6.06 -5.51 -3.48
N GLY A 22 -6.77 -6.33 -4.23
CA GLY A 22 -7.54 -5.85 -5.35
C GLY A 22 -8.77 -5.04 -4.95
N LYS A 23 -9.05 -5.00 -3.66
CA LYS A 23 -10.16 -4.22 -3.15
C LYS A 23 -9.86 -2.72 -3.25
N LEU A 24 -8.58 -2.40 -3.19
CA LEU A 24 -8.13 -1.02 -3.26
C LEU A 24 -8.28 -0.47 -4.67
N THR A 25 -8.61 0.81 -4.76
CA THR A 25 -8.86 1.45 -6.05
C THR A 25 -7.94 2.64 -6.26
N ASP A 26 -8.10 3.31 -7.40
CA ASP A 26 -7.15 4.34 -7.86
C ASP A 26 -6.90 5.41 -6.79
N ASP A 27 -7.96 5.89 -6.14
CA ASP A 27 -7.79 6.88 -5.07
C ASP A 27 -6.85 6.34 -4.01
N ASP A 28 -7.11 5.13 -3.57
CA ASP A 28 -6.35 4.51 -2.49
C ASP A 28 -4.90 4.40 -2.89
N MET A 29 -4.68 3.78 -4.03
CA MET A 29 -3.34 3.48 -4.52
C MET A 29 -2.50 4.75 -4.63
N THR A 30 -3.13 5.82 -5.10
CA THR A 30 -2.43 7.08 -5.33
C THR A 30 -1.98 7.72 -4.01
N ILE A 31 -2.70 7.45 -2.94
CA ILE A 31 -2.33 8.01 -1.63
C ILE A 31 -1.27 7.15 -0.97
N ILE A 32 -1.32 5.84 -1.26
CA ILE A 32 -0.40 4.90 -0.64
C ILE A 32 1.01 5.02 -1.25
N GLU A 33 1.13 4.62 -2.53
CA GLU A 33 2.42 4.54 -3.29
C GLU A 33 3.56 3.82 -2.53
N GLY A 34 3.97 4.34 -1.38
CA GLY A 34 5.01 3.71 -0.59
C GLY A 34 4.85 4.04 0.89
N LYS A 35 3.65 4.50 1.24
CA LYS A 35 3.32 4.93 2.59
C LYS A 35 2.81 3.75 3.41
N ARG A 36 3.53 3.45 4.47
CA ARG A 36 3.22 2.31 5.34
C ARG A 36 1.87 2.53 6.02
N ASP A 37 1.69 3.72 6.58
CA ASP A 37 0.46 4.06 7.29
C ASP A 37 -0.75 4.05 6.37
N GLN A 38 -0.53 4.43 5.12
CA GLN A 38 -1.61 4.50 4.13
C GLN A 38 -2.20 3.13 3.85
N LEU A 39 -1.35 2.15 3.52
CA LEU A 39 -1.84 0.81 3.22
C LEU A 39 -2.52 0.22 4.44
N VAL A 40 -1.95 0.45 5.61
CA VAL A 40 -2.56 -0.03 6.86
C VAL A 40 -4.02 0.43 6.95
N GLY A 41 -4.22 1.74 6.84
CA GLY A 41 -5.55 2.28 6.93
C GLY A 41 -6.45 1.82 5.81
N LYS A 42 -5.89 1.78 4.60
CA LYS A 42 -6.66 1.38 3.41
C LYS A 42 -7.20 -0.03 3.54
N ILE A 43 -6.37 -0.97 3.99
CA ILE A 43 -6.84 -2.34 4.21
C ILE A 43 -7.98 -2.37 5.23
N GLN A 44 -7.82 -1.61 6.32
CA GLN A 44 -8.81 -1.56 7.39
C GLN A 44 -10.15 -1.02 6.89
N GLU A 45 -10.11 -0.21 5.85
CA GLU A 45 -11.31 0.45 5.36
C GLU A 45 -11.95 -0.32 4.21
N ARG A 46 -11.16 -0.59 3.17
CA ARG A 46 -11.68 -1.19 1.95
C ARG A 46 -12.27 -2.58 2.20
N TYR A 47 -11.55 -3.40 2.98
CA TYR A 47 -12.08 -4.70 3.38
C TYR A 47 -12.86 -4.56 4.66
N GLY A 48 -12.29 -3.81 5.58
CA GLY A 48 -12.88 -3.67 6.89
C GLY A 48 -12.20 -4.56 7.91
N TYR A 49 -10.87 -4.54 7.92
CA TYR A 49 -10.10 -5.34 8.84
C TYR A 49 -9.68 -4.53 10.06
N GLN A 50 -9.20 -5.23 11.07
CA GLN A 50 -8.67 -4.58 12.25
C GLN A 50 -7.22 -4.17 11.99
N LYS A 51 -6.74 -3.17 12.74
CA LYS A 51 -5.40 -2.65 12.57
C LYS A 51 -4.38 -3.77 12.73
N ASP A 52 -4.67 -4.70 13.64
CA ASP A 52 -3.80 -5.85 13.90
C ASP A 52 -3.59 -6.66 12.64
N GLN A 53 -4.69 -7.08 12.02
CA GLN A 53 -4.63 -7.90 10.84
C GLN A 53 -4.06 -7.12 9.67
N ALA A 54 -4.49 -5.86 9.55
CA ALA A 54 -4.07 -5.02 8.45
C ALA A 54 -2.56 -4.84 8.44
N GLU A 55 -1.98 -4.54 9.59
CA GLU A 55 -0.54 -4.36 9.68
C GLU A 55 0.20 -5.64 9.31
N LYS A 56 -0.35 -6.78 9.71
CA LYS A 56 0.23 -8.07 9.35
C LYS A 56 0.29 -8.22 7.82
N GLU A 57 -0.80 -7.85 7.16
CA GLU A 57 -0.88 -7.97 5.72
C GLU A 57 -0.02 -6.90 5.04
N VAL A 58 0.12 -5.75 5.71
CA VAL A 58 1.01 -4.71 5.25
C VAL A 58 2.45 -5.16 5.33
N VAL A 59 2.83 -5.79 6.43
CA VAL A 59 4.18 -6.30 6.63
C VAL A 59 4.58 -7.26 5.52
N ASP A 60 3.66 -8.14 5.12
CA ASP A 60 3.93 -9.09 4.06
C ASP A 60 4.25 -8.37 2.76
N TRP A 61 3.41 -7.40 2.41
CA TRP A 61 3.64 -6.56 1.22
C TRP A 61 4.95 -5.80 1.38
N GLU A 62 5.14 -5.28 2.59
CA GLU A 62 6.27 -4.43 2.94
C GLU A 62 7.59 -5.16 2.72
N THR A 63 7.70 -6.36 3.25
CA THR A 63 8.93 -7.14 3.14
C THR A 63 9.05 -7.80 1.77
N ARG A 64 7.95 -7.84 1.04
CA ARG A 64 7.93 -8.45 -0.28
C ARG A 64 8.39 -7.47 -1.34
N ASN A 65 7.92 -6.23 -1.24
CA ASN A 65 8.30 -5.18 -2.19
C ASN A 65 9.48 -4.40 -1.68
N GLU A 66 9.29 -3.78 -0.51
CA GLU A 66 10.36 -3.08 0.22
C GLU A 66 10.66 -1.72 -0.40
N TYR A 67 10.13 -1.49 -1.59
CA TYR A 67 10.24 -0.19 -2.23
C TYR A 67 9.34 0.79 -1.49
N ARG A 68 9.94 1.59 -0.63
CA ARG A 68 9.20 2.44 0.29
C ARG A 68 9.44 3.90 -0.05
N TRP A 69 10.34 4.14 -1.00
CA TRP A 69 10.72 5.49 -1.38
C TRP A 69 10.01 5.92 -2.65
N MET A 1 15.44 6.55 1.49
CA MET A 1 15.83 7.71 0.66
C MET A 1 14.68 8.69 0.56
N ASN A 2 14.90 9.81 -0.09
CA ASN A 2 13.82 10.73 -0.39
C ASN A 2 13.00 10.13 -1.52
N LYS A 3 11.72 9.93 -1.28
CA LYS A 3 10.86 9.25 -2.22
C LYS A 3 10.82 9.98 -3.56
N ASP A 4 11.12 9.26 -4.62
CA ASP A 4 11.24 9.84 -5.95
C ASP A 4 9.88 10.06 -6.58
N GLU A 5 9.87 10.78 -7.70
CA GLU A 5 8.64 11.16 -8.39
C GLU A 5 7.75 9.94 -8.65
N ALA A 6 6.47 10.07 -8.33
CA ALA A 6 5.52 9.00 -8.53
C ALA A 6 5.13 8.89 -10.00
N GLY A 7 5.90 8.11 -10.73
CA GLY A 7 5.64 7.90 -12.14
C GLY A 7 6.49 6.77 -12.69
N GLY A 8 5.89 5.85 -13.42
CA GLY A 8 6.61 4.68 -13.85
C GLY A 8 6.73 3.65 -12.75
N ASN A 9 7.57 3.94 -11.77
CA ASN A 9 7.75 3.07 -10.61
C ASN A 9 6.48 3.00 -9.78
N TRP A 10 5.79 4.13 -9.69
CA TRP A 10 4.54 4.20 -8.98
C TRP A 10 3.45 3.45 -9.73
N LYS A 11 3.49 3.54 -11.05
CA LYS A 11 2.55 2.85 -11.91
C LYS A 11 2.68 1.34 -11.71
N GLN A 12 3.92 0.91 -11.45
CA GLN A 12 4.22 -0.48 -11.16
C GLN A 12 3.59 -0.90 -9.83
N PHE A 13 3.67 -0.03 -8.83
CA PHE A 13 3.14 -0.35 -7.51
C PHE A 13 1.63 -0.31 -7.49
N LYS A 14 1.06 0.62 -8.21
CA LYS A 14 -0.39 0.65 -8.34
C LYS A 14 -0.90 -0.69 -8.86
N GLY A 15 -0.19 -1.25 -9.83
CA GLY A 15 -0.52 -2.58 -10.32
C GLY A 15 -0.17 -3.66 -9.31
N LYS A 16 0.98 -3.52 -8.67
CA LYS A 16 1.49 -4.52 -7.74
C LYS A 16 0.60 -4.64 -6.50
N VAL A 17 0.17 -3.50 -5.98
CA VAL A 17 -0.70 -3.49 -4.82
C VAL A 17 -2.11 -3.94 -5.18
N LYS A 18 -2.51 -3.79 -6.44
CA LYS A 18 -3.80 -4.33 -6.87
C LYS A 18 -3.75 -5.85 -7.04
N GLU A 19 -2.54 -6.39 -7.16
CA GLU A 19 -2.35 -7.84 -7.11
C GLU A 19 -2.40 -8.30 -5.65
N GLN A 20 -1.91 -7.43 -4.78
CA GLN A 20 -1.95 -7.67 -3.33
C GLN A 20 -3.38 -7.56 -2.79
N TRP A 21 -3.94 -6.38 -2.92
CA TRP A 21 -5.28 -6.08 -2.45
C TRP A 21 -6.09 -5.44 -3.58
N GLY A 22 -6.88 -6.27 -4.26
CA GLY A 22 -7.63 -5.80 -5.41
C GLY A 22 -8.80 -4.89 -5.03
N LYS A 23 -9.04 -4.75 -3.75
CA LYS A 23 -10.11 -3.87 -3.26
C LYS A 23 -9.70 -2.41 -3.37
N LEU A 24 -8.40 -2.15 -3.25
CA LEU A 24 -7.90 -0.78 -3.26
C LEU A 24 -8.01 -0.18 -4.65
N THR A 25 -8.43 1.08 -4.70
CA THR A 25 -8.65 1.76 -5.96
C THR A 25 -7.53 2.76 -6.23
N ASP A 26 -7.72 3.58 -7.26
CA ASP A 26 -6.69 4.51 -7.70
C ASP A 26 -6.41 5.57 -6.62
N ASP A 27 -7.49 6.11 -6.06
CA ASP A 27 -7.37 7.15 -5.03
C ASP A 27 -6.72 6.61 -3.77
N ASP A 28 -7.05 5.37 -3.40
CA ASP A 28 -6.54 4.77 -2.18
C ASP A 28 -5.03 4.72 -2.22
N MET A 29 -4.51 4.13 -3.27
CA MET A 29 -3.08 3.95 -3.38
C MET A 29 -2.38 5.29 -3.53
N THR A 30 -3.03 6.24 -4.19
CA THR A 30 -2.47 7.57 -4.35
C THR A 30 -2.13 8.18 -2.97
N ILE A 31 -2.96 7.90 -1.98
CA ILE A 31 -2.72 8.37 -0.63
C ILE A 31 -1.67 7.49 0.06
N ILE A 32 -1.57 6.25 -0.40
CA ILE A 32 -0.65 5.27 0.19
C ILE A 32 0.78 5.46 -0.31
N GLU A 33 0.91 6.16 -1.45
CA GLU A 33 2.19 6.42 -2.14
C GLU A 33 3.39 6.45 -1.20
N GLY A 34 3.35 7.33 -0.21
CA GLY A 34 4.47 7.44 0.70
C GLY A 34 4.03 7.26 2.13
N LYS A 35 2.89 6.64 2.34
CA LYS A 35 2.34 6.49 3.68
C LYS A 35 2.11 5.02 4.02
N ARG A 36 3.02 4.48 4.81
CA ARG A 36 2.94 3.12 5.31
C ARG A 36 1.65 2.97 6.13
N ASP A 37 1.39 3.98 6.95
CA ASP A 37 0.19 4.03 7.77
C ASP A 37 -1.08 4.05 6.90
N GLN A 38 -0.98 4.67 5.73
CA GLN A 38 -2.12 4.76 4.83
C GLN A 38 -2.54 3.39 4.32
N LEU A 39 -1.58 2.54 3.96
CA LEU A 39 -1.96 1.19 3.52
C LEU A 39 -2.63 0.44 4.68
N VAL A 40 -2.10 0.60 5.89
CA VAL A 40 -2.75 0.01 7.06
C VAL A 40 -4.20 0.48 7.16
N GLY A 41 -4.38 1.78 7.07
CA GLY A 41 -5.72 2.35 7.10
C GLY A 41 -6.60 1.84 5.96
N LYS A 42 -6.04 1.80 4.76
CA LYS A 42 -6.78 1.39 3.58
C LYS A 42 -7.25 -0.06 3.67
N ILE A 43 -6.39 -0.95 4.14
CA ILE A 43 -6.79 -2.35 4.32
C ILE A 43 -8.00 -2.44 5.25
N GLN A 44 -7.91 -1.70 6.36
CA GLN A 44 -8.97 -1.69 7.36
C GLN A 44 -10.29 -1.17 6.77
N GLU A 45 -10.19 -0.15 5.94
CA GLU A 45 -11.38 0.53 5.44
C GLU A 45 -11.94 -0.13 4.18
N ARG A 46 -11.07 -0.57 3.30
CA ARG A 46 -11.49 -1.09 2.01
C ARG A 46 -12.15 -2.46 2.16
N TYR A 47 -11.52 -3.34 2.92
CA TYR A 47 -12.06 -4.68 3.15
C TYR A 47 -12.90 -4.71 4.42
N GLY A 48 -12.34 -4.12 5.46
CA GLY A 48 -12.95 -4.21 6.77
C GLY A 48 -12.16 -5.13 7.67
N TYR A 49 -10.93 -4.75 7.95
CA TYR A 49 -10.05 -5.55 8.80
C TYR A 49 -9.63 -4.77 10.03
N GLN A 50 -9.14 -5.48 11.02
CA GLN A 50 -8.59 -4.87 12.22
C GLN A 50 -7.18 -4.38 11.95
N LYS A 51 -6.72 -3.39 12.71
CA LYS A 51 -5.39 -2.84 12.55
C LYS A 51 -4.34 -3.92 12.72
N ASP A 52 -4.63 -4.87 13.60
CA ASP A 52 -3.73 -5.99 13.86
C ASP A 52 -3.44 -6.76 12.57
N GLN A 53 -4.50 -7.16 11.90
CA GLN A 53 -4.38 -7.95 10.69
C GLN A 53 -3.88 -7.08 9.54
N ALA A 54 -4.29 -5.82 9.55
CA ALA A 54 -3.88 -4.88 8.51
C ALA A 54 -2.37 -4.70 8.50
N GLU A 55 -1.78 -4.49 9.68
CA GLU A 55 -0.35 -4.31 9.79
C GLU A 55 0.39 -5.57 9.36
N LYS A 56 -0.17 -6.72 9.70
CA LYS A 56 0.41 -8.00 9.30
C LYS A 56 0.46 -8.10 7.77
N GLU A 57 -0.63 -7.72 7.13
CA GLU A 57 -0.72 -7.77 5.67
C GLU A 57 0.19 -6.72 5.03
N VAL A 58 0.31 -5.56 5.67
CA VAL A 58 1.19 -4.51 5.17
C VAL A 58 2.63 -4.97 5.17
N VAL A 59 3.07 -5.58 6.28
CA VAL A 59 4.43 -6.10 6.37
C VAL A 59 4.68 -7.17 5.30
N ASP A 60 3.66 -7.99 5.07
CA ASP A 60 3.72 -9.06 4.08
C ASP A 60 3.98 -8.48 2.69
N TRP A 61 3.16 -7.50 2.30
CA TRP A 61 3.35 -6.80 1.04
C TRP A 61 4.68 -6.04 1.03
N GLU A 62 4.98 -5.45 2.18
CA GLU A 62 6.17 -4.62 2.36
C GLU A 62 7.43 -5.40 1.96
N THR A 63 7.57 -6.59 2.55
CA THR A 63 8.76 -7.40 2.32
C THR A 63 8.80 -7.97 0.90
N ARG A 64 7.63 -8.08 0.27
CA ARG A 64 7.57 -8.50 -1.13
C ARG A 64 8.27 -7.51 -2.06
N ASN A 65 8.02 -6.23 -1.83
CA ASN A 65 8.48 -5.19 -2.74
C ASN A 65 9.69 -4.45 -2.20
N GLU A 66 9.49 -3.80 -1.05
CA GLU A 66 10.58 -3.18 -0.27
C GLU A 66 10.84 -1.74 -0.72
N TYR A 67 10.67 -1.48 -2.00
CA TYR A 67 10.87 -0.14 -2.53
C TYR A 67 9.73 0.78 -2.10
N ARG A 68 9.90 1.39 -0.93
CA ARG A 68 8.86 2.27 -0.38
C ARG A 68 9.48 3.28 0.59
N TRP A 69 10.80 3.23 0.72
CA TRP A 69 11.51 4.06 1.70
C TRP A 69 12.02 5.33 1.04
N MET A 1 8.76 15.69 7.01
CA MET A 1 9.55 15.42 5.78
C MET A 1 8.69 14.73 4.75
N ASN A 2 9.04 14.91 3.48
CA ASN A 2 8.30 14.30 2.40
C ASN A 2 8.97 13.03 1.95
N LYS A 3 8.18 12.07 1.51
CA LYS A 3 8.72 10.87 0.90
C LYS A 3 9.24 11.23 -0.48
N ASP A 4 10.24 10.53 -0.97
CA ASP A 4 10.83 10.86 -2.27
C ASP A 4 9.77 10.69 -3.35
N GLU A 5 9.75 11.63 -4.29
CA GLU A 5 8.68 11.72 -5.26
C GLU A 5 8.64 10.51 -6.19
N ALA A 6 7.46 9.92 -6.30
CA ALA A 6 7.25 8.76 -7.13
C ALA A 6 6.52 9.15 -8.41
N GLY A 7 7.21 9.09 -9.53
CA GLY A 7 6.64 9.51 -10.80
C GLY A 7 6.32 8.34 -11.71
N GLY A 8 7.32 7.50 -11.94
CA GLY A 8 7.11 6.32 -12.78
C GLY A 8 6.94 5.07 -11.95
N ASN A 9 7.64 5.02 -10.83
CA ASN A 9 7.62 3.85 -9.95
C ASN A 9 6.29 3.71 -9.22
N TRP A 10 5.60 4.84 -9.00
CA TRP A 10 4.33 4.81 -8.28
C TRP A 10 3.28 4.08 -9.10
N LYS A 11 3.35 4.26 -10.42
CA LYS A 11 2.42 3.60 -11.34
C LYS A 11 2.61 2.09 -11.29
N GLN A 12 3.86 1.67 -11.16
CA GLN A 12 4.20 0.25 -11.07
C GLN A 12 3.55 -0.39 -9.84
N PHE A 13 3.65 0.28 -8.71
CA PHE A 13 3.13 -0.28 -7.47
C PHE A 13 1.65 -0.09 -7.32
N LYS A 14 1.09 0.73 -8.18
CA LYS A 14 -0.36 0.78 -8.30
C LYS A 14 -0.86 -0.59 -8.78
N GLY A 15 -0.07 -1.21 -9.63
CA GLY A 15 -0.37 -2.56 -10.06
C GLY A 15 -0.08 -3.56 -8.95
N LYS A 16 1.08 -3.43 -8.31
CA LYS A 16 1.50 -4.36 -7.26
C LYS A 16 0.56 -4.34 -6.06
N VAL A 17 0.14 -3.15 -5.62
CA VAL A 17 -0.85 -3.06 -4.55
C VAL A 17 -2.18 -3.68 -4.97
N LYS A 18 -2.57 -3.53 -6.24
CA LYS A 18 -3.80 -4.15 -6.72
C LYS A 18 -3.63 -5.67 -6.89
N GLU A 19 -2.40 -6.10 -7.14
CA GLU A 19 -2.08 -7.53 -7.13
C GLU A 19 -2.13 -8.06 -5.70
N GLN A 20 -1.64 -7.23 -4.79
CA GLN A 20 -1.69 -7.50 -3.35
C GLN A 20 -3.13 -7.65 -2.87
N TRP A 21 -3.90 -6.60 -3.03
CA TRP A 21 -5.27 -6.59 -2.57
C TRP A 21 -6.25 -6.48 -3.74
N GLY A 22 -6.30 -5.32 -4.37
CA GLY A 22 -7.17 -5.15 -5.52
C GLY A 22 -8.51 -4.58 -5.15
N LYS A 23 -8.91 -4.80 -3.90
CA LYS A 23 -10.15 -4.22 -3.39
C LYS A 23 -10.00 -2.72 -3.22
N LEU A 24 -8.78 -2.26 -3.37
CA LEU A 24 -8.43 -0.87 -3.19
C LEU A 24 -8.66 -0.08 -4.48
N THR A 25 -8.59 1.23 -4.40
CA THR A 25 -8.92 2.09 -5.53
C THR A 25 -7.83 3.15 -5.73
N ASP A 26 -8.06 4.08 -6.64
CA ASP A 26 -7.07 5.09 -6.99
C ASP A 26 -6.75 5.99 -5.79
N ASP A 27 -7.77 6.28 -4.98
CA ASP A 27 -7.59 7.07 -3.75
C ASP A 27 -6.72 6.33 -2.75
N ASP A 28 -6.63 5.02 -2.92
CA ASP A 28 -5.68 4.23 -2.14
C ASP A 28 -4.31 4.53 -2.61
N MET A 29 -4.10 4.18 -3.85
CA MET A 29 -2.79 4.07 -4.42
C MET A 29 -2.05 5.40 -4.39
N THR A 30 -2.77 6.49 -4.62
CA THR A 30 -2.19 7.82 -4.62
C THR A 30 -1.70 8.22 -3.22
N ILE A 31 -2.45 7.81 -2.20
CA ILE A 31 -2.10 8.17 -0.84
C ILE A 31 -1.18 7.13 -0.19
N ILE A 32 -1.28 5.90 -0.67
CA ILE A 32 -0.60 4.75 -0.06
C ILE A 32 0.80 4.50 -0.62
N GLU A 33 1.08 5.04 -1.83
CA GLU A 33 2.30 4.71 -2.60
C GLU A 33 3.56 4.57 -1.72
N GLY A 34 3.76 5.49 -0.78
CA GLY A 34 4.95 5.45 0.04
C GLY A 34 4.66 5.49 1.53
N LYS A 35 3.41 5.26 1.92
CA LYS A 35 3.05 5.34 3.32
C LYS A 35 2.46 4.01 3.82
N ARG A 36 3.19 3.37 4.73
CA ARG A 36 2.76 2.12 5.33
C ARG A 36 1.50 2.35 6.15
N ASP A 37 1.49 3.44 6.91
CA ASP A 37 0.36 3.80 7.75
C ASP A 37 -0.92 3.94 6.92
N GLN A 38 -0.77 4.55 5.75
CA GLN A 38 -1.91 4.79 4.88
C GLN A 38 -2.54 3.49 4.39
N LEU A 39 -1.72 2.54 3.94
CA LEU A 39 -2.26 1.25 3.47
C LEU A 39 -3.01 0.53 4.58
N VAL A 40 -2.53 0.67 5.82
CA VAL A 40 -3.21 0.09 6.97
C VAL A 40 -4.65 0.56 7.02
N GLY A 41 -4.85 1.88 6.90
CA GLY A 41 -6.19 2.43 6.91
C GLY A 41 -7.06 1.87 5.79
N LYS A 42 -6.52 1.85 4.58
CA LYS A 42 -7.27 1.40 3.41
C LYS A 42 -7.76 -0.03 3.54
N ILE A 43 -6.86 -0.92 3.95
CA ILE A 43 -7.21 -2.33 4.14
C ILE A 43 -8.35 -2.49 5.13
N GLN A 44 -8.31 -1.70 6.20
CA GLN A 44 -9.35 -1.72 7.22
C GLN A 44 -10.69 -1.27 6.65
N GLU A 45 -10.64 -0.40 5.65
CA GLU A 45 -11.86 0.18 5.10
C GLU A 45 -12.43 -0.66 3.97
N ARG A 46 -11.57 -1.07 3.05
CA ARG A 46 -12.01 -1.77 1.86
C ARG A 46 -12.47 -3.19 2.14
N TYR A 47 -11.71 -3.92 2.92
CA TYR A 47 -12.10 -5.28 3.31
C TYR A 47 -12.85 -5.26 4.61
N GLY A 48 -12.32 -4.49 5.54
CA GLY A 48 -12.85 -4.46 6.88
C GLY A 48 -12.04 -5.34 7.83
N TYR A 49 -10.77 -5.02 7.98
CA TYR A 49 -9.88 -5.78 8.86
C TYR A 49 -9.52 -4.97 10.08
N GLN A 50 -9.08 -5.67 11.12
CA GLN A 50 -8.58 -5.02 12.31
C GLN A 50 -7.24 -4.36 12.00
N LYS A 51 -6.96 -3.23 12.64
CA LYS A 51 -5.73 -2.49 12.42
C LYS A 51 -4.51 -3.40 12.58
N ASP A 52 -4.58 -4.30 13.55
CA ASP A 52 -3.52 -5.25 13.82
C ASP A 52 -3.18 -6.07 12.58
N GLN A 53 -4.21 -6.67 11.99
CA GLN A 53 -4.02 -7.52 10.83
C GLN A 53 -3.57 -6.70 9.62
N ALA A 54 -4.20 -5.55 9.45
CA ALA A 54 -3.90 -4.68 8.32
C ALA A 54 -2.43 -4.30 8.29
N GLU A 55 -1.88 -3.91 9.45
CA GLU A 55 -0.48 -3.54 9.56
C GLU A 55 0.42 -4.70 9.14
N LYS A 56 0.07 -5.89 9.59
CA LYS A 56 0.82 -7.09 9.26
C LYS A 56 0.80 -7.36 7.76
N GLU A 57 -0.35 -7.13 7.13
CA GLU A 57 -0.50 -7.37 5.70
C GLU A 57 0.24 -6.31 4.89
N VAL A 58 0.32 -5.10 5.42
CA VAL A 58 1.10 -4.04 4.77
C VAL A 58 2.58 -4.40 4.79
N VAL A 59 3.07 -4.76 5.97
CA VAL A 59 4.47 -5.19 6.13
C VAL A 59 4.77 -6.42 5.26
N ASP A 60 3.79 -7.32 5.16
CA ASP A 60 3.94 -8.52 4.33
C ASP A 60 4.13 -8.12 2.87
N TRP A 61 3.29 -7.20 2.41
CA TRP A 61 3.42 -6.62 1.08
C TRP A 61 4.78 -5.95 0.94
N GLU A 62 5.15 -5.23 1.99
CA GLU A 62 6.36 -4.44 2.00
C GLU A 62 7.62 -5.30 1.94
N THR A 63 7.60 -6.45 2.61
CA THR A 63 8.75 -7.34 2.61
C THR A 63 8.82 -8.15 1.31
N ARG A 64 7.70 -8.27 0.62
CA ARG A 64 7.65 -9.03 -0.63
C ARG A 64 8.03 -8.18 -1.84
N ASN A 65 7.54 -6.96 -1.89
CA ASN A 65 7.80 -6.09 -3.03
C ASN A 65 9.02 -5.22 -2.77
N GLU A 66 9.20 -4.83 -1.51
CA GLU A 66 10.45 -4.24 -1.02
C GLU A 66 10.58 -2.76 -1.38
N TYR A 67 10.20 -2.41 -2.60
CA TYR A 67 10.47 -1.09 -3.13
C TYR A 67 9.38 -0.10 -2.74
N ARG A 68 9.54 0.51 -1.57
CA ARG A 68 8.73 1.67 -1.20
C ARG A 68 9.64 2.89 -1.17
N TRP A 69 10.93 2.61 -1.07
CA TRP A 69 11.97 3.64 -1.09
C TRP A 69 13.31 2.97 -1.26
N MET A 1 13.86 13.37 5.53
CA MET A 1 12.84 12.38 5.93
C MET A 1 11.75 12.27 4.86
N ASN A 2 11.93 12.95 3.74
CA ASN A 2 10.89 13.02 2.71
C ASN A 2 11.09 11.94 1.66
N LYS A 3 9.98 11.46 1.13
CA LYS A 3 10.00 10.57 -0.02
C LYS A 3 9.92 11.42 -1.28
N ASP A 4 10.47 10.91 -2.38
CA ASP A 4 10.42 11.63 -3.64
C ASP A 4 9.00 11.62 -4.19
N GLU A 5 8.72 12.46 -5.18
CA GLU A 5 7.36 12.61 -5.69
C GLU A 5 6.94 11.40 -6.50
N ALA A 6 5.63 11.16 -6.55
CA ALA A 6 5.08 10.03 -7.28
C ALA A 6 4.98 10.35 -8.77
N GLY A 7 6.04 10.03 -9.49
CA GLY A 7 6.06 10.24 -10.92
C GLY A 7 6.56 9.01 -11.64
N GLY A 8 5.68 8.39 -12.42
CA GLY A 8 6.05 7.17 -13.14
C GLY A 8 6.03 5.94 -12.24
N ASN A 9 6.62 6.07 -11.06
CA ASN A 9 6.73 4.97 -10.11
C ASN A 9 5.36 4.52 -9.62
N TRP A 10 4.43 5.46 -9.54
CA TRP A 10 3.09 5.19 -9.04
C TRP A 10 2.41 4.14 -9.89
N LYS A 11 2.63 4.21 -11.21
CA LYS A 11 1.96 3.32 -12.15
C LYS A 11 2.36 1.87 -11.89
N GLN A 12 3.56 1.68 -11.38
CA GLN A 12 4.09 0.35 -11.14
C GLN A 12 3.52 -0.26 -9.86
N PHE A 13 3.58 0.49 -8.77
CA PHE A 13 3.11 -0.03 -7.49
C PHE A 13 1.62 0.06 -7.35
N LYS A 14 1.02 0.82 -8.23
CA LYS A 14 -0.43 0.79 -8.35
C LYS A 14 -0.85 -0.64 -8.69
N GLY A 15 -0.15 -1.23 -9.66
CA GLY A 15 -0.41 -2.59 -10.04
C GLY A 15 -0.01 -3.58 -8.96
N LYS A 16 1.17 -3.37 -8.37
CA LYS A 16 1.69 -4.28 -7.35
C LYS A 16 0.78 -4.38 -6.13
N VAL A 17 0.39 -3.24 -5.57
CA VAL A 17 -0.51 -3.25 -4.42
C VAL A 17 -1.84 -3.90 -4.78
N LYS A 18 -2.31 -3.71 -6.01
CA LYS A 18 -3.56 -4.31 -6.45
C LYS A 18 -3.44 -5.83 -6.60
N GLU A 19 -2.22 -6.32 -6.79
CA GLU A 19 -1.98 -7.76 -6.80
C GLU A 19 -2.16 -8.31 -5.39
N GLN A 20 -1.65 -7.57 -4.43
CA GLN A 20 -1.79 -7.88 -3.02
C GLN A 20 -3.26 -7.76 -2.57
N TRP A 21 -3.84 -6.61 -2.85
CA TRP A 21 -5.19 -6.28 -2.45
C TRP A 21 -5.92 -5.56 -3.59
N GLY A 22 -6.86 -6.25 -4.20
CA GLY A 22 -7.56 -5.70 -5.35
C GLY A 22 -8.89 -5.03 -5.03
N LYS A 23 -8.93 -4.26 -3.94
CA LYS A 23 -10.10 -3.44 -3.64
C LYS A 23 -9.74 -1.97 -3.65
N LEU A 24 -8.49 -1.68 -3.32
CA LEU A 24 -8.00 -0.31 -3.30
C LEU A 24 -8.04 0.31 -4.71
N THR A 25 -8.70 1.44 -4.81
CA THR A 25 -8.95 2.07 -6.10
C THR A 25 -8.08 3.31 -6.29
N ASP A 26 -8.40 4.11 -7.32
CA ASP A 26 -7.59 5.27 -7.71
C ASP A 26 -7.30 6.19 -6.52
N ASP A 27 -8.33 6.47 -5.72
CA ASP A 27 -8.18 7.29 -4.52
C ASP A 27 -7.17 6.65 -3.59
N ASP A 28 -7.44 5.40 -3.24
CA ASP A 28 -6.67 4.68 -2.24
C ASP A 28 -5.22 4.60 -2.66
N MET A 29 -5.03 4.17 -3.90
CA MET A 29 -3.72 3.91 -4.43
C MET A 29 -2.85 5.15 -4.43
N THR A 30 -3.44 6.30 -4.71
CA THR A 30 -2.70 7.54 -4.81
C THR A 30 -2.33 8.10 -3.43
N ILE A 31 -3.22 7.89 -2.45
CA ILE A 31 -2.96 8.39 -1.10
C ILE A 31 -1.80 7.64 -0.45
N ILE A 32 -1.68 6.35 -0.79
CA ILE A 32 -0.68 5.48 -0.18
C ILE A 32 0.66 5.62 -0.88
N GLU A 33 0.68 5.13 -2.13
CA GLU A 33 1.87 5.15 -2.98
C GLU A 33 2.97 4.20 -2.46
N GLY A 34 3.42 4.44 -1.25
CA GLY A 34 4.43 3.59 -0.62
C GLY A 34 4.43 3.76 0.87
N LYS A 35 3.52 4.58 1.37
CA LYS A 35 3.40 4.84 2.81
C LYS A 35 2.85 3.62 3.52
N ARG A 36 3.63 3.12 4.45
CA ARG A 36 3.29 1.90 5.16
C ARG A 36 2.07 2.15 6.05
N ASP A 37 2.02 3.34 6.64
CA ASP A 37 0.90 3.74 7.48
C ASP A 37 -0.40 3.79 6.69
N GLN A 38 -0.32 4.31 5.48
CA GLN A 38 -1.49 4.51 4.65
C GLN A 38 -2.09 3.19 4.16
N LEU A 39 -1.24 2.21 3.87
CA LEU A 39 -1.74 0.91 3.46
C LEU A 39 -2.47 0.25 4.62
N VAL A 40 -1.91 0.38 5.83
CA VAL A 40 -2.59 -0.13 7.03
C VAL A 40 -3.98 0.45 7.13
N GLY A 41 -4.07 1.77 7.00
CA GLY A 41 -5.35 2.45 7.04
C GLY A 41 -6.28 1.96 5.94
N LYS A 42 -5.81 1.98 4.70
CA LYS A 42 -6.63 1.63 3.56
C LYS A 42 -7.15 0.19 3.64
N ILE A 43 -6.33 -0.74 4.12
CA ILE A 43 -6.79 -2.12 4.27
C ILE A 43 -7.94 -2.20 5.27
N GLN A 44 -7.79 -1.51 6.40
CA GLN A 44 -8.81 -1.49 7.43
C GLN A 44 -10.09 -0.87 6.90
N GLU A 45 -9.93 0.22 6.14
CA GLU A 45 -11.07 1.01 5.69
C GLU A 45 -11.78 0.36 4.51
N ARG A 46 -11.02 0.06 3.46
CA ARG A 46 -11.59 -0.41 2.20
C ARG A 46 -12.17 -1.80 2.36
N TYR A 47 -11.42 -2.65 3.02
CA TYR A 47 -11.74 -4.07 3.10
C TYR A 47 -12.54 -4.38 4.36
N GLY A 48 -12.31 -3.61 5.41
CA GLY A 48 -13.01 -3.84 6.66
C GLY A 48 -12.29 -4.86 7.52
N TYR A 49 -11.02 -4.60 7.80
CA TYR A 49 -10.22 -5.47 8.64
C TYR A 49 -9.78 -4.76 9.90
N GLN A 50 -9.37 -5.55 10.89
CA GLN A 50 -8.84 -4.99 12.12
C GLN A 50 -7.40 -4.56 11.93
N LYS A 51 -6.95 -3.64 12.78
CA LYS A 51 -5.57 -3.15 12.76
C LYS A 51 -4.59 -4.32 12.81
N ASP A 52 -4.92 -5.32 13.61
CA ASP A 52 -4.11 -6.52 13.76
C ASP A 52 -3.87 -7.19 12.41
N GLN A 53 -4.96 -7.59 11.77
CA GLN A 53 -4.89 -8.31 10.51
C GLN A 53 -4.33 -7.41 9.41
N ALA A 54 -4.68 -6.13 9.46
CA ALA A 54 -4.25 -5.19 8.44
C ALA A 54 -2.73 -5.04 8.43
N GLU A 55 -2.14 -4.86 9.61
CA GLU A 55 -0.70 -4.67 9.70
C GLU A 55 0.04 -5.93 9.30
N LYS A 56 -0.58 -7.09 9.53
CA LYS A 56 0.02 -8.36 9.11
C LYS A 56 0.26 -8.37 7.60
N GLU A 57 -0.79 -8.04 6.86
CA GLU A 57 -0.73 -8.01 5.40
C GLU A 57 0.22 -6.90 4.93
N VAL A 58 0.21 -5.78 5.64
CA VAL A 58 1.07 -4.66 5.30
C VAL A 58 2.54 -5.01 5.46
N VAL A 59 2.91 -5.59 6.60
CA VAL A 59 4.29 -5.97 6.88
C VAL A 59 4.83 -6.91 5.81
N ASP A 60 3.98 -7.84 5.36
CA ASP A 60 4.39 -8.81 4.36
C ASP A 60 4.69 -8.11 3.04
N TRP A 61 3.74 -7.31 2.56
CA TRP A 61 3.92 -6.53 1.34
C TRP A 61 5.12 -5.60 1.49
N GLU A 62 5.20 -5.00 2.67
CA GLU A 62 6.25 -4.06 3.03
C GLU A 62 7.63 -4.63 2.76
N THR A 63 7.97 -5.69 3.47
CA THR A 63 9.31 -6.25 3.41
C THR A 63 9.60 -6.90 2.05
N ARG A 64 8.56 -7.35 1.36
CA ARG A 64 8.74 -7.98 0.05
C ARG A 64 9.08 -6.96 -1.04
N ASN A 65 8.38 -5.83 -1.02
CA ASN A 65 8.53 -4.83 -2.08
C ASN A 65 9.52 -3.75 -1.66
N GLU A 66 9.28 -3.15 -0.49
CA GLU A 66 10.24 -2.25 0.16
C GLU A 66 10.30 -0.87 -0.49
N TYR A 67 9.53 -0.64 -1.53
CA TYR A 67 9.47 0.69 -2.11
C TYR A 67 8.63 1.59 -1.20
N ARG A 68 9.30 2.14 -0.21
CA ARG A 68 8.66 2.92 0.84
C ARG A 68 9.44 4.21 1.04
N TRP A 69 10.39 4.43 0.16
CA TRP A 69 11.32 5.54 0.24
C TRP A 69 11.90 5.82 -1.14
#